data_1WXM
#
_entry.id   1WXM
#
_entity_poly.entity_id   1
_entity_poly.type   'polypeptide(L)'
_entity_poly.pdbx_seq_one_letter_code
;GSSGSSGGTVKVYLPNKQRTVVTVRDGMSVYDSLDKALKVRGLNQDCCVVYRLIKGRKTVTAWDTAIAPLDGEELIVEVL
SGPSSG
;
_entity_poly.pdbx_strand_id   A
#
# COMPACT_ATOMS: atom_id res chain seq x y z
N GLY A 1 -5.92 12.16 -6.23
CA GLY A 1 -6.71 13.39 -6.29
C GLY A 1 -5.90 14.58 -5.78
N SER A 2 -6.34 15.76 -6.19
CA SER A 2 -5.67 16.98 -5.79
C SER A 2 -5.30 16.91 -4.31
N SER A 3 -3.99 16.96 -4.06
CA SER A 3 -3.48 16.91 -2.69
C SER A 3 -2.07 17.48 -2.64
N GLY A 4 -2.02 18.80 -2.46
CA GLY A 4 -0.75 19.49 -2.39
C GLY A 4 -0.10 19.32 -1.00
N SER A 5 0.41 18.12 -0.77
CA SER A 5 1.05 17.82 0.51
C SER A 5 2.36 17.06 0.27
N SER A 6 3.42 17.59 0.88
CA SER A 6 4.72 16.98 0.75
C SER A 6 5.40 16.88 2.12
N GLY A 7 5.69 15.65 2.51
CA GLY A 7 6.33 15.41 3.79
C GLY A 7 6.96 14.01 3.84
N GLY A 8 6.81 13.37 4.99
CA GLY A 8 7.36 12.03 5.17
C GLY A 8 6.26 11.03 5.48
N THR A 9 5.39 10.82 4.50
CA THR A 9 4.29 9.89 4.64
C THR A 9 3.86 9.35 3.29
N VAL A 10 2.96 8.37 3.32
CA VAL A 10 2.45 7.77 2.10
C VAL A 10 0.96 7.47 2.27
N LYS A 11 0.24 7.56 1.17
CA LYS A 11 -1.19 7.30 1.17
C LYS A 11 -1.44 5.86 0.72
N VAL A 12 -2.26 5.17 1.51
CA VAL A 12 -2.59 3.79 1.20
C VAL A 12 -4.09 3.68 0.92
N TYR A 13 -4.39 3.20 -0.28
CA TYR A 13 -5.78 3.04 -0.70
C TYR A 13 -6.27 1.62 -0.42
N LEU A 14 -7.20 1.52 0.51
CA LEU A 14 -7.76 0.23 0.87
C LEU A 14 -8.92 -0.10 -0.06
N PRO A 15 -9.29 -1.41 -0.08
CA PRO A 15 -10.37 -1.87 -0.93
C PRO A 15 -11.73 -1.46 -0.35
N ASN A 16 -11.69 -0.90 0.85
CA ASN A 16 -12.90 -0.46 1.52
C ASN A 16 -13.17 1.01 1.17
N LYS A 17 -12.91 1.33 -0.09
CA LYS A 17 -13.12 2.69 -0.56
C LYS A 17 -12.58 3.68 0.48
N GLN A 18 -11.58 3.22 1.23
CA GLN A 18 -10.98 4.04 2.25
C GLN A 18 -9.47 4.20 1.98
N ARG A 19 -8.87 5.12 2.73
CA ARG A 19 -7.44 5.37 2.59
C ARG A 19 -6.82 5.64 3.95
N THR A 20 -5.54 5.31 4.06
CA THR A 20 -4.81 5.51 5.30
C THR A 20 -3.38 5.98 5.01
N VAL A 21 -2.97 6.99 5.76
CA VAL A 21 -1.64 7.55 5.60
C VAL A 21 -0.67 6.84 6.55
N VAL A 22 0.46 6.43 5.99
CA VAL A 22 1.47 5.73 6.78
C VAL A 22 2.79 6.50 6.70
N THR A 23 3.68 6.20 7.63
CA THR A 23 4.98 6.85 7.67
C THR A 23 5.98 6.10 6.77
N VAL A 24 6.81 6.89 6.10
CA VAL A 24 7.80 6.32 5.21
C VAL A 24 9.08 6.01 6.00
N ARG A 25 9.33 4.73 6.17
CA ARG A 25 10.51 4.29 6.90
C ARG A 25 11.51 3.63 5.96
N ASP A 26 12.78 3.71 6.35
CA ASP A 26 13.84 3.12 5.55
C ASP A 26 14.37 1.87 6.24
N GLY A 27 13.54 0.84 6.26
CA GLY A 27 13.91 -0.42 6.88
C GLY A 27 12.78 -1.45 6.76
N MET A 28 11.64 -1.09 7.33
CA MET A 28 10.48 -1.97 7.28
C MET A 28 10.12 -2.34 5.84
N SER A 29 9.29 -3.36 5.72
CA SER A 29 8.86 -3.83 4.41
C SER A 29 7.45 -3.32 4.11
N VAL A 30 6.91 -3.79 3.00
CA VAL A 30 5.57 -3.40 2.59
C VAL A 30 4.54 -4.16 3.44
N TYR A 31 4.89 -5.39 3.77
CA TYR A 31 4.02 -6.23 4.57
C TYR A 31 3.81 -5.63 5.96
N ASP A 32 4.93 -5.44 6.66
CA ASP A 32 4.88 -4.88 7.99
C ASP A 32 4.26 -3.47 7.94
N SER A 33 4.23 -2.93 6.74
CA SER A 33 3.66 -1.60 6.54
C SER A 33 2.16 -1.70 6.29
N LEU A 34 1.81 -2.39 5.21
CA LEU A 34 0.42 -2.57 4.85
C LEU A 34 -0.25 -3.50 5.87
N ASP A 35 0.58 -4.11 6.70
CA ASP A 35 0.08 -5.02 7.71
C ASP A 35 -1.15 -4.41 8.39
N LYS A 36 -0.89 -3.38 9.18
CA LYS A 36 -1.96 -2.70 9.89
C LYS A 36 -3.03 -2.25 8.88
N ALA A 37 -2.56 -1.59 7.84
CA ALA A 37 -3.45 -1.09 6.81
C ALA A 37 -4.53 -2.13 6.53
N LEU A 38 -4.15 -3.39 6.72
CA LEU A 38 -5.07 -4.49 6.50
C LEU A 38 -5.82 -4.80 7.79
N LYS A 39 -5.05 -5.14 8.82
CA LYS A 39 -5.62 -5.46 10.11
C LYS A 39 -6.72 -4.44 10.45
N VAL A 40 -6.37 -3.17 10.28
CA VAL A 40 -7.31 -2.09 10.56
C VAL A 40 -8.69 -2.49 10.08
N ARG A 41 -8.72 -3.28 9.02
CA ARG A 41 -9.97 -3.74 8.45
C ARG A 41 -10.16 -5.23 8.73
N GLY A 42 -9.04 -5.94 8.81
CA GLY A 42 -9.07 -7.37 9.06
C GLY A 42 -8.58 -8.16 7.85
N LEU A 43 -8.13 -7.42 6.85
CA LEU A 43 -7.63 -8.03 5.63
C LEU A 43 -6.43 -8.92 5.97
N ASN A 44 -5.86 -9.50 4.92
CA ASN A 44 -4.71 -10.38 5.10
C ASN A 44 -3.85 -10.34 3.83
N GLN A 45 -2.59 -10.69 4.00
CA GLN A 45 -1.66 -10.70 2.89
C GLN A 45 -1.69 -12.06 2.18
N ASP A 46 -2.89 -12.58 2.02
CA ASP A 46 -3.09 -13.87 1.37
C ASP A 46 -4.03 -13.70 0.19
N CYS A 47 -5.10 -12.95 0.42
CA CYS A 47 -6.09 -12.71 -0.61
C CYS A 47 -6.18 -11.21 -0.86
N CYS A 48 -5.02 -10.57 -0.81
CA CYS A 48 -4.94 -9.14 -1.03
C CYS A 48 -3.68 -8.83 -1.85
N VAL A 49 -3.74 -7.76 -2.60
CA VAL A 49 -2.62 -7.35 -3.43
C VAL A 49 -2.43 -5.84 -3.33
N VAL A 50 -1.20 -5.41 -3.59
CA VAL A 50 -0.86 -4.00 -3.52
C VAL A 50 -0.32 -3.54 -4.87
N TYR A 51 -0.93 -2.48 -5.40
CA TYR A 51 -0.51 -1.94 -6.69
C TYR A 51 0.22 -0.62 -6.50
N ARG A 52 1.24 -0.43 -7.33
CA ARG A 52 2.03 0.80 -7.28
C ARG A 52 1.62 1.74 -8.40
N LEU A 53 1.80 3.03 -8.14
CA LEU A 53 1.46 4.04 -9.13
C LEU A 53 2.70 4.40 -9.95
N ILE A 54 2.73 3.87 -11.16
CA ILE A 54 3.85 4.12 -12.06
C ILE A 54 3.32 4.62 -13.41
N LYS A 55 3.56 5.90 -13.65
CA LYS A 55 3.11 6.51 -14.90
C LYS A 55 1.60 6.33 -15.03
N GLY A 56 0.95 6.16 -13.89
CA GLY A 56 -0.49 5.99 -13.86
C GLY A 56 -0.88 4.55 -14.22
N ARG A 57 -0.17 3.61 -13.60
CA ARG A 57 -0.43 2.20 -13.84
C ARG A 57 -0.26 1.40 -12.55
N LYS A 58 -1.30 0.65 -12.22
CA LYS A 58 -1.28 -0.17 -11.01
C LYS A 58 -0.30 -1.32 -11.20
N THR A 59 0.91 -1.12 -10.70
CA THR A 59 1.95 -2.13 -10.80
C THR A 59 2.03 -2.95 -9.50
N VAL A 60 1.51 -4.17 -9.59
CA VAL A 60 1.52 -5.06 -8.44
C VAL A 60 2.86 -4.93 -7.71
N THR A 61 2.81 -5.19 -6.41
CA THR A 61 4.00 -5.11 -5.59
C THR A 61 4.16 -6.37 -4.73
N ALA A 62 5.37 -6.58 -4.25
CA ALA A 62 5.66 -7.73 -3.42
C ALA A 62 5.50 -7.35 -1.95
N TRP A 63 5.36 -8.38 -1.12
CA TRP A 63 5.20 -8.16 0.31
C TRP A 63 6.59 -8.12 0.94
N ASP A 64 7.44 -9.02 0.48
CA ASP A 64 8.80 -9.09 1.00
C ASP A 64 9.54 -7.79 0.66
N THR A 65 9.17 -7.22 -0.48
CA THR A 65 9.78 -5.97 -0.92
C THR A 65 9.89 -4.99 0.24
N ALA A 66 10.70 -3.96 0.03
CA ALA A 66 10.89 -2.94 1.05
C ALA A 66 9.97 -1.75 0.75
N ILE A 67 9.78 -0.93 1.77
CA ILE A 67 8.94 0.25 1.63
C ILE A 67 9.83 1.50 1.54
N ALA A 68 11.12 1.28 1.64
CA ALA A 68 12.09 2.35 1.57
C ALA A 68 11.96 3.06 0.21
N PRO A 69 12.08 2.25 -0.87
CA PRO A 69 11.98 2.77 -2.22
C PRO A 69 10.53 3.09 -2.58
N LEU A 70 9.91 3.90 -1.75
CA LEU A 70 8.53 4.29 -1.97
C LEU A 70 8.32 5.73 -1.51
N ASP A 71 9.37 6.53 -1.70
CA ASP A 71 9.31 7.94 -1.30
C ASP A 71 8.46 8.70 -2.31
N GLY A 72 7.37 9.27 -1.81
CA GLY A 72 6.47 10.04 -2.65
C GLY A 72 5.78 9.13 -3.66
N GLU A 73 4.71 8.49 -3.23
CA GLU A 73 3.95 7.60 -4.09
C GLU A 73 2.65 7.19 -3.42
N GLU A 74 1.99 6.22 -4.03
CA GLU A 74 0.72 5.72 -3.50
C GLU A 74 0.50 4.27 -3.94
N LEU A 75 0.11 3.45 -2.98
CA LEU A 75 -0.15 2.05 -3.26
C LEU A 75 -1.64 1.77 -3.11
N ILE A 76 -2.11 0.80 -3.89
CA ILE A 76 -3.52 0.43 -3.85
C ILE A 76 -3.64 -1.02 -3.35
N VAL A 77 -4.25 -1.16 -2.19
CA VAL A 77 -4.45 -2.46 -1.59
C VAL A 77 -5.85 -2.98 -1.93
N GLU A 78 -5.87 -4.08 -2.67
CA GLU A 78 -7.12 -4.69 -3.07
C GLU A 78 -7.18 -6.14 -2.62
N VAL A 79 -8.36 -6.73 -2.80
CA VAL A 79 -8.56 -8.13 -2.43
C VAL A 79 -8.49 -9.01 -3.68
N LEU A 80 -7.67 -10.04 -3.58
CA LEU A 80 -7.51 -10.97 -4.69
C LEU A 80 -8.85 -11.63 -5.00
N SER A 81 -9.38 -11.30 -6.16
CA SER A 81 -10.66 -11.87 -6.58
C SER A 81 -10.88 -11.60 -8.07
N GLY A 82 -11.72 -12.44 -8.67
CA GLY A 82 -12.02 -12.30 -10.09
C GLY A 82 -11.93 -13.66 -10.80
N PRO A 83 -12.66 -13.76 -11.94
CA PRO A 83 -12.67 -14.98 -12.72
C PRO A 83 -11.36 -15.15 -13.50
N SER A 84 -10.45 -15.92 -12.90
CA SER A 84 -9.16 -16.17 -13.52
C SER A 84 -9.36 -16.50 -15.00
N SER A 85 -10.14 -17.53 -15.26
CA SER A 85 -10.41 -17.95 -16.62
C SER A 85 -11.73 -18.72 -16.68
N GLY A 86 -12.73 -18.07 -17.28
CA GLY A 86 -14.04 -18.67 -17.41
C GLY A 86 -15.08 -17.89 -16.60
N GLY A 1 17.74 11.14 4.72
CA GLY A 1 18.45 11.84 3.65
C GLY A 1 19.18 13.07 4.20
N SER A 2 18.39 14.05 4.61
CA SER A 2 18.95 15.28 5.15
C SER A 2 17.89 16.00 5.99
N SER A 3 18.37 16.97 6.76
CA SER A 3 17.49 17.74 7.63
C SER A 3 16.17 18.04 6.89
N GLY A 4 15.12 18.22 7.68
CA GLY A 4 13.82 18.51 7.12
C GLY A 4 13.31 17.35 6.26
N SER A 5 12.12 17.54 5.69
CA SER A 5 11.52 16.52 4.85
C SER A 5 10.26 17.06 4.19
N SER A 6 9.35 17.55 5.04
CA SER A 6 8.10 18.10 4.55
C SER A 6 7.32 17.03 3.79
N GLY A 7 6.39 16.41 4.50
CA GLY A 7 5.56 15.36 3.90
C GLY A 7 6.31 14.03 3.86
N GLY A 8 6.45 13.43 5.03
CA GLY A 8 7.14 12.16 5.14
C GLY A 8 6.15 11.01 5.38
N THR A 9 5.19 10.90 4.48
CA THR A 9 4.18 9.85 4.57
C THR A 9 3.73 9.42 3.17
N VAL A 10 2.82 8.46 3.16
CA VAL A 10 2.30 7.94 1.91
C VAL A 10 0.83 7.58 2.09
N LYS A 11 0.06 7.77 1.02
CA LYS A 11 -1.35 7.46 1.05
C LYS A 11 -1.57 6.03 0.54
N VAL A 12 -2.35 5.28 1.33
CA VAL A 12 -2.64 3.90 0.97
C VAL A 12 -4.14 3.76 0.70
N TYR A 13 -4.45 3.32 -0.51
CA TYR A 13 -5.85 3.14 -0.90
C TYR A 13 -6.32 1.72 -0.59
N LEU A 14 -7.22 1.63 0.38
CA LEU A 14 -7.75 0.34 0.79
C LEU A 14 -8.91 -0.04 -0.14
N PRO A 15 -9.28 -1.35 -0.09
CA PRO A 15 -10.36 -1.85 -0.93
C PRO A 15 -11.73 -1.40 -0.38
N ASN A 16 -11.70 -0.82 0.80
CA ASN A 16 -12.91 -0.34 1.43
C ASN A 16 -13.16 1.11 1.02
N LYS A 17 -12.93 1.37 -0.26
CA LYS A 17 -13.13 2.71 -0.79
C LYS A 17 -12.61 3.74 0.22
N GLN A 18 -11.61 3.31 0.97
CA GLN A 18 -11.02 4.18 1.97
C GLN A 18 -9.51 4.33 1.73
N ARG A 19 -8.91 5.27 2.46
CA ARG A 19 -7.49 5.51 2.32
C ARG A 19 -6.87 5.79 3.69
N THR A 20 -5.60 5.43 3.82
CA THR A 20 -4.88 5.64 5.06
C THR A 20 -3.46 6.11 4.79
N VAL A 21 -3.07 7.17 5.49
CA VAL A 21 -1.74 7.73 5.33
C VAL A 21 -0.79 7.06 6.33
N VAL A 22 0.24 6.43 5.78
CA VAL A 22 1.23 5.76 6.60
C VAL A 22 2.56 6.51 6.52
N THR A 23 3.41 6.25 7.50
CA THR A 23 4.71 6.89 7.56
C THR A 23 5.74 6.09 6.76
N VAL A 24 6.60 6.82 6.06
CA VAL A 24 7.63 6.18 5.25
C VAL A 24 8.82 5.83 6.14
N ARG A 25 8.99 4.54 6.36
CA ARG A 25 10.08 4.06 7.19
C ARG A 25 11.16 3.40 6.32
N ASP A 26 12.37 3.39 6.85
CA ASP A 26 13.49 2.81 6.13
C ASP A 26 14.02 1.60 6.92
N GLY A 27 13.39 0.47 6.68
CA GLY A 27 13.78 -0.76 7.36
C GLY A 27 12.75 -1.87 7.14
N MET A 28 11.57 -1.64 7.70
CA MET A 28 10.48 -2.60 7.58
C MET A 28 10.14 -2.86 6.12
N SER A 29 9.21 -3.78 5.91
CA SER A 29 8.79 -4.13 4.57
C SER A 29 7.35 -3.66 4.33
N VAL A 30 6.89 -3.87 3.10
CA VAL A 30 5.54 -3.47 2.74
C VAL A 30 4.54 -4.29 3.56
N TYR A 31 4.88 -5.56 3.75
CA TYR A 31 4.02 -6.46 4.51
C TYR A 31 3.82 -5.95 5.95
N ASP A 32 4.95 -5.75 6.63
CA ASP A 32 4.92 -5.28 8.00
C ASP A 32 4.28 -3.88 8.03
N SER A 33 4.35 -3.21 6.89
CA SER A 33 3.79 -1.87 6.78
C SER A 33 2.27 -1.96 6.59
N LEU A 34 1.88 -2.58 5.49
CA LEU A 34 0.47 -2.73 5.18
C LEU A 34 -0.16 -3.70 6.19
N ASP A 35 0.70 -4.37 6.95
CA ASP A 35 0.23 -5.32 7.95
C ASP A 35 -0.92 -4.70 8.73
N LYS A 36 -0.62 -3.59 9.39
CA LYS A 36 -1.62 -2.90 10.18
C LYS A 36 -2.75 -2.40 9.27
N ALA A 37 -2.35 -1.64 8.25
CA ALA A 37 -3.30 -1.11 7.30
C ALA A 37 -4.37 -2.16 7.00
N LEU A 38 -3.93 -3.41 7.02
CA LEU A 38 -4.83 -4.53 6.75
C LEU A 38 -5.43 -5.02 8.07
N LYS A 39 -4.55 -5.42 8.97
CA LYS A 39 -4.98 -5.92 10.26
C LYS A 39 -6.15 -5.06 10.77
N VAL A 40 -5.95 -3.75 10.72
CA VAL A 40 -6.96 -2.82 11.17
C VAL A 40 -8.35 -3.33 10.74
N ARG A 41 -8.41 -3.79 9.50
CA ARG A 41 -9.66 -4.30 8.97
C ARG A 41 -9.70 -5.83 9.09
N GLY A 42 -8.51 -6.43 9.09
CA GLY A 42 -8.39 -7.86 9.19
C GLY A 42 -8.08 -8.49 7.83
N LEU A 43 -7.66 -7.65 6.91
CA LEU A 43 -7.34 -8.10 5.56
C LEU A 43 -6.12 -9.04 5.63
N ASN A 44 -6.31 -10.22 5.06
CA ASN A 44 -5.23 -11.21 5.05
C ASN A 44 -4.24 -10.87 3.94
N GLN A 45 -2.97 -10.94 4.29
CA GLN A 45 -1.92 -10.65 3.33
C GLN A 45 -1.72 -11.82 2.38
N ASP A 46 -2.80 -12.19 1.71
CA ASP A 46 -2.76 -13.30 0.76
C ASP A 46 -3.87 -13.12 -0.26
N CYS A 47 -5.05 -12.80 0.25
CA CYS A 47 -6.22 -12.61 -0.62
C CYS A 47 -6.30 -11.13 -0.96
N CYS A 48 -5.21 -10.43 -0.74
CA CYS A 48 -5.15 -9.01 -1.03
C CYS A 48 -3.85 -8.71 -1.77
N VAL A 49 -3.90 -7.73 -2.65
CA VAL A 49 -2.75 -7.35 -3.44
C VAL A 49 -2.54 -5.84 -3.31
N VAL A 50 -1.31 -5.42 -3.62
CA VAL A 50 -0.98 -4.01 -3.55
C VAL A 50 -0.38 -3.57 -4.89
N TYR A 51 -0.92 -2.48 -5.42
CA TYR A 51 -0.46 -1.95 -6.69
C TYR A 51 0.30 -0.64 -6.48
N ARG A 52 1.37 -0.48 -7.25
CA ARG A 52 2.19 0.71 -7.17
C ARG A 52 1.77 1.72 -8.24
N LEU A 53 1.73 2.98 -7.85
CA LEU A 53 1.34 4.04 -8.77
C LEU A 53 2.58 4.49 -9.56
N ILE A 54 2.68 3.99 -10.78
CA ILE A 54 3.80 4.35 -11.64
C ILE A 54 3.27 4.95 -12.94
N LYS A 55 3.18 6.28 -12.93
CA LYS A 55 2.70 6.99 -14.11
C LYS A 55 1.26 6.57 -14.40
N GLY A 56 0.50 6.41 -13.32
CA GLY A 56 -0.89 6.02 -13.43
C GLY A 56 -1.02 4.60 -13.98
N ARG A 57 -0.27 3.69 -13.35
CA ARG A 57 -0.29 2.29 -13.76
C ARG A 57 -0.09 1.39 -12.53
N LYS A 58 -1.19 0.75 -12.14
CA LYS A 58 -1.15 -0.15 -10.99
C LYS A 58 -0.11 -1.24 -11.24
N THR A 59 1.02 -1.08 -10.57
CA THR A 59 2.11 -2.04 -10.71
C THR A 59 2.18 -2.95 -9.47
N VAL A 60 1.66 -4.15 -9.65
CA VAL A 60 1.65 -5.13 -8.56
C VAL A 60 2.97 -5.03 -7.79
N THR A 61 2.86 -5.06 -6.47
CA THR A 61 4.03 -4.97 -5.61
C THR A 61 4.21 -6.27 -4.83
N ALA A 62 5.43 -6.49 -4.37
CA ALA A 62 5.75 -7.68 -3.61
C ALA A 62 5.75 -7.35 -2.12
N TRP A 63 5.13 -8.24 -1.35
CA TRP A 63 5.05 -8.05 0.09
C TRP A 63 6.48 -7.99 0.64
N ASP A 64 7.32 -8.88 0.15
CA ASP A 64 8.70 -8.94 0.58
C ASP A 64 9.34 -7.56 0.39
N THR A 65 8.99 -6.93 -0.72
CA THR A 65 9.52 -5.61 -1.02
C THR A 65 9.63 -4.77 0.25
N ALA A 66 10.53 -3.80 0.21
CA ALA A 66 10.73 -2.92 1.35
C ALA A 66 9.73 -1.76 1.29
N ILE A 67 9.79 -0.92 2.31
CA ILE A 67 8.91 0.22 2.38
C ILE A 67 9.73 1.52 2.40
N ALA A 68 11.01 1.36 2.14
CA ALA A 68 11.92 2.50 2.12
C ALA A 68 11.74 3.26 0.80
N PRO A 69 11.92 2.51 -0.32
CA PRO A 69 11.79 3.10 -1.65
C PRO A 69 10.32 3.33 -2.00
N LEU A 70 9.64 4.05 -1.12
CA LEU A 70 8.23 4.36 -1.32
C LEU A 70 7.98 5.82 -0.96
N ASP A 71 8.98 6.65 -1.22
CA ASP A 71 8.87 8.06 -0.92
C ASP A 71 8.06 8.76 -2.02
N GLY A 72 7.01 9.45 -1.60
CA GLY A 72 6.15 10.15 -2.54
C GLY A 72 5.56 9.18 -3.56
N GLU A 73 4.52 8.47 -3.11
CA GLU A 73 3.85 7.52 -3.97
C GLU A 73 2.47 7.18 -3.40
N GLU A 74 1.80 6.25 -4.07
CA GLU A 74 0.47 5.83 -3.64
C GLU A 74 0.21 4.38 -4.06
N LEU A 75 0.07 3.52 -3.07
CA LEU A 75 -0.18 2.12 -3.33
C LEU A 75 -1.68 1.84 -3.22
N ILE A 76 -2.12 0.85 -3.98
CA ILE A 76 -3.52 0.48 -3.98
C ILE A 76 -3.67 -0.96 -3.48
N VAL A 77 -4.27 -1.09 -2.30
CA VAL A 77 -4.48 -2.40 -1.71
C VAL A 77 -5.87 -2.91 -2.09
N GLU A 78 -5.88 -3.93 -2.92
CA GLU A 78 -7.13 -4.52 -3.36
C GLU A 78 -7.29 -5.93 -2.78
N VAL A 79 -8.53 -6.40 -2.78
CA VAL A 79 -8.83 -7.72 -2.26
C VAL A 79 -9.19 -8.66 -3.42
N LEU A 80 -8.45 -9.76 -3.49
CA LEU A 80 -8.68 -10.74 -4.54
C LEU A 80 -10.07 -11.36 -4.36
N SER A 81 -10.26 -11.96 -3.20
CA SER A 81 -11.54 -12.60 -2.90
C SER A 81 -11.72 -13.85 -3.75
N GLY A 82 -11.72 -13.66 -5.05
CA GLY A 82 -11.89 -14.77 -5.97
C GLY A 82 -12.08 -14.26 -7.41
N PRO A 83 -12.09 -15.24 -8.36
CA PRO A 83 -12.27 -14.91 -9.77
C PRO A 83 -13.73 -14.55 -10.07
N SER A 84 -14.12 -13.37 -9.60
CA SER A 84 -15.48 -12.91 -9.81
C SER A 84 -16.47 -13.88 -9.16
N SER A 85 -16.66 -13.70 -7.86
CA SER A 85 -17.57 -14.55 -7.12
C SER A 85 -18.98 -13.96 -7.17
N GLY A 86 -19.88 -14.71 -7.79
CA GLY A 86 -21.26 -14.28 -7.91
C GLY A 86 -22.12 -15.36 -8.58
N GLY A 1 -10.36 19.75 -3.83
CA GLY A 1 -9.29 19.68 -2.84
C GLY A 1 -9.44 18.44 -1.96
N SER A 2 -8.41 18.20 -1.16
CA SER A 2 -8.41 17.04 -0.27
C SER A 2 -7.36 17.24 0.83
N SER A 3 -6.12 17.39 0.40
CA SER A 3 -5.02 17.58 1.32
C SER A 3 -3.71 17.74 0.55
N GLY A 4 -3.03 18.84 0.84
CA GLY A 4 -1.76 19.12 0.17
C GLY A 4 -0.61 19.14 1.19
N SER A 5 0.50 19.72 0.76
CA SER A 5 1.68 19.81 1.61
C SER A 5 1.94 18.47 2.29
N SER A 6 2.69 17.63 1.59
CA SER A 6 3.02 16.32 2.12
C SER A 6 4.19 16.42 3.11
N GLY A 7 4.45 15.32 3.80
CA GLY A 7 5.53 15.28 4.77
C GLY A 7 6.28 13.95 4.70
N GLY A 8 6.25 13.23 5.80
CA GLY A 8 6.92 11.94 5.88
C GLY A 8 5.90 10.80 6.01
N THR A 9 5.02 10.73 5.03
CA THR A 9 3.99 9.69 5.03
C THR A 9 3.56 9.37 3.59
N VAL A 10 2.70 8.38 3.47
CA VAL A 10 2.21 7.97 2.18
C VAL A 10 0.72 7.63 2.28
N LYS A 11 0.03 7.79 1.16
CA LYS A 11 -1.39 7.51 1.12
C LYS A 11 -1.62 6.07 0.68
N VAL A 12 -2.40 5.35 1.48
CA VAL A 12 -2.70 3.95 1.19
C VAL A 12 -4.19 3.81 0.88
N TYR A 13 -4.46 3.40 -0.36
CA TYR A 13 -5.83 3.21 -0.79
C TYR A 13 -6.31 1.78 -0.50
N LEU A 14 -7.23 1.69 0.45
CA LEU A 14 -7.78 0.40 0.82
C LEU A 14 -8.89 0.01 -0.15
N PRO A 15 -9.26 -1.30 -0.13
CA PRO A 15 -10.30 -1.80 -0.99
C PRO A 15 -11.69 -1.37 -0.50
N ASN A 16 -11.70 -0.79 0.69
CA ASN A 16 -12.94 -0.33 1.28
C ASN A 16 -13.19 1.13 0.88
N LYS A 17 -12.90 1.42 -0.39
CA LYS A 17 -13.08 2.76 -0.92
C LYS A 17 -12.60 3.78 0.12
N GLN A 18 -11.63 3.34 0.91
CA GLN A 18 -11.06 4.21 1.94
C GLN A 18 -9.57 4.37 1.73
N ARG A 19 -8.98 5.28 2.50
CA ARG A 19 -7.56 5.55 2.41
C ARG A 19 -6.98 5.79 3.80
N THR A 20 -5.71 5.46 3.95
CA THR A 20 -5.02 5.64 5.22
C THR A 20 -3.58 6.10 4.99
N VAL A 21 -3.17 7.08 5.79
CA VAL A 21 -1.83 7.62 5.68
C VAL A 21 -0.88 6.78 6.54
N VAL A 22 0.16 6.28 5.90
CA VAL A 22 1.15 5.47 6.59
C VAL A 22 2.47 6.25 6.67
N THR A 23 3.27 5.88 7.66
CA THR A 23 4.56 6.51 7.86
C THR A 23 5.64 5.79 7.06
N VAL A 24 6.52 6.60 6.45
CA VAL A 24 7.60 6.05 5.66
C VAL A 24 8.81 5.81 6.56
N ARG A 25 9.10 4.53 6.77
CA ARG A 25 10.22 4.14 7.61
C ARG A 25 11.45 3.84 6.75
N ASP A 26 11.18 3.37 5.54
CA ASP A 26 12.25 3.04 4.61
C ASP A 26 13.13 1.95 5.22
N GLY A 27 13.13 0.80 4.56
CA GLY A 27 13.92 -0.33 5.03
C GLY A 27 13.04 -1.56 5.26
N MET A 28 12.09 -1.41 6.16
CA MET A 28 11.18 -2.50 6.48
C MET A 28 10.46 -2.99 5.23
N SER A 29 9.84 -4.16 5.36
CA SER A 29 9.11 -4.75 4.25
C SER A 29 7.77 -4.04 4.07
N VAL A 30 7.10 -4.39 2.98
CA VAL A 30 5.81 -3.79 2.68
C VAL A 30 4.71 -4.53 3.46
N TYR A 31 4.99 -5.79 3.76
CA TYR A 31 4.05 -6.61 4.49
C TYR A 31 3.78 -6.02 5.88
N ASP A 32 4.84 -5.90 6.66
CA ASP A 32 4.73 -5.36 8.00
C ASP A 32 4.21 -3.92 7.92
N SER A 33 4.44 -3.30 6.78
CA SER A 33 4.00 -1.94 6.56
C SER A 33 2.50 -1.91 6.29
N LEU A 34 2.10 -2.55 5.21
CA LEU A 34 0.70 -2.61 4.83
C LEU A 34 -0.04 -3.50 5.82
N ASP A 35 0.72 -4.18 6.66
CA ASP A 35 0.14 -5.07 7.65
C ASP A 35 -1.01 -4.35 8.35
N LYS A 36 -0.64 -3.38 9.18
CA LYS A 36 -1.64 -2.62 9.92
C LYS A 36 -2.72 -2.13 8.96
N ALA A 37 -2.27 -1.47 7.89
CA ALA A 37 -3.18 -0.95 6.90
C ALA A 37 -4.28 -1.99 6.63
N LEU A 38 -3.90 -3.24 6.76
CA LEU A 38 -4.83 -4.34 6.53
C LEU A 38 -5.51 -4.71 7.85
N LYS A 39 -4.69 -5.02 8.84
CA LYS A 39 -5.19 -5.40 10.15
C LYS A 39 -6.33 -4.45 10.54
N VAL A 40 -6.06 -3.16 10.37
CA VAL A 40 -7.05 -2.15 10.70
C VAL A 40 -8.44 -2.64 10.30
N ARG A 41 -8.47 -3.39 9.21
CA ARG A 41 -9.72 -3.92 8.70
C ARG A 41 -9.79 -5.43 8.96
N GLY A 42 -8.62 -6.04 9.02
CA GLY A 42 -8.53 -7.48 9.24
C GLY A 42 -8.16 -8.21 7.96
N LEU A 43 -7.81 -7.44 6.94
CA LEU A 43 -7.44 -8.01 5.66
C LEU A 43 -6.26 -8.97 5.86
N ASN A 44 -6.10 -9.86 4.89
CA ASN A 44 -5.02 -10.84 4.94
C ASN A 44 -3.96 -10.48 3.91
N GLN A 45 -2.75 -10.96 4.15
CA GLN A 45 -1.64 -10.69 3.25
C GLN A 45 -1.48 -11.84 2.26
N ASP A 46 -2.61 -12.34 1.79
CA ASP A 46 -2.61 -13.43 0.84
C ASP A 46 -3.72 -13.20 -0.21
N CYS A 47 -4.90 -12.87 0.30
CA CYS A 47 -6.03 -12.61 -0.57
C CYS A 47 -6.13 -11.11 -0.82
N CYS A 48 -4.98 -10.45 -0.74
CA CYS A 48 -4.91 -9.01 -0.95
C CYS A 48 -3.63 -8.70 -1.73
N VAL A 49 -3.69 -7.65 -2.53
CA VAL A 49 -2.55 -7.24 -3.33
C VAL A 49 -2.37 -5.73 -3.20
N VAL A 50 -1.19 -5.27 -3.60
CA VAL A 50 -0.87 -3.86 -3.53
C VAL A 50 -0.34 -3.40 -4.89
N TYR A 51 -0.98 -2.38 -5.43
CA TYR A 51 -0.59 -1.84 -6.72
C TYR A 51 0.13 -0.49 -6.55
N ARG A 52 1.14 -0.29 -7.38
CA ARG A 52 1.90 0.94 -7.34
C ARG A 52 1.83 1.67 -8.69
N LEU A 53 1.66 2.98 -8.61
CA LEU A 53 1.57 3.80 -9.81
C LEU A 53 2.97 4.09 -10.32
N ILE A 54 3.35 3.33 -11.34
CA ILE A 54 4.68 3.49 -11.94
C ILE A 54 4.53 4.31 -13.23
N LYS A 55 3.87 3.70 -14.21
CA LYS A 55 3.66 4.35 -15.49
C LYS A 55 2.17 4.48 -15.76
N GLY A 56 1.46 5.01 -14.76
CA GLY A 56 0.02 5.19 -14.88
C GLY A 56 -0.71 3.85 -14.93
N ARG A 57 -0.02 2.82 -14.44
CA ARG A 57 -0.58 1.49 -14.43
C ARG A 57 -0.38 0.84 -13.06
N LYS A 58 -1.41 0.13 -12.61
CA LYS A 58 -1.35 -0.55 -11.33
C LYS A 58 -0.26 -1.61 -11.35
N THR A 59 0.90 -1.25 -10.81
CA THR A 59 2.03 -2.16 -10.78
C THR A 59 2.08 -2.87 -9.43
N VAL A 60 1.59 -4.10 -9.43
CA VAL A 60 1.57 -4.91 -8.21
C VAL A 60 2.95 -4.84 -7.54
N THR A 61 2.97 -5.15 -6.26
CA THR A 61 4.20 -5.14 -5.50
C THR A 61 4.34 -6.41 -4.67
N ALA A 62 5.58 -6.70 -4.29
CA ALA A 62 5.86 -7.88 -3.50
C ALA A 62 5.77 -7.53 -2.01
N TRP A 63 5.35 -8.52 -1.22
CA TRP A 63 5.21 -8.32 0.21
C TRP A 63 6.61 -8.29 0.82
N ASP A 64 7.54 -8.93 0.11
CA ASP A 64 8.91 -8.99 0.57
C ASP A 64 9.61 -7.66 0.26
N THR A 65 9.24 -7.09 -0.87
CA THR A 65 9.82 -5.82 -1.29
C THR A 65 9.98 -4.89 -0.10
N ALA A 66 10.83 -3.89 -0.28
CA ALA A 66 11.07 -2.91 0.77
C ALA A 66 10.12 -1.74 0.61
N ILE A 67 9.94 -1.00 1.70
CA ILE A 67 9.05 0.15 1.69
C ILE A 67 9.89 1.43 1.51
N ALA A 68 11.10 1.23 1.02
CA ALA A 68 12.01 2.35 0.80
C ALA A 68 11.62 3.05 -0.50
N PRO A 69 11.59 2.26 -1.59
CA PRO A 69 11.23 2.80 -2.90
C PRO A 69 9.73 3.06 -3.00
N LEU A 70 9.23 3.84 -2.04
CA LEU A 70 7.82 4.18 -2.02
C LEU A 70 7.66 5.66 -1.69
N ASP A 71 8.44 6.10 -0.70
CA ASP A 71 8.39 7.49 -0.27
C ASP A 71 8.07 8.37 -1.48
N GLY A 72 6.87 8.94 -1.45
CA GLY A 72 6.44 9.81 -2.53
C GLY A 72 5.73 9.02 -3.63
N GLU A 73 4.68 8.32 -3.23
CA GLU A 73 3.92 7.51 -4.16
C GLU A 73 2.54 7.18 -3.56
N GLU A 74 1.86 6.25 -4.22
CA GLU A 74 0.54 5.83 -3.78
C GLU A 74 0.31 4.36 -4.11
N LEU A 75 0.06 3.58 -3.06
CA LEU A 75 -0.17 2.15 -3.22
C LEU A 75 -1.67 1.87 -3.09
N ILE A 76 -2.12 0.88 -3.83
CA ILE A 76 -3.53 0.51 -3.81
C ILE A 76 -3.65 -0.94 -3.31
N VAL A 77 -4.22 -1.06 -2.12
CA VAL A 77 -4.40 -2.38 -1.51
C VAL A 77 -5.79 -2.91 -1.89
N GLU A 78 -5.78 -3.98 -2.67
CA GLU A 78 -7.02 -4.60 -3.09
C GLU A 78 -7.14 -6.00 -2.52
N VAL A 79 -8.37 -6.51 -2.52
CA VAL A 79 -8.64 -7.84 -2.00
C VAL A 79 -9.00 -8.77 -3.15
N LEU A 80 -8.22 -9.84 -3.28
CA LEU A 80 -8.45 -10.81 -4.34
C LEU A 80 -9.85 -11.40 -4.18
N SER A 81 -10.64 -11.25 -5.23
CA SER A 81 -12.00 -11.76 -5.22
C SER A 81 -12.52 -11.90 -6.65
N GLY A 82 -12.53 -13.13 -7.15
CA GLY A 82 -13.00 -13.40 -8.50
C GLY A 82 -11.96 -14.21 -9.28
N PRO A 83 -12.47 -14.95 -10.30
CA PRO A 83 -11.62 -15.76 -11.14
C PRO A 83 -10.81 -14.91 -12.11
N SER A 84 -9.56 -15.29 -12.29
CA SER A 84 -8.68 -14.55 -13.19
C SER A 84 -8.09 -15.51 -14.24
N SER A 85 -7.68 -14.92 -15.35
CA SER A 85 -7.11 -15.70 -16.43
C SER A 85 -6.33 -14.79 -17.38
N GLY A 86 -7.05 -13.83 -17.95
CA GLY A 86 -6.44 -12.88 -18.87
C GLY A 86 -7.24 -11.58 -18.91
N GLY A 1 12.03 14.89 15.55
CA GLY A 1 11.65 14.04 16.66
C GLY A 1 10.22 14.34 17.11
N SER A 2 9.46 13.27 17.31
CA SER A 2 8.08 13.40 17.74
C SER A 2 7.34 14.37 16.83
N SER A 3 6.79 13.81 15.75
CA SER A 3 6.05 14.61 14.79
C SER A 3 4.84 13.83 14.29
N GLY A 4 3.86 14.58 13.78
CA GLY A 4 2.65 13.97 13.26
C GLY A 4 2.73 13.79 11.74
N SER A 5 2.02 12.79 11.26
CA SER A 5 2.00 12.50 9.84
C SER A 5 1.79 13.79 9.05
N SER A 6 2.74 14.07 8.17
CA SER A 6 2.67 15.27 7.34
C SER A 6 3.91 15.35 6.45
N GLY A 7 3.73 14.91 5.21
CA GLY A 7 4.82 14.93 4.25
C GLY A 7 5.50 13.56 4.15
N GLY A 8 6.25 13.24 5.18
CA GLY A 8 6.96 11.97 5.23
C GLY A 8 5.99 10.81 5.45
N THR A 9 5.04 10.69 4.53
CA THR A 9 4.05 9.64 4.62
C THR A 9 3.58 9.23 3.21
N VAL A 10 2.77 8.19 3.17
CA VAL A 10 2.25 7.69 1.90
C VAL A 10 0.78 7.33 2.08
N LYS A 11 0.00 7.63 1.04
CA LYS A 11 -1.42 7.34 1.06
C LYS A 11 -1.65 5.90 0.60
N VAL A 12 -2.35 5.15 1.45
CA VAL A 12 -2.64 3.76 1.14
C VAL A 12 -4.14 3.61 0.88
N TYR A 13 -4.46 3.29 -0.36
CA TYR A 13 -5.85 3.11 -0.75
C TYR A 13 -6.34 1.70 -0.42
N LEU A 14 -7.28 1.63 0.51
CA LEU A 14 -7.83 0.36 0.92
C LEU A 14 -9.01 -0.01 0.01
N PRO A 15 -9.32 -1.33 -0.02
CA PRO A 15 -10.42 -1.81 -0.85
C PRO A 15 -11.77 -1.47 -0.22
N ASN A 16 -12.09 -0.18 -0.26
CA ASN A 16 -13.35 0.29 0.30
C ASN A 16 -13.39 1.82 0.24
N LYS A 17 -13.11 2.33 -0.95
CA LYS A 17 -13.11 3.77 -1.16
C LYS A 17 -12.51 4.46 0.08
N GLN A 18 -11.59 3.75 0.73
CA GLN A 18 -10.95 4.28 1.91
C GLN A 18 -9.44 4.42 1.68
N ARG A 19 -8.82 5.27 2.48
CA ARG A 19 -7.39 5.49 2.37
C ARG A 19 -6.78 5.74 3.76
N THR A 20 -5.52 5.36 3.90
CA THR A 20 -4.82 5.54 5.15
C THR A 20 -3.37 5.97 4.90
N VAL A 21 -2.98 7.03 5.58
CA VAL A 21 -1.64 7.56 5.45
C VAL A 21 -0.69 6.79 6.37
N VAL A 22 0.41 6.31 5.79
CA VAL A 22 1.38 5.56 6.56
C VAL A 22 2.72 6.30 6.52
N THR A 23 3.54 6.03 7.53
CA THR A 23 4.84 6.66 7.63
C THR A 23 5.87 5.90 6.76
N VAL A 24 6.77 6.66 6.17
CA VAL A 24 7.79 6.09 5.32
C VAL A 24 9.05 5.81 6.15
N ARG A 25 9.30 4.53 6.37
CA ARG A 25 10.46 4.13 7.16
C ARG A 25 11.46 3.37 6.27
N ASP A 26 12.59 4.01 6.04
CA ASP A 26 13.64 3.42 5.22
C ASP A 26 14.28 2.26 5.99
N GLY A 27 13.48 1.25 6.26
CA GLY A 27 13.97 0.09 6.98
C GLY A 27 12.94 -1.04 6.97
N MET A 28 11.73 -0.70 7.37
CA MET A 28 10.64 -1.67 7.41
C MET A 28 10.26 -2.12 6.00
N SER A 29 9.52 -3.21 5.94
CA SER A 29 9.08 -3.74 4.65
C SER A 29 7.64 -3.28 4.36
N VAL A 30 7.16 -3.68 3.19
CA VAL A 30 5.81 -3.31 2.79
C VAL A 30 4.80 -4.13 3.60
N TYR A 31 5.10 -5.41 3.74
CA TYR A 31 4.23 -6.30 4.49
C TYR A 31 3.98 -5.77 5.91
N ASP A 32 5.07 -5.54 6.62
CA ASP A 32 4.99 -5.03 7.98
C ASP A 32 4.28 -3.68 7.97
N SER A 33 4.32 -3.03 6.81
CA SER A 33 3.68 -1.73 6.66
C SER A 33 2.19 -1.91 6.40
N LEU A 34 1.88 -2.56 5.30
CA LEU A 34 0.50 -2.80 4.93
C LEU A 34 -0.13 -3.77 5.93
N ASP A 35 0.72 -4.35 6.76
CA ASP A 35 0.26 -5.30 7.77
C ASP A 35 -0.91 -4.68 8.54
N LYS A 36 -0.69 -3.47 9.03
CA LYS A 36 -1.71 -2.77 9.78
C LYS A 36 -2.79 -2.26 8.82
N ALA A 37 -2.34 -1.58 7.77
CA ALA A 37 -3.24 -1.04 6.77
C ALA A 37 -4.36 -2.06 6.51
N LEU A 38 -4.01 -3.33 6.66
CA LEU A 38 -4.98 -4.40 6.45
C LEU A 38 -5.68 -4.72 7.77
N LYS A 39 -4.88 -5.07 8.76
CA LYS A 39 -5.42 -5.40 10.07
C LYS A 39 -6.54 -4.43 10.42
N VAL A 40 -6.23 -3.15 10.29
CA VAL A 40 -7.20 -2.11 10.59
C VAL A 40 -8.58 -2.56 10.11
N ARG A 41 -8.60 -3.13 8.92
CA ARG A 41 -9.84 -3.61 8.33
C ARG A 41 -10.02 -5.10 8.60
N GLY A 42 -8.90 -5.77 8.82
CA GLY A 42 -8.92 -7.19 9.09
C GLY A 42 -8.49 -8.00 7.85
N LEU A 43 -8.01 -7.28 6.86
CA LEU A 43 -7.57 -7.90 5.62
C LEU A 43 -6.33 -8.75 5.91
N ASN A 44 -6.06 -9.67 4.99
CA ASN A 44 -4.91 -10.55 5.12
C ASN A 44 -3.99 -10.37 3.91
N GLN A 45 -2.76 -10.84 4.07
CA GLN A 45 -1.78 -10.74 3.00
C GLN A 45 -1.76 -12.02 2.18
N ASP A 46 -2.95 -12.55 1.92
CA ASP A 46 -3.08 -13.77 1.15
C ASP A 46 -4.03 -13.54 -0.03
N CYS A 47 -5.20 -13.01 0.31
CA CYS A 47 -6.20 -12.73 -0.71
C CYS A 47 -6.26 -11.22 -0.93
N CYS A 48 -5.09 -10.60 -0.87
CA CYS A 48 -4.99 -9.17 -1.05
C CYS A 48 -3.73 -8.88 -1.87
N VAL A 49 -3.71 -7.69 -2.46
CA VAL A 49 -2.57 -7.28 -3.27
C VAL A 49 -2.43 -5.75 -3.21
N VAL A 50 -1.20 -5.30 -3.38
CA VAL A 50 -0.91 -3.87 -3.34
C VAL A 50 -0.32 -3.44 -4.68
N TYR A 51 -0.93 -2.44 -5.27
CA TYR A 51 -0.47 -1.92 -6.55
C TYR A 51 0.25 -0.58 -6.37
N ARG A 52 1.29 -0.40 -7.17
CA ARG A 52 2.07 0.83 -7.12
C ARG A 52 1.71 1.75 -8.28
N LEU A 53 1.66 3.04 -7.97
CA LEU A 53 1.32 4.03 -8.97
C LEU A 53 2.57 4.39 -9.78
N ILE A 54 2.61 3.89 -11.00
CA ILE A 54 3.75 4.15 -11.87
C ILE A 54 3.25 4.71 -13.20
N LYS A 55 3.22 6.03 -13.28
CA LYS A 55 2.77 6.69 -14.49
C LYS A 55 1.30 6.36 -14.73
N GLY A 56 0.56 6.29 -13.63
CA GLY A 56 -0.86 5.97 -13.71
C GLY A 56 -1.09 4.53 -14.17
N ARG A 57 -0.41 3.61 -13.49
CA ARG A 57 -0.53 2.20 -13.82
C ARG A 57 -0.31 1.34 -12.58
N LYS A 58 -1.39 0.72 -12.12
CA LYS A 58 -1.33 -0.13 -10.95
C LYS A 58 -0.29 -1.23 -11.17
N THR A 59 0.81 -1.12 -10.44
CA THR A 59 1.88 -2.10 -10.55
C THR A 59 1.98 -2.93 -9.26
N VAL A 60 1.37 -4.11 -9.31
CA VAL A 60 1.38 -5.00 -8.16
C VAL A 60 2.76 -4.96 -7.51
N THR A 61 2.76 -5.16 -6.20
CA THR A 61 4.00 -5.15 -5.43
C THR A 61 4.14 -6.44 -4.63
N ALA A 62 5.36 -6.68 -4.18
CA ALA A 62 5.65 -7.88 -3.39
C ALA A 62 5.47 -7.56 -1.90
N TRP A 63 5.34 -8.62 -1.12
CA TRP A 63 5.16 -8.47 0.32
C TRP A 63 6.55 -8.51 0.97
N ASP A 64 7.50 -9.07 0.24
CA ASP A 64 8.86 -9.16 0.73
C ASP A 64 9.67 -7.97 0.22
N THR A 65 8.96 -6.93 -0.16
CA THR A 65 9.59 -5.72 -0.67
C THR A 65 9.75 -4.69 0.45
N ALA A 66 10.68 -3.77 0.23
CA ALA A 66 10.94 -2.72 1.20
C ALA A 66 10.05 -1.51 0.91
N ILE A 67 9.78 -0.75 1.95
CA ILE A 67 8.95 0.44 1.81
C ILE A 67 9.83 1.68 1.78
N ALA A 68 11.11 1.45 1.53
CA ALA A 68 12.07 2.53 1.46
C ALA A 68 11.92 3.26 0.13
N PRO A 69 12.04 2.48 -0.97
CA PRO A 69 11.92 3.04 -2.32
C PRO A 69 10.47 3.34 -2.65
N LEU A 70 9.84 4.14 -1.78
CA LEU A 70 8.46 4.51 -1.98
C LEU A 70 8.27 5.98 -1.58
N ASP A 71 9.28 6.77 -1.87
CA ASP A 71 9.24 8.19 -1.56
C ASP A 71 8.42 8.92 -2.62
N GLY A 72 7.17 9.19 -2.26
CA GLY A 72 6.27 9.88 -3.17
C GLY A 72 5.60 8.91 -4.14
N GLU A 73 4.48 8.35 -3.68
CA GLU A 73 3.73 7.41 -4.49
C GLU A 73 2.38 7.11 -3.85
N GLU A 74 1.73 6.07 -4.36
CA GLU A 74 0.44 5.68 -3.84
C GLU A 74 0.21 4.18 -4.06
N LEU A 75 0.02 3.47 -2.95
CA LEU A 75 -0.20 2.04 -3.00
C LEU A 75 -1.70 1.76 -2.95
N ILE A 76 -2.13 0.82 -3.77
CA ILE A 76 -3.53 0.45 -3.82
C ILE A 76 -3.70 -0.99 -3.34
N VAL A 77 -4.29 -1.13 -2.16
CA VAL A 77 -4.51 -2.44 -1.57
C VAL A 77 -5.89 -2.94 -1.97
N GLU A 78 -5.90 -3.96 -2.81
CA GLU A 78 -7.16 -4.55 -3.28
C GLU A 78 -7.18 -6.05 -2.99
N VAL A 79 -8.38 -6.56 -2.77
CA VAL A 79 -8.56 -7.98 -2.49
C VAL A 79 -8.45 -8.76 -3.79
N LEU A 80 -7.79 -9.91 -3.70
CA LEU A 80 -7.61 -10.77 -4.86
C LEU A 80 -8.94 -11.45 -5.19
N SER A 81 -9.24 -11.50 -6.48
CA SER A 81 -10.48 -12.12 -6.93
C SER A 81 -11.68 -11.38 -6.34
N GLY A 82 -12.69 -11.20 -7.18
CA GLY A 82 -13.90 -10.53 -6.77
C GLY A 82 -15.14 -11.18 -7.39
N PRO A 83 -15.78 -12.09 -6.60
CA PRO A 83 -16.96 -12.77 -7.06
C PRO A 83 -18.19 -11.86 -7.03
N SER A 84 -18.34 -11.16 -5.92
CA SER A 84 -19.45 -10.25 -5.75
C SER A 84 -19.19 -8.96 -6.54
N SER A 85 -20.29 -8.33 -6.95
CA SER A 85 -20.19 -7.09 -7.71
C SER A 85 -19.46 -7.35 -9.03
N GLY A 86 -20.24 -7.53 -10.08
CA GLY A 86 -19.69 -7.77 -11.40
C GLY A 86 -20.52 -8.82 -12.15
N GLY A 1 9.19 15.34 19.24
CA GLY A 1 10.04 16.41 19.75
C GLY A 1 10.02 17.62 18.82
N SER A 2 11.20 18.09 18.49
CA SER A 2 11.33 19.25 17.60
C SER A 2 10.73 18.92 16.23
N SER A 3 11.29 17.88 15.61
CA SER A 3 10.82 17.46 14.30
C SER A 3 9.30 17.24 14.32
N GLY A 4 8.64 17.83 13.35
CA GLY A 4 7.20 17.71 13.24
C GLY A 4 6.72 18.02 11.82
N SER A 5 5.66 18.81 11.75
CA SER A 5 5.10 19.19 10.47
C SER A 5 4.57 17.96 9.74
N SER A 6 3.40 18.10 9.17
CA SER A 6 2.78 17.00 8.44
C SER A 6 3.53 16.75 7.13
N GLY A 7 4.35 15.71 7.14
CA GLY A 7 5.13 15.35 5.98
C GLY A 7 5.82 13.99 6.18
N GLY A 8 6.16 13.38 5.05
CA GLY A 8 6.82 12.09 5.09
C GLY A 8 5.82 10.96 5.33
N THR A 9 4.91 10.80 4.38
CA THR A 9 3.89 9.77 4.49
C THR A 9 3.42 9.34 3.09
N VAL A 10 2.66 8.26 3.06
CA VAL A 10 2.13 7.75 1.81
C VAL A 10 0.67 7.36 1.99
N LYS A 11 -0.13 7.68 0.98
CA LYS A 11 -1.55 7.36 1.03
C LYS A 11 -1.76 5.93 0.53
N VAL A 12 -2.43 5.14 1.37
CA VAL A 12 -2.71 3.75 1.02
C VAL A 12 -4.22 3.59 0.80
N TYR A 13 -4.58 3.34 -0.45
CA TYR A 13 -5.97 3.15 -0.80
C TYR A 13 -6.45 1.75 -0.43
N LEU A 14 -7.42 1.70 0.48
CA LEU A 14 -7.95 0.43 0.91
C LEU A 14 -9.13 0.04 0.01
N PRO A 15 -9.46 -1.28 0.04
CA PRO A 15 -10.55 -1.80 -0.77
C PRO A 15 -11.91 -1.40 -0.17
N ASN A 16 -12.22 -0.12 -0.27
CA ASN A 16 -13.47 0.39 0.26
C ASN A 16 -13.47 1.92 0.14
N LYS A 17 -13.18 2.39 -1.06
CA LYS A 17 -13.15 3.82 -1.31
C LYS A 17 -12.56 4.54 -0.10
N GLN A 18 -11.65 3.84 0.58
CA GLN A 18 -11.00 4.40 1.74
C GLN A 18 -9.49 4.51 1.51
N ARG A 19 -8.84 5.30 2.36
CA ARG A 19 -7.41 5.50 2.26
C ARG A 19 -6.80 5.75 3.64
N THR A 20 -5.55 5.34 3.78
CA THR A 20 -4.85 5.51 5.05
C THR A 20 -3.41 5.96 4.80
N VAL A 21 -3.05 7.05 5.45
CA VAL A 21 -1.70 7.59 5.31
C VAL A 21 -0.77 6.87 6.27
N VAL A 22 0.30 6.31 5.71
CA VAL A 22 1.27 5.59 6.50
C VAL A 22 2.63 6.30 6.39
N THR A 23 3.43 6.15 7.45
CA THR A 23 4.74 6.76 7.49
C THR A 23 5.70 6.02 6.56
N VAL A 24 6.67 6.77 6.06
CA VAL A 24 7.66 6.20 5.15
C VAL A 24 8.92 5.86 5.93
N ARG A 25 9.16 4.57 6.09
CA ARG A 25 10.33 4.10 6.81
C ARG A 25 11.33 3.46 5.84
N ASP A 26 12.17 2.60 6.39
CA ASP A 26 13.19 1.92 5.60
C ASP A 26 13.43 0.52 6.17
N GLY A 27 13.62 0.49 7.48
CA GLY A 27 13.86 -0.77 8.15
C GLY A 27 12.56 -1.58 8.28
N MET A 28 11.97 -1.87 7.14
CA MET A 28 10.73 -2.63 7.10
C MET A 28 10.28 -2.87 5.66
N SER A 29 9.46 -3.90 5.50
CA SER A 29 8.95 -4.26 4.19
C SER A 29 7.53 -3.72 4.02
N VAL A 30 6.93 -4.04 2.87
CA VAL A 30 5.58 -3.60 2.58
C VAL A 30 4.59 -4.42 3.41
N TYR A 31 4.95 -5.67 3.63
CA TYR A 31 4.11 -6.56 4.41
C TYR A 31 3.89 -6.02 5.82
N ASP A 32 4.98 -5.84 6.54
CA ASP A 32 4.93 -5.34 7.89
C ASP A 32 4.34 -3.93 7.88
N SER A 33 4.44 -3.28 6.72
CA SER A 33 3.91 -1.93 6.56
C SER A 33 2.40 -1.99 6.37
N LEU A 34 1.99 -2.62 5.28
CA LEU A 34 0.57 -2.75 4.96
C LEU A 34 -0.09 -3.67 5.99
N ASP A 35 0.74 -4.39 6.73
CA ASP A 35 0.26 -5.31 7.74
C ASP A 35 -0.90 -4.65 8.50
N LYS A 36 -0.60 -3.49 9.08
CA LYS A 36 -1.60 -2.75 9.83
C LYS A 36 -2.74 -2.34 8.91
N ALA A 37 -2.38 -1.59 7.87
CA ALA A 37 -3.35 -1.12 6.91
C ALA A 37 -4.36 -2.24 6.63
N LEU A 38 -3.89 -3.47 6.75
CA LEU A 38 -4.74 -4.63 6.52
C LEU A 38 -5.42 -5.02 7.83
N LYS A 39 -4.60 -5.42 8.79
CA LYS A 39 -5.11 -5.82 10.09
C LYS A 39 -6.26 -4.90 10.50
N VAL A 40 -5.98 -3.60 10.45
CA VAL A 40 -6.97 -2.60 10.80
C VAL A 40 -8.34 -3.05 10.28
N ARG A 41 -8.35 -3.44 9.01
CA ARG A 41 -9.58 -3.88 8.38
C ARG A 41 -9.78 -5.38 8.61
N GLY A 42 -8.68 -6.07 8.84
CA GLY A 42 -8.72 -7.50 9.09
C GLY A 42 -8.35 -8.28 7.82
N LEU A 43 -7.81 -7.55 6.85
CA LEU A 43 -7.41 -8.15 5.59
C LEU A 43 -6.20 -9.08 5.83
N ASN A 44 -5.90 -9.88 4.83
CA ASN A 44 -4.78 -10.80 4.92
C ASN A 44 -3.75 -10.45 3.85
N GLN A 45 -2.61 -11.11 3.93
CA GLN A 45 -1.53 -10.88 2.99
C GLN A 45 -1.48 -12.02 1.96
N ASP A 46 -2.65 -12.42 1.50
CA ASP A 46 -2.75 -13.49 0.52
C ASP A 46 -3.94 -13.22 -0.41
N CYS A 47 -5.06 -12.88 0.21
CA CYS A 47 -6.27 -12.60 -0.55
C CYS A 47 -6.33 -11.09 -0.80
N CYS A 48 -5.17 -10.45 -0.74
CA CYS A 48 -5.08 -9.03 -0.96
C CYS A 48 -3.80 -8.74 -1.75
N VAL A 49 -3.80 -7.60 -2.42
CA VAL A 49 -2.65 -7.19 -3.22
C VAL A 49 -2.44 -5.69 -3.08
N VAL A 50 -1.23 -5.26 -3.41
CA VAL A 50 -0.89 -3.85 -3.32
C VAL A 50 -0.30 -3.39 -4.65
N TYR A 51 -0.91 -2.37 -5.22
CA TYR A 51 -0.45 -1.82 -6.49
C TYR A 51 0.29 -0.49 -6.29
N ARG A 52 1.33 -0.31 -7.08
CA ARG A 52 2.12 0.90 -7.00
C ARG A 52 1.90 1.76 -8.24
N LEU A 53 1.68 3.05 -8.00
CA LEU A 53 1.45 3.99 -9.09
C LEU A 53 2.79 4.34 -9.73
N ILE A 54 3.02 3.78 -10.91
CA ILE A 54 4.26 4.04 -11.64
C ILE A 54 3.92 4.58 -13.02
N LYS A 55 4.04 5.89 -13.16
CA LYS A 55 3.76 6.55 -14.42
C LYS A 55 2.25 6.80 -14.53
N GLY A 56 1.49 5.72 -14.37
CA GLY A 56 0.05 5.80 -14.44
C GLY A 56 -0.57 4.41 -14.62
N ARG A 57 -0.01 3.45 -13.91
CA ARG A 57 -0.49 2.08 -13.99
C ARG A 57 -0.26 1.37 -12.65
N LYS A 58 -1.22 0.51 -12.31
CA LYS A 58 -1.14 -0.24 -11.07
C LYS A 58 -0.04 -1.29 -11.18
N THR A 59 1.03 -1.06 -10.44
CA THR A 59 2.17 -1.99 -10.45
C THR A 59 2.19 -2.81 -9.16
N VAL A 60 1.61 -3.99 -9.24
CA VAL A 60 1.56 -4.88 -8.09
C VAL A 60 2.92 -4.88 -7.39
N THR A 61 2.88 -5.07 -6.08
CA THR A 61 4.09 -5.08 -5.28
C THR A 61 4.19 -6.39 -4.49
N ALA A 62 5.42 -6.73 -4.14
CA ALA A 62 5.67 -7.95 -3.38
C ALA A 62 5.58 -7.64 -1.89
N TRP A 63 5.07 -8.62 -1.15
CA TRP A 63 4.92 -8.48 0.28
C TRP A 63 6.33 -8.49 0.91
N ASP A 64 7.27 -9.03 0.16
CA ASP A 64 8.64 -9.12 0.62
C ASP A 64 9.46 -7.97 0.02
N THR A 65 8.76 -6.87 -0.24
CA THR A 65 9.40 -5.70 -0.81
C THR A 65 9.63 -4.64 0.26
N ALA A 66 10.67 -3.84 0.06
CA ALA A 66 11.01 -2.79 0.99
C ALA A 66 10.02 -1.63 0.83
N ILE A 67 9.96 -0.80 1.86
CA ILE A 67 9.07 0.35 1.84
C ILE A 67 9.91 1.63 1.83
N ALA A 68 11.14 1.50 1.37
CA ALA A 68 12.04 2.63 1.30
C ALA A 68 11.71 3.46 0.05
N PRO A 69 11.80 2.79 -1.13
CA PRO A 69 11.51 3.45 -2.38
C PRO A 69 10.01 3.65 -2.57
N LEU A 70 9.39 4.23 -1.56
CA LEU A 70 7.95 4.49 -1.59
C LEU A 70 7.67 5.84 -0.93
N ASP A 71 8.64 6.73 -1.04
CA ASP A 71 8.50 8.05 -0.45
C ASP A 71 7.28 8.75 -1.07
N GLY A 72 7.46 9.21 -2.29
CA GLY A 72 6.39 9.89 -3.00
C GLY A 72 5.69 8.95 -3.97
N GLU A 73 4.57 8.39 -3.51
CA GLU A 73 3.81 7.47 -4.32
C GLU A 73 2.45 7.18 -3.65
N GLU A 74 1.73 6.23 -4.25
CA GLU A 74 0.43 5.85 -3.73
C GLU A 74 0.17 4.37 -3.99
N LEU A 75 0.11 3.61 -2.91
CA LEU A 75 -0.13 2.18 -3.00
C LEU A 75 -1.64 1.91 -2.91
N ILE A 76 -2.08 0.93 -3.68
CA ILE A 76 -3.48 0.57 -3.70
C ILE A 76 -3.64 -0.87 -3.20
N VAL A 77 -4.27 -0.99 -2.05
CA VAL A 77 -4.49 -2.30 -1.45
C VAL A 77 -5.87 -2.82 -1.87
N GLU A 78 -5.84 -3.88 -2.65
CA GLU A 78 -7.08 -4.49 -3.13
C GLU A 78 -7.24 -5.90 -2.55
N VAL A 79 -8.47 -6.39 -2.60
CA VAL A 79 -8.76 -7.72 -2.09
C VAL A 79 -9.13 -8.64 -3.26
N LEU A 80 -8.33 -9.69 -3.42
CA LEU A 80 -8.56 -10.64 -4.48
C LEU A 80 -9.97 -11.23 -4.34
N SER A 81 -10.86 -10.76 -5.19
CA SER A 81 -12.23 -11.23 -5.17
C SER A 81 -13.01 -10.63 -6.35
N GLY A 82 -14.19 -11.18 -6.57
CA GLY A 82 -15.04 -10.71 -7.66
C GLY A 82 -16.03 -11.80 -8.09
N PRO A 83 -17.19 -11.34 -8.62
CA PRO A 83 -18.22 -12.26 -9.07
C PRO A 83 -17.83 -12.91 -10.40
N SER A 84 -16.84 -13.78 -10.32
CA SER A 84 -16.36 -14.48 -11.51
C SER A 84 -14.95 -15.03 -11.26
N SER A 85 -14.63 -16.10 -11.97
CA SER A 85 -13.33 -16.72 -11.84
C SER A 85 -13.08 -17.10 -10.38
N GLY A 86 -12.08 -17.95 -10.18
CA GLY A 86 -11.72 -18.40 -8.84
C GLY A 86 -11.59 -19.92 -8.80
N GLY A 1 12.50 17.30 -10.04
CA GLY A 1 12.07 16.12 -9.31
C GLY A 1 11.20 16.50 -8.11
N SER A 2 11.85 17.08 -7.10
CA SER A 2 11.15 17.50 -5.90
C SER A 2 10.13 18.58 -6.24
N SER A 3 8.87 18.26 -5.94
CA SER A 3 7.79 19.20 -6.21
C SER A 3 6.82 19.23 -5.03
N GLY A 4 6.27 18.06 -4.73
CA GLY A 4 5.32 17.93 -3.63
C GLY A 4 6.03 17.44 -2.36
N SER A 5 6.50 16.20 -2.44
CA SER A 5 7.19 15.59 -1.31
C SER A 5 6.19 15.23 -0.21
N SER A 6 5.49 16.25 0.26
CA SER A 6 4.49 16.05 1.31
C SER A 6 5.16 15.51 2.57
N GLY A 7 4.39 15.50 3.65
CA GLY A 7 4.90 15.01 4.92
C GLY A 7 5.56 13.65 4.76
N GLY A 8 6.13 13.16 5.86
CA GLY A 8 6.80 11.87 5.85
C GLY A 8 5.79 10.73 5.97
N THR A 9 4.91 10.65 4.99
CA THR A 9 3.89 9.62 4.98
C THR A 9 3.47 9.29 3.54
N VAL A 10 2.68 8.24 3.41
CA VAL A 10 2.21 7.82 2.10
C VAL A 10 0.73 7.44 2.19
N LYS A 11 0.01 7.76 1.14
CA LYS A 11 -1.42 7.45 1.08
C LYS A 11 -1.62 6.02 0.60
N VAL A 12 -2.36 5.26 1.40
CA VAL A 12 -2.63 3.87 1.07
C VAL A 12 -4.13 3.69 0.82
N TYR A 13 -4.45 3.41 -0.43
CA TYR A 13 -5.84 3.21 -0.82
C TYR A 13 -6.30 1.78 -0.50
N LEU A 14 -7.25 1.69 0.40
CA LEU A 14 -7.79 0.40 0.80
C LEU A 14 -8.91 0.00 -0.15
N PRO A 15 -9.27 -1.31 -0.10
CA PRO A 15 -10.33 -1.83 -0.96
C PRO A 15 -11.71 -1.40 -0.45
N ASN A 16 -11.70 -0.73 0.69
CA ASN A 16 -12.94 -0.25 1.29
C ASN A 16 -13.20 1.18 0.82
N LYS A 17 -12.81 1.45 -0.41
CA LYS A 17 -13.00 2.76 -0.99
C LYS A 17 -12.48 3.82 -0.01
N GLN A 18 -11.58 3.39 0.85
CA GLN A 18 -10.99 4.28 1.84
C GLN A 18 -9.49 4.41 1.62
N ARG A 19 -8.87 5.25 2.44
CA ARG A 19 -7.45 5.47 2.34
C ARG A 19 -6.85 5.70 3.73
N THR A 20 -5.58 5.34 3.87
CA THR A 20 -4.89 5.50 5.13
C THR A 20 -3.44 5.96 4.90
N VAL A 21 -3.05 6.98 5.66
CA VAL A 21 -1.71 7.52 5.54
C VAL A 21 -0.76 6.73 6.45
N VAL A 22 0.28 6.19 5.84
CA VAL A 22 1.26 5.41 6.58
C VAL A 22 2.58 6.19 6.64
N THR A 23 3.41 5.80 7.58
CA THR A 23 4.70 6.45 7.76
C THR A 23 5.73 5.86 6.78
N VAL A 24 6.65 6.72 6.36
CA VAL A 24 7.68 6.30 5.43
C VAL A 24 8.96 6.00 6.20
N ARG A 25 9.30 4.72 6.24
CA ARG A 25 10.49 4.27 6.94
C ARG A 25 11.48 3.65 5.96
N ASP A 26 12.74 3.62 6.37
CA ASP A 26 13.80 3.06 5.54
C ASP A 26 14.37 1.82 6.22
N GLY A 27 13.67 0.71 6.04
CA GLY A 27 14.10 -0.55 6.63
C GLY A 27 13.00 -1.61 6.51
N MET A 28 11.90 -1.35 7.20
CA MET A 28 10.77 -2.27 7.18
C MET A 28 10.36 -2.62 5.74
N SER A 29 9.50 -3.61 5.64
CA SER A 29 9.02 -4.04 4.33
C SER A 29 7.63 -3.48 4.07
N VAL A 30 7.04 -3.95 2.98
CA VAL A 30 5.70 -3.50 2.60
C VAL A 30 4.66 -4.27 3.43
N TYR A 31 5.01 -5.51 3.76
CA TYR A 31 4.13 -6.35 4.54
C TYR A 31 3.91 -5.78 5.94
N ASP A 32 5.02 -5.59 6.64
CA ASP A 32 4.97 -5.06 7.99
C ASP A 32 4.36 -3.65 7.95
N SER A 33 4.39 -3.06 6.77
CA SER A 33 3.86 -1.72 6.58
C SER A 33 2.35 -1.80 6.34
N LEU A 34 1.98 -2.46 5.25
CA LEU A 34 0.58 -2.61 4.90
C LEU A 34 -0.09 -3.56 5.89
N ASP A 35 0.74 -4.17 6.73
CA ASP A 35 0.24 -5.10 7.73
C ASP A 35 -0.97 -4.49 8.44
N LYS A 36 -0.69 -3.51 9.28
CA LYS A 36 -1.74 -2.83 10.03
C LYS A 36 -2.81 -2.34 9.05
N ALA A 37 -2.36 -1.66 8.01
CA ALA A 37 -3.26 -1.13 7.00
C ALA A 37 -4.35 -2.16 6.72
N LEU A 38 -3.98 -3.42 6.86
CA LEU A 38 -4.92 -4.51 6.63
C LEU A 38 -5.62 -4.87 7.94
N LYS A 39 -4.80 -5.22 8.93
CA LYS A 39 -5.33 -5.59 10.23
C LYS A 39 -6.45 -4.63 10.61
N VAL A 40 -6.16 -3.35 10.46
CA VAL A 40 -7.13 -2.32 10.79
C VAL A 40 -8.52 -2.78 10.37
N ARG A 41 -8.56 -3.50 9.25
CA ARG A 41 -9.82 -3.99 8.72
C ARG A 41 -9.93 -5.50 8.96
N GLY A 42 -8.77 -6.15 9.01
CA GLY A 42 -8.72 -7.58 9.24
C GLY A 42 -8.35 -8.32 7.95
N LEU A 43 -7.92 -7.55 6.96
CA LEU A 43 -7.53 -8.12 5.68
C LEU A 43 -6.36 -9.07 5.90
N ASN A 44 -6.08 -9.84 4.85
CA ASN A 44 -4.98 -10.80 4.91
C ASN A 44 -3.90 -10.39 3.91
N GLN A 45 -2.72 -10.97 4.09
CA GLN A 45 -1.60 -10.67 3.22
C GLN A 45 -1.42 -11.78 2.19
N ASP A 46 -2.54 -12.25 1.67
CA ASP A 46 -2.51 -13.31 0.68
C ASP A 46 -3.66 -13.10 -0.32
N CYS A 47 -4.83 -12.82 0.23
CA CYS A 47 -6.00 -12.59 -0.60
C CYS A 47 -6.12 -11.10 -0.87
N CYS A 48 -4.99 -10.42 -0.75
CA CYS A 48 -4.94 -8.98 -0.98
C CYS A 48 -3.64 -8.65 -1.71
N VAL A 49 -3.72 -7.65 -2.58
CA VAL A 49 -2.56 -7.22 -3.33
C VAL A 49 -2.40 -5.70 -3.21
N VAL A 50 -1.22 -5.24 -3.57
CA VAL A 50 -0.93 -3.82 -3.50
C VAL A 50 -0.36 -3.36 -4.85
N TYR A 51 -1.02 -2.35 -5.42
CA TYR A 51 -0.59 -1.81 -6.70
C TYR A 51 0.14 -0.48 -6.52
N ARG A 52 1.18 -0.29 -7.32
CA ARG A 52 1.96 0.93 -7.26
C ARG A 52 1.86 1.69 -8.59
N LEU A 53 1.87 3.02 -8.47
CA LEU A 53 1.79 3.87 -9.65
C LEU A 53 3.19 4.09 -10.21
N ILE A 54 3.54 3.28 -11.19
CA ILE A 54 4.85 3.38 -11.82
C ILE A 54 4.74 4.29 -13.05
N LYS A 55 4.08 3.79 -14.07
CA LYS A 55 3.90 4.55 -15.30
C LYS A 55 2.41 4.77 -15.55
N GLY A 56 1.74 5.27 -14.52
CA GLY A 56 0.31 5.55 -14.61
C GLY A 56 -0.48 4.24 -14.75
N ARG A 57 0.05 3.19 -14.15
CA ARG A 57 -0.59 1.89 -14.20
C ARG A 57 -0.36 1.13 -12.88
N LYS A 58 -1.41 0.44 -12.45
CA LYS A 58 -1.34 -0.32 -11.21
C LYS A 58 -0.28 -1.41 -11.36
N THR A 59 0.81 -1.24 -10.63
CA THR A 59 1.90 -2.20 -10.68
C THR A 59 1.97 -2.97 -9.36
N VAL A 60 1.51 -4.22 -9.41
CA VAL A 60 1.51 -5.08 -8.24
C VAL A 60 2.88 -5.01 -7.57
N THR A 61 2.88 -5.23 -6.26
CA THR A 61 4.11 -5.19 -5.49
C THR A 61 4.23 -6.44 -4.62
N ALA A 62 5.46 -6.73 -4.21
CA ALA A 62 5.73 -7.89 -3.37
C ALA A 62 5.57 -7.50 -1.91
N TRP A 63 5.35 -8.51 -1.08
CA TRP A 63 5.18 -8.27 0.35
C TRP A 63 6.58 -8.21 0.98
N ASP A 64 7.52 -8.89 0.33
CA ASP A 64 8.89 -8.91 0.82
C ASP A 64 9.57 -7.58 0.50
N THR A 65 9.14 -6.99 -0.62
CA THR A 65 9.70 -5.73 -1.05
C THR A 65 9.85 -4.77 0.14
N ALA A 66 10.67 -3.75 -0.06
CA ALA A 66 10.90 -2.77 0.99
C ALA A 66 9.91 -1.62 0.83
N ILE A 67 9.79 -0.83 1.89
CA ILE A 67 8.88 0.31 1.88
C ILE A 67 9.69 1.59 1.72
N ALA A 68 10.96 1.42 1.37
CA ALA A 68 11.85 2.55 1.16
C ALA A 68 11.59 3.17 -0.22
N PRO A 69 11.73 2.31 -1.26
CA PRO A 69 11.51 2.75 -2.63
C PRO A 69 10.02 2.92 -2.92
N LEU A 70 9.37 3.70 -2.06
CA LEU A 70 7.94 3.95 -2.22
C LEU A 70 7.65 5.42 -1.89
N ASP A 71 8.27 5.89 -0.82
CA ASP A 71 8.10 7.26 -0.39
C ASP A 71 7.80 8.14 -1.61
N GLY A 72 6.71 8.89 -1.50
CA GLY A 72 6.31 9.78 -2.59
C GLY A 72 5.60 9.00 -3.69
N GLU A 73 4.54 8.30 -3.30
CA GLU A 73 3.77 7.51 -4.24
C GLU A 73 2.38 7.21 -3.68
N GLU A 74 1.71 6.26 -4.31
CA GLU A 74 0.37 5.87 -3.88
C GLU A 74 0.14 4.39 -4.16
N LEU A 75 0.01 3.63 -3.08
CA LEU A 75 -0.22 2.20 -3.20
C LEU A 75 -1.72 1.91 -3.09
N ILE A 76 -2.16 0.92 -3.85
CA ILE A 76 -3.56 0.54 -3.84
C ILE A 76 -3.69 -0.89 -3.33
N VAL A 77 -4.23 -1.03 -2.14
CA VAL A 77 -4.41 -2.33 -1.53
C VAL A 77 -5.80 -2.87 -1.89
N GLU A 78 -5.82 -3.92 -2.70
CA GLU A 78 -7.06 -4.53 -3.11
C GLU A 78 -7.17 -5.95 -2.57
N VAL A 79 -8.40 -6.46 -2.55
CA VAL A 79 -8.64 -7.80 -2.07
C VAL A 79 -8.99 -8.72 -3.24
N LEU A 80 -8.22 -9.79 -3.37
CA LEU A 80 -8.44 -10.74 -4.44
C LEU A 80 -9.84 -11.33 -4.32
N SER A 81 -10.06 -12.05 -3.23
CA SER A 81 -11.35 -12.67 -2.97
C SER A 81 -12.38 -11.60 -2.60
N GLY A 82 -13.39 -11.46 -3.46
CA GLY A 82 -14.44 -10.49 -3.23
C GLY A 82 -15.35 -10.93 -2.09
N PRO A 83 -15.83 -9.92 -1.32
CA PRO A 83 -16.71 -10.19 -0.19
C PRO A 83 -18.13 -10.54 -0.68
N SER A 84 -18.46 -11.81 -0.53
CA SER A 84 -19.77 -12.29 -0.95
C SER A 84 -20.14 -13.56 -0.16
N SER A 85 -21.41 -13.63 0.20
CA SER A 85 -21.90 -14.77 0.95
C SER A 85 -23.42 -14.69 1.08
N GLY A 86 -24.10 -15.47 0.24
CA GLY A 86 -25.55 -15.50 0.26
C GLY A 86 -26.07 -16.67 1.09
N GLY A 1 16.13 12.95 14.06
CA GLY A 1 15.60 12.05 15.08
C GLY A 1 14.09 11.87 14.91
N SER A 2 13.35 12.77 15.55
CA SER A 2 11.90 12.72 15.48
C SER A 2 11.32 14.05 15.97
N SER A 3 10.10 14.31 15.52
CA SER A 3 9.40 15.54 15.90
C SER A 3 7.90 15.34 15.78
N GLY A 4 7.46 15.00 14.58
CA GLY A 4 6.05 14.79 14.33
C GLY A 4 5.84 13.78 13.19
N SER A 5 4.62 13.79 12.65
CA SER A 5 4.28 12.89 11.57
C SER A 5 3.59 13.66 10.44
N SER A 6 4.42 14.19 9.55
CA SER A 6 3.90 14.97 8.42
C SER A 6 4.92 14.98 7.29
N GLY A 7 4.42 14.85 6.07
CA GLY A 7 5.27 14.84 4.90
C GLY A 7 5.87 13.45 4.66
N GLY A 8 6.69 13.02 5.61
CA GLY A 8 7.32 11.72 5.52
C GLY A 8 6.30 10.59 5.71
N THR A 9 5.36 10.52 4.78
CA THR A 9 4.33 9.50 4.84
C THR A 9 3.90 9.10 3.43
N VAL A 10 2.97 8.15 3.37
CA VAL A 10 2.48 7.66 2.09
C VAL A 10 0.96 7.45 2.20
N LYS A 11 0.30 7.61 1.07
CA LYS A 11 -1.15 7.44 1.01
C LYS A 11 -1.47 6.03 0.52
N VAL A 12 -2.32 5.36 1.29
CA VAL A 12 -2.73 4.01 0.97
C VAL A 12 -4.23 3.96 0.71
N TYR A 13 -4.62 3.15 -0.27
CA TYR A 13 -6.02 3.02 -0.62
C TYR A 13 -6.53 1.60 -0.32
N LEU A 14 -7.50 1.54 0.57
CA LEU A 14 -8.08 0.26 0.96
C LEU A 14 -9.25 -0.07 0.02
N PRO A 15 -9.56 -1.39 -0.06
CA PRO A 15 -10.65 -1.84 -0.91
C PRO A 15 -12.01 -1.52 -0.28
N ASN A 16 -12.19 -0.25 0.05
CA ASN A 16 -13.42 0.20 0.65
C ASN A 16 -13.62 1.69 0.37
N LYS A 17 -12.99 2.15 -0.70
CA LYS A 17 -13.08 3.55 -1.09
C LYS A 17 -12.43 4.41 -0.01
N GLN A 18 -11.72 3.75 0.89
CA GLN A 18 -11.06 4.45 1.97
C GLN A 18 -9.54 4.46 1.74
N ARG A 19 -8.87 5.31 2.50
CA ARG A 19 -7.42 5.42 2.39
C ARG A 19 -6.80 5.72 3.77
N THR A 20 -5.54 5.33 3.90
CA THR A 20 -4.83 5.54 5.15
C THR A 20 -3.40 6.03 4.87
N VAL A 21 -2.96 6.95 5.72
CA VAL A 21 -1.63 7.51 5.58
C VAL A 21 -0.66 6.72 6.45
N VAL A 22 0.38 6.20 5.82
CA VAL A 22 1.38 5.42 6.53
C VAL A 22 2.69 6.22 6.59
N THR A 23 3.61 5.73 7.41
CA THR A 23 4.90 6.38 7.56
C THR A 23 5.94 5.70 6.68
N VAL A 24 6.83 6.52 6.13
CA VAL A 24 7.89 6.01 5.27
C VAL A 24 9.14 5.73 6.12
N ARG A 25 9.44 4.45 6.27
CA ARG A 25 10.61 4.04 7.04
C ARG A 25 11.56 3.22 6.17
N ASP A 26 12.81 3.66 6.15
CA ASP A 26 13.83 2.98 5.37
C ASP A 26 14.39 1.81 6.17
N GLY A 27 13.63 0.72 6.20
CA GLY A 27 14.03 -0.46 6.93
C GLY A 27 12.96 -1.55 6.84
N MET A 28 11.78 -1.22 7.32
CA MET A 28 10.66 -2.17 7.31
C MET A 28 10.29 -2.53 5.86
N SER A 29 9.36 -3.46 5.75
CA SER A 29 8.90 -3.92 4.44
C SER A 29 7.50 -3.39 4.17
N VAL A 30 6.94 -3.81 3.04
CA VAL A 30 5.60 -3.40 2.66
C VAL A 30 4.57 -4.20 3.46
N TYR A 31 4.94 -5.44 3.76
CA TYR A 31 4.06 -6.32 4.51
C TYR A 31 3.79 -5.74 5.91
N ASP A 32 4.87 -5.56 6.66
CA ASP A 32 4.76 -5.03 8.01
C ASP A 32 4.15 -3.62 7.95
N SER A 33 4.29 -3.00 6.79
CA SER A 33 3.75 -1.66 6.58
C SER A 33 2.25 -1.73 6.34
N LEU A 34 1.88 -2.39 5.25
CA LEU A 34 0.48 -2.53 4.90
C LEU A 34 -0.21 -3.42 5.92
N ASP A 35 0.59 -4.17 6.66
CA ASP A 35 0.08 -5.06 7.68
C ASP A 35 -1.10 -4.38 8.40
N LYS A 36 -0.75 -3.43 9.24
CA LYS A 36 -1.76 -2.70 9.99
C LYS A 36 -2.85 -2.19 9.03
N ALA A 37 -2.39 -1.53 7.97
CA ALA A 37 -3.30 -0.99 6.97
C ALA A 37 -4.38 -2.03 6.68
N LEU A 38 -4.01 -3.30 6.81
CA LEU A 38 -4.94 -4.39 6.56
C LEU A 38 -5.68 -4.74 7.86
N LYS A 39 -4.90 -5.14 8.85
CA LYS A 39 -5.45 -5.50 10.14
C LYS A 39 -6.58 -4.53 10.49
N VAL A 40 -6.27 -3.25 10.39
CA VAL A 40 -7.24 -2.21 10.70
C VAL A 40 -8.61 -2.64 10.17
N ARG A 41 -8.61 -3.13 8.94
CA ARG A 41 -9.85 -3.58 8.31
C ARG A 41 -10.07 -5.07 8.58
N GLY A 42 -8.96 -5.79 8.70
CA GLY A 42 -9.02 -7.22 8.96
C GLY A 42 -8.56 -8.01 7.73
N LEU A 43 -8.00 -7.28 6.77
CA LEU A 43 -7.52 -7.91 5.55
C LEU A 43 -6.32 -8.80 5.88
N ASN A 44 -5.84 -9.49 4.86
CA ASN A 44 -4.70 -10.38 5.02
C ASN A 44 -3.73 -10.19 3.86
N GLN A 45 -2.52 -10.67 4.06
CA GLN A 45 -1.49 -10.56 3.04
C GLN A 45 -1.40 -11.86 2.23
N ASP A 46 -2.56 -12.45 1.97
CA ASP A 46 -2.61 -13.69 1.22
C ASP A 46 -3.55 -13.51 0.03
N CYS A 47 -4.76 -13.05 0.33
CA CYS A 47 -5.75 -12.83 -0.71
C CYS A 47 -5.90 -11.33 -0.93
N CYS A 48 -4.76 -10.65 -0.95
CA CYS A 48 -4.74 -9.21 -1.14
C CYS A 48 -3.55 -8.86 -2.04
N VAL A 49 -3.59 -7.67 -2.59
CA VAL A 49 -2.52 -7.20 -3.46
C VAL A 49 -2.39 -5.68 -3.33
N VAL A 50 -1.18 -5.20 -3.59
CA VAL A 50 -0.92 -3.77 -3.51
C VAL A 50 -0.41 -3.28 -4.86
N TYR A 51 -1.09 -2.28 -5.38
CA TYR A 51 -0.72 -1.70 -6.67
C TYR A 51 -0.01 -0.36 -6.48
N ARG A 52 1.04 -0.17 -7.28
CA ARG A 52 1.82 1.06 -7.21
C ARG A 52 1.71 1.82 -8.54
N LEU A 53 1.58 3.12 -8.42
CA LEU A 53 1.47 3.98 -9.59
C LEU A 53 2.88 4.31 -10.11
N ILE A 54 3.31 3.53 -11.10
CA ILE A 54 4.62 3.73 -11.69
C ILE A 54 4.50 4.60 -12.93
N LYS A 55 3.80 4.06 -13.92
CA LYS A 55 3.59 4.78 -15.17
C LYS A 55 2.09 4.95 -15.42
N GLY A 56 1.37 5.14 -14.31
CA GLY A 56 -0.07 5.33 -14.40
C GLY A 56 -0.80 3.98 -14.46
N ARG A 57 -0.04 2.93 -14.18
CA ARG A 57 -0.58 1.58 -14.20
C ARG A 57 -0.39 0.90 -12.84
N LYS A 58 -1.43 0.20 -12.42
CA LYS A 58 -1.38 -0.49 -11.14
C LYS A 58 -0.26 -1.55 -11.18
N THR A 59 0.87 -1.18 -10.61
CA THR A 59 2.01 -2.07 -10.56
C THR A 59 2.03 -2.86 -9.25
N VAL A 60 1.64 -4.11 -9.34
CA VAL A 60 1.61 -4.98 -8.17
C VAL A 60 2.98 -4.96 -7.49
N THR A 61 2.95 -4.99 -6.17
CA THR A 61 4.18 -4.97 -5.40
C THR A 61 4.30 -6.25 -4.56
N ALA A 62 5.52 -6.53 -4.13
CA ALA A 62 5.78 -7.71 -3.32
C ALA A 62 5.55 -7.38 -1.85
N TRP A 63 5.40 -8.43 -1.06
CA TRP A 63 5.17 -8.27 0.37
C TRP A 63 6.53 -8.30 1.07
N ASP A 64 7.48 -8.96 0.42
CA ASP A 64 8.82 -9.07 0.97
C ASP A 64 9.59 -7.78 0.66
N THR A 65 9.22 -7.15 -0.44
CA THR A 65 9.87 -5.92 -0.85
C THR A 65 10.02 -4.97 0.34
N ALA A 66 10.76 -3.89 0.11
CA ALA A 66 10.99 -2.91 1.15
C ALA A 66 10.05 -1.72 0.94
N ILE A 67 9.92 -0.90 1.97
CA ILE A 67 9.07 0.27 1.91
C ILE A 67 9.94 1.53 1.81
N ALA A 68 11.22 1.30 1.57
CA ALA A 68 12.16 2.40 1.45
C ALA A 68 12.01 3.05 0.07
N PRO A 69 12.15 2.19 -0.98
CA PRO A 69 12.03 2.66 -2.35
C PRO A 69 10.57 2.93 -2.71
N LEU A 70 9.95 3.82 -1.94
CA LEU A 70 8.56 4.18 -2.17
C LEU A 70 8.37 5.67 -1.89
N ASP A 71 9.47 6.39 -1.96
CA ASP A 71 9.45 7.83 -1.72
C ASP A 71 8.60 8.50 -2.81
N GLY A 72 7.48 9.07 -2.38
CA GLY A 72 6.57 9.73 -3.29
C GLY A 72 5.92 8.74 -4.24
N GLU A 73 4.73 8.28 -3.84
CA GLU A 73 4.00 7.33 -4.66
C GLU A 73 2.63 7.05 -4.04
N GLU A 74 2.01 5.97 -4.50
CA GLU A 74 0.70 5.58 -3.99
C GLU A 74 0.52 4.07 -4.08
N LEU A 75 0.01 3.50 -3.00
CA LEU A 75 -0.22 2.06 -2.95
C LEU A 75 -1.71 1.79 -2.82
N ILE A 76 -2.20 0.90 -3.66
CA ILE A 76 -3.61 0.54 -3.65
C ILE A 76 -3.76 -0.91 -3.22
N VAL A 77 -4.33 -1.10 -2.04
CA VAL A 77 -4.54 -2.42 -1.49
C VAL A 77 -5.90 -2.95 -1.95
N GLU A 78 -5.89 -4.18 -2.44
CA GLU A 78 -7.11 -4.81 -2.92
C GLU A 78 -7.11 -6.30 -2.57
N VAL A 79 -8.25 -6.93 -2.81
CA VAL A 79 -8.39 -8.35 -2.54
C VAL A 79 -8.17 -9.14 -3.82
N LEU A 80 -7.34 -10.17 -3.71
CA LEU A 80 -7.03 -11.01 -4.85
C LEU A 80 -8.30 -11.75 -5.29
N SER A 81 -9.00 -11.16 -6.24
CA SER A 81 -10.22 -11.75 -6.75
C SER A 81 -10.56 -11.14 -8.12
N GLY A 82 -10.67 -9.83 -8.13
CA GLY A 82 -11.00 -9.12 -9.36
C GLY A 82 -12.48 -9.25 -9.69
N PRO A 83 -13.25 -8.20 -9.30
CA PRO A 83 -14.69 -8.19 -9.55
C PRO A 83 -14.99 -7.90 -11.03
N SER A 84 -14.29 -6.90 -11.54
CA SER A 84 -14.48 -6.52 -12.94
C SER A 84 -13.44 -7.23 -13.82
N SER A 85 -13.95 -7.84 -14.88
CA SER A 85 -13.08 -8.56 -15.80
C SER A 85 -12.35 -9.69 -15.07
N GLY A 86 -11.73 -10.56 -15.85
CA GLY A 86 -10.99 -11.68 -15.28
C GLY A 86 -11.65 -13.01 -15.68
N GLY A 1 15.04 6.63 -3.86
CA GLY A 1 14.94 8.07 -3.73
C GLY A 1 14.87 8.75 -5.11
N SER A 2 13.92 9.64 -5.25
CA SER A 2 13.74 10.36 -6.51
C SER A 2 12.66 11.44 -6.35
N SER A 3 11.47 10.97 -5.97
CA SER A 3 10.35 11.88 -5.78
C SER A 3 10.19 12.22 -4.30
N GLY A 4 9.59 13.36 -4.04
CA GLY A 4 9.37 13.81 -2.67
C GLY A 4 9.21 15.33 -2.62
N SER A 5 8.31 15.76 -1.74
CA SER A 5 8.06 17.18 -1.58
C SER A 5 8.49 17.62 -0.17
N SER A 6 7.90 16.97 0.83
CA SER A 6 8.20 17.28 2.21
C SER A 6 7.52 16.27 3.13
N GLY A 7 6.20 16.19 2.99
CA GLY A 7 5.42 15.28 3.80
C GLY A 7 6.03 13.88 3.81
N GLY A 8 6.54 13.49 4.96
CA GLY A 8 7.15 12.18 5.11
C GLY A 8 6.11 11.11 5.42
N THR A 9 5.24 10.89 4.45
CA THR A 9 4.18 9.90 4.61
C THR A 9 3.75 9.36 3.24
N VAL A 10 2.87 8.36 3.28
CA VAL A 10 2.38 7.75 2.06
C VAL A 10 0.89 7.45 2.22
N LYS A 11 0.17 7.59 1.11
CA LYS A 11 -1.26 7.32 1.12
C LYS A 11 -1.52 5.87 0.71
N VAL A 12 -2.30 5.19 1.53
CA VAL A 12 -2.63 3.80 1.27
C VAL A 12 -4.12 3.67 1.00
N TYR A 13 -4.44 3.29 -0.22
CA TYR A 13 -5.83 3.13 -0.62
C TYR A 13 -6.33 1.71 -0.31
N LEU A 14 -7.30 1.66 0.59
CA LEU A 14 -7.86 0.38 1.00
C LEU A 14 -9.05 0.05 0.09
N PRO A 15 -9.38 -1.27 0.04
CA PRO A 15 -10.48 -1.72 -0.80
C PRO A 15 -11.84 -1.38 -0.15
N ASN A 16 -12.18 -0.11 -0.24
CA ASN A 16 -13.44 0.35 0.32
C ASN A 16 -13.49 1.89 0.24
N LYS A 17 -13.07 2.40 -0.91
CA LYS A 17 -13.05 3.84 -1.13
C LYS A 17 -12.45 4.53 0.11
N GLN A 18 -11.62 3.79 0.80
CA GLN A 18 -10.97 4.31 2.00
C GLN A 18 -9.46 4.45 1.77
N ARG A 19 -8.85 5.30 2.58
CA ARG A 19 -7.42 5.53 2.47
C ARG A 19 -6.82 5.81 3.85
N THR A 20 -5.55 5.47 4.00
CA THR A 20 -4.86 5.69 5.26
C THR A 20 -3.43 6.16 5.00
N VAL A 21 -3.04 7.19 5.73
CA VAL A 21 -1.70 7.75 5.60
C VAL A 21 -0.75 7.01 6.54
N VAL A 22 0.41 6.67 6.00
CA VAL A 22 1.41 5.95 6.78
C VAL A 22 2.74 6.71 6.69
N THR A 23 3.66 6.32 7.56
CA THR A 23 4.97 6.96 7.60
C THR A 23 5.92 6.24 6.62
N VAL A 24 6.85 7.03 6.08
CA VAL A 24 7.81 6.49 5.14
C VAL A 24 9.07 6.06 5.90
N ARG A 25 9.26 4.75 5.96
CA ARG A 25 10.42 4.20 6.65
C ARG A 25 11.34 3.48 5.66
N ASP A 26 12.31 2.77 6.21
CA ASP A 26 13.26 2.03 5.38
C ASP A 26 13.39 0.60 5.92
N GLY A 27 13.59 0.51 7.22
CA GLY A 27 13.75 -0.79 7.86
C GLY A 27 12.57 -1.71 7.52
N MET A 28 11.43 -1.40 8.12
CA MET A 28 10.23 -2.18 7.89
C MET A 28 10.08 -2.53 6.41
N SER A 29 9.19 -3.48 6.15
CA SER A 29 8.95 -3.92 4.78
C SER A 29 7.55 -3.48 4.34
N VAL A 30 7.18 -3.92 3.13
CA VAL A 30 5.87 -3.59 2.60
C VAL A 30 4.79 -4.28 3.42
N TYR A 31 5.02 -5.55 3.69
CA TYR A 31 4.07 -6.33 4.47
C TYR A 31 3.85 -5.71 5.86
N ASP A 32 4.95 -5.44 6.53
CA ASP A 32 4.88 -4.84 7.86
C ASP A 32 4.21 -3.47 7.76
N SER A 33 4.39 -2.83 6.62
CA SER A 33 3.79 -1.53 6.39
C SER A 33 2.28 -1.67 6.15
N LEU A 34 1.94 -2.50 5.18
CA LEU A 34 0.55 -2.73 4.84
C LEU A 34 -0.02 -3.79 5.78
N ASP A 35 0.74 -4.09 6.82
CA ASP A 35 0.31 -5.07 7.80
C ASP A 35 -0.93 -4.56 8.53
N LYS A 36 -0.80 -3.36 9.08
CA LYS A 36 -1.90 -2.74 9.80
C LYS A 36 -2.99 -2.34 8.81
N ALA A 37 -2.57 -1.65 7.76
CA ALA A 37 -3.50 -1.19 6.74
C ALA A 37 -4.53 -2.29 6.46
N LEU A 38 -4.06 -3.53 6.56
CA LEU A 38 -4.92 -4.67 6.32
C LEU A 38 -5.57 -5.09 7.64
N LYS A 39 -4.73 -5.53 8.57
CA LYS A 39 -5.21 -5.97 9.87
C LYS A 39 -6.33 -5.03 10.33
N VAL A 40 -6.00 -3.75 10.37
CA VAL A 40 -6.96 -2.74 10.79
C VAL A 40 -8.34 -3.10 10.24
N ARG A 41 -8.35 -3.48 8.97
CA ARG A 41 -9.60 -3.85 8.31
C ARG A 41 -9.90 -5.34 8.54
N GLY A 42 -8.83 -6.11 8.68
CA GLY A 42 -8.96 -7.54 8.89
C GLY A 42 -8.60 -8.32 7.64
N LEU A 43 -8.02 -7.61 6.68
CA LEU A 43 -7.63 -8.23 5.42
C LEU A 43 -6.51 -9.24 5.68
N ASN A 44 -6.03 -9.83 4.60
CA ASN A 44 -4.97 -10.82 4.71
C ASN A 44 -3.94 -10.57 3.59
N GLN A 45 -2.71 -10.96 3.87
CA GLN A 45 -1.63 -10.79 2.90
C GLN A 45 -1.56 -12.00 1.98
N ASP A 46 -2.73 -12.45 1.55
CA ASP A 46 -2.80 -13.60 0.66
C ASP A 46 -3.96 -13.38 -0.33
N CYS A 47 -5.11 -13.04 0.22
CA CYS A 47 -6.29 -12.81 -0.59
C CYS A 47 -6.39 -11.31 -0.88
N CYS A 48 -5.24 -10.66 -0.89
CA CYS A 48 -5.18 -9.24 -1.14
C CYS A 48 -3.95 -8.95 -2.01
N VAL A 49 -3.91 -7.74 -2.55
CA VAL A 49 -2.81 -7.34 -3.40
C VAL A 49 -2.60 -5.83 -3.28
N VAL A 50 -1.39 -5.40 -3.61
CA VAL A 50 -1.06 -3.98 -3.54
C VAL A 50 -0.53 -3.52 -4.90
N TYR A 51 -1.05 -2.39 -5.36
CA TYR A 51 -0.65 -1.83 -6.63
C TYR A 51 0.11 -0.52 -6.43
N ARG A 52 1.20 -0.39 -7.18
CA ARG A 52 2.02 0.81 -7.10
C ARG A 52 1.78 1.70 -8.32
N LEU A 53 1.69 2.99 -8.06
CA LEU A 53 1.46 3.96 -9.12
C LEU A 53 2.81 4.47 -9.65
N ILE A 54 3.29 3.79 -10.67
CA ILE A 54 4.56 4.15 -11.27
C ILE A 54 4.30 4.98 -12.53
N LYS A 55 3.79 4.31 -13.55
CA LYS A 55 3.49 4.97 -14.81
C LYS A 55 1.98 4.95 -15.05
N GLY A 56 1.25 5.38 -14.03
CA GLY A 56 -0.21 5.41 -14.12
C GLY A 56 -0.78 4.02 -14.33
N ARG A 57 0.01 3.02 -13.92
CA ARG A 57 -0.41 1.64 -14.05
C ARG A 57 -0.20 0.89 -12.74
N LYS A 58 -1.26 0.20 -12.32
CA LYS A 58 -1.21 -0.56 -11.08
C LYS A 58 -0.05 -1.56 -11.15
N THR A 59 1.01 -1.24 -10.44
CA THR A 59 2.18 -2.10 -10.41
C THR A 59 2.17 -2.97 -9.15
N VAL A 60 1.71 -4.20 -9.33
CA VAL A 60 1.65 -5.14 -8.22
C VAL A 60 2.99 -5.16 -7.49
N THR A 61 2.92 -4.93 -6.18
CA THR A 61 4.11 -4.91 -5.37
C THR A 61 4.18 -6.17 -4.49
N ALA A 62 5.39 -6.67 -4.33
CA ALA A 62 5.61 -7.86 -3.53
C ALA A 62 5.50 -7.50 -2.04
N TRP A 63 5.22 -8.51 -1.24
CA TRP A 63 5.09 -8.32 0.20
C TRP A 63 6.49 -8.30 0.80
N ASP A 64 7.26 -9.33 0.48
CA ASP A 64 8.62 -9.43 0.98
C ASP A 64 9.36 -8.13 0.72
N THR A 65 8.97 -7.46 -0.37
CA THR A 65 9.60 -6.21 -0.74
C THR A 65 9.68 -5.27 0.47
N ALA A 66 10.59 -4.32 0.37
CA ALA A 66 10.79 -3.36 1.46
C ALA A 66 9.99 -2.10 1.14
N ILE A 67 9.84 -1.26 2.17
CA ILE A 67 9.10 -0.03 2.03
C ILE A 67 10.09 1.13 1.86
N ALA A 68 11.37 0.79 1.89
CA ALA A 68 12.42 1.79 1.75
C ALA A 68 12.40 2.34 0.33
N PRO A 69 12.49 1.41 -0.65
CA PRO A 69 12.49 1.79 -2.05
C PRO A 69 11.08 2.19 -2.50
N LEU A 70 10.50 3.14 -1.80
CA LEU A 70 9.17 3.62 -2.11
C LEU A 70 8.74 4.66 -1.08
N ASP A 71 8.36 5.82 -1.58
CA ASP A 71 7.93 6.90 -0.71
C ASP A 71 6.98 7.83 -1.48
N GLY A 72 7.51 8.40 -2.55
CA GLY A 72 6.74 9.31 -3.38
C GLY A 72 5.85 8.53 -4.34
N GLU A 73 4.87 7.84 -3.78
CA GLU A 73 3.94 7.06 -4.57
C GLU A 73 2.67 6.77 -3.77
N GLU A 74 1.81 5.95 -4.36
CA GLU A 74 0.55 5.58 -3.71
C GLU A 74 0.24 4.11 -3.96
N LEU A 75 0.19 3.36 -2.87
CA LEU A 75 -0.09 1.93 -2.95
C LEU A 75 -1.61 1.72 -2.85
N ILE A 76 -2.10 0.82 -3.69
CA ILE A 76 -3.53 0.52 -3.70
C ILE A 76 -3.73 -0.94 -3.29
N VAL A 77 -4.35 -1.11 -2.13
CA VAL A 77 -4.61 -2.44 -1.61
C VAL A 77 -6.00 -2.90 -2.06
N GLU A 78 -6.04 -4.12 -2.59
CA GLU A 78 -7.29 -4.68 -3.06
C GLU A 78 -7.38 -6.17 -2.69
N VAL A 79 -8.58 -6.71 -2.86
CA VAL A 79 -8.80 -8.11 -2.54
C VAL A 79 -8.81 -8.94 -3.84
N LEU A 80 -8.04 -10.01 -3.82
CA LEU A 80 -7.95 -10.88 -4.98
C LEU A 80 -9.35 -11.36 -5.37
N SER A 81 -9.92 -12.18 -4.51
CA SER A 81 -11.26 -12.70 -4.74
C SER A 81 -12.26 -11.56 -4.89
N GLY A 82 -13.42 -11.90 -5.42
CA GLY A 82 -14.47 -10.91 -5.60
C GLY A 82 -15.04 -10.98 -7.03
N PRO A 83 -15.74 -9.88 -7.42
CA PRO A 83 -16.34 -9.82 -8.75
C PRO A 83 -15.26 -9.56 -9.81
N SER A 84 -15.70 -9.62 -11.07
CA SER A 84 -14.79 -9.40 -12.19
C SER A 84 -14.52 -7.90 -12.34
N SER A 85 -13.24 -7.59 -12.54
CA SER A 85 -12.83 -6.21 -12.71
C SER A 85 -12.30 -5.99 -14.13
N GLY A 86 -13.15 -5.37 -14.95
CA GLY A 86 -12.79 -5.09 -16.33
C GLY A 86 -12.57 -3.60 -16.55
N GLY A 1 0.23 25.21 -3.81
CA GLY A 1 -0.13 24.00 -3.08
C GLY A 1 -0.98 23.07 -3.96
N SER A 2 -0.29 22.28 -4.76
CA SER A 2 -0.96 21.34 -5.65
C SER A 2 -0.46 19.92 -5.38
N SER A 3 -1.38 19.08 -4.92
CA SER A 3 -1.04 17.70 -4.63
C SER A 3 -0.17 17.63 -3.36
N GLY A 4 0.97 18.28 -3.43
CA GLY A 4 1.89 18.30 -2.31
C GLY A 4 3.22 17.65 -2.68
N SER A 5 3.21 16.33 -2.75
CA SER A 5 4.40 15.58 -3.10
C SER A 5 5.54 15.94 -2.14
N SER A 6 5.72 15.08 -1.14
CA SER A 6 6.77 15.29 -0.16
C SER A 6 7.18 13.96 0.47
N GLY A 7 8.31 13.99 1.15
CA GLY A 7 8.82 12.79 1.79
C GLY A 7 8.56 12.81 3.30
N GLY A 8 7.51 12.09 3.69
CA GLY A 8 7.14 12.02 5.09
C GLY A 8 6.11 10.92 5.33
N THR A 9 5.17 10.82 4.40
CA THR A 9 4.11 9.82 4.49
C THR A 9 3.65 9.41 3.10
N VAL A 10 2.82 8.38 3.07
CA VAL A 10 2.29 7.88 1.80
C VAL A 10 0.81 7.52 1.98
N LYS A 11 0.07 7.66 0.89
CA LYS A 11 -1.35 7.36 0.93
C LYS A 11 -1.57 5.89 0.58
N VAL A 12 -2.29 5.20 1.45
CA VAL A 12 -2.57 3.79 1.25
C VAL A 12 -4.08 3.60 1.01
N TYR A 13 -4.40 3.29 -0.23
CA TYR A 13 -5.79 3.07 -0.61
C TYR A 13 -6.24 1.65 -0.27
N LEU A 14 -7.20 1.57 0.64
CA LEU A 14 -7.73 0.28 1.06
C LEU A 14 -8.89 -0.11 0.17
N PRO A 15 -9.18 -1.44 0.14
CA PRO A 15 -10.27 -1.95 -0.68
C PRO A 15 -11.62 -1.64 -0.04
N ASN A 16 -12.00 -0.37 -0.10
CA ASN A 16 -13.26 0.07 0.47
C ASN A 16 -13.38 1.59 0.31
N LYS A 17 -12.93 2.06 -0.84
CA LYS A 17 -12.99 3.49 -1.12
C LYS A 17 -12.39 4.27 0.05
N GLN A 18 -11.55 3.58 0.81
CA GLN A 18 -10.91 4.19 1.97
C GLN A 18 -9.41 4.34 1.72
N ARG A 19 -8.80 5.22 2.50
CA ARG A 19 -7.37 5.46 2.38
C ARG A 19 -6.78 5.81 3.75
N THR A 20 -5.50 5.48 3.91
CA THR A 20 -4.82 5.75 5.16
C THR A 20 -3.38 6.18 4.88
N VAL A 21 -2.98 7.26 5.54
CA VAL A 21 -1.63 7.79 5.37
C VAL A 21 -0.68 7.05 6.31
N VAL A 22 0.36 6.49 5.72
CA VAL A 22 1.36 5.76 6.50
C VAL A 22 2.70 6.49 6.43
N THR A 23 3.55 6.19 7.39
CA THR A 23 4.87 6.81 7.45
C THR A 23 5.84 6.08 6.53
N VAL A 24 6.74 6.86 5.93
CA VAL A 24 7.73 6.31 5.03
C VAL A 24 8.90 5.75 5.84
N ARG A 25 9.00 4.43 5.85
CA ARG A 25 10.07 3.76 6.58
C ARG A 25 11.12 3.23 5.61
N ASP A 26 12.31 2.99 6.14
CA ASP A 26 13.41 2.48 5.34
C ASP A 26 14.12 1.37 6.11
N GLY A 27 13.31 0.50 6.71
CA GLY A 27 13.86 -0.61 7.48
C GLY A 27 12.76 -1.63 7.82
N MET A 28 11.92 -1.88 6.83
CA MET A 28 10.83 -2.83 7.02
C MET A 28 10.24 -3.25 5.66
N SER A 29 9.56 -4.39 5.68
CA SER A 29 8.95 -4.91 4.46
C SER A 29 7.62 -4.19 4.20
N VAL A 30 7.01 -4.55 3.09
CA VAL A 30 5.73 -3.94 2.71
C VAL A 30 4.61 -4.60 3.52
N TYR A 31 4.81 -5.88 3.81
CA TYR A 31 3.81 -6.62 4.57
C TYR A 31 3.60 -6.00 5.96
N ASP A 32 4.71 -5.84 6.67
CA ASP A 32 4.66 -5.27 8.00
C ASP A 32 4.14 -3.83 7.91
N SER A 33 4.33 -3.23 6.75
CA SER A 33 3.89 -1.87 6.51
C SER A 33 2.38 -1.85 6.27
N LEU A 34 1.98 -2.51 5.20
CA LEU A 34 0.57 -2.57 4.84
C LEU A 34 -0.16 -3.47 5.83
N ASP A 35 0.62 -4.10 6.70
CA ASP A 35 0.05 -4.99 7.69
C ASP A 35 -1.17 -4.33 8.34
N LYS A 36 -0.91 -3.21 9.01
CA LYS A 36 -1.97 -2.48 9.67
C LYS A 36 -3.07 -2.16 8.65
N ALA A 37 -2.66 -1.52 7.56
CA ALA A 37 -3.61 -1.15 6.52
C ALA A 37 -4.61 -2.28 6.32
N LEU A 38 -4.14 -3.49 6.56
CA LEU A 38 -4.99 -4.67 6.41
C LEU A 38 -5.68 -4.97 7.75
N LYS A 39 -4.86 -5.06 8.79
CA LYS A 39 -5.37 -5.34 10.12
C LYS A 39 -6.66 -4.53 10.35
N VAL A 40 -6.57 -3.25 10.05
CA VAL A 40 -7.71 -2.36 10.21
C VAL A 40 -8.94 -2.99 9.54
N ARG A 41 -8.71 -3.48 8.33
CA ARG A 41 -9.78 -4.10 7.56
C ARG A 41 -9.77 -5.61 7.75
N GLY A 42 -9.07 -6.03 8.80
CA GLY A 42 -8.97 -7.45 9.10
C GLY A 42 -8.62 -8.26 7.86
N LEU A 43 -7.95 -7.59 6.93
CA LEU A 43 -7.55 -8.24 5.68
C LEU A 43 -6.34 -9.14 5.95
N ASN A 44 -5.86 -9.75 4.88
CA ASN A 44 -4.71 -10.64 4.98
C ASN A 44 -3.73 -10.32 3.84
N GLN A 45 -2.51 -10.82 4.00
CA GLN A 45 -1.48 -10.60 3.01
C GLN A 45 -1.33 -11.84 2.12
N ASP A 46 -2.47 -12.48 1.85
CA ASP A 46 -2.48 -13.67 1.03
C ASP A 46 -3.47 -13.48 -0.12
N CYS A 47 -4.67 -13.05 0.25
CA CYS A 47 -5.72 -12.82 -0.73
C CYS A 47 -5.85 -11.31 -0.96
N CYS A 48 -4.71 -10.63 -0.89
CA CYS A 48 -4.69 -9.19 -1.07
C CYS A 48 -3.44 -8.83 -1.88
N VAL A 49 -3.58 -7.79 -2.69
CA VAL A 49 -2.47 -7.34 -3.51
C VAL A 49 -2.35 -5.81 -3.42
N VAL A 50 -1.12 -5.33 -3.50
CA VAL A 50 -0.86 -3.91 -3.42
C VAL A 50 -0.33 -3.42 -4.77
N TYR A 51 -0.98 -2.38 -5.29
CA TYR A 51 -0.58 -1.81 -6.56
C TYR A 51 0.20 -0.51 -6.36
N ARG A 52 1.24 -0.35 -7.16
CA ARG A 52 2.07 0.85 -7.08
C ARG A 52 1.68 1.84 -8.17
N LEU A 53 1.59 3.10 -7.78
CA LEU A 53 1.23 4.15 -8.71
C LEU A 53 2.46 4.55 -9.53
N ILE A 54 2.50 4.07 -10.76
CA ILE A 54 3.62 4.37 -11.65
C ILE A 54 3.08 4.97 -12.95
N LYS A 55 3.06 6.30 -12.99
CA LYS A 55 2.57 7.00 -14.15
C LYS A 55 1.10 6.67 -14.37
N GLY A 56 0.39 6.51 -13.27
CA GLY A 56 -1.02 6.18 -13.33
C GLY A 56 -1.24 4.75 -13.82
N ARG A 57 -0.48 3.85 -13.23
CA ARG A 57 -0.58 2.43 -13.59
C ARG A 57 -0.36 1.56 -12.35
N LYS A 58 -1.44 0.90 -11.94
CA LYS A 58 -1.37 0.03 -10.78
C LYS A 58 -0.38 -1.10 -11.05
N THR A 59 0.79 -0.96 -10.45
CA THR A 59 1.85 -1.95 -10.61
C THR A 59 1.94 -2.84 -9.36
N VAL A 60 1.39 -4.02 -9.47
CA VAL A 60 1.40 -4.97 -8.36
C VAL A 60 2.77 -4.89 -7.66
N THR A 61 2.74 -5.13 -6.36
CA THR A 61 3.96 -5.09 -5.56
C THR A 61 4.10 -6.37 -4.75
N ALA A 62 5.30 -6.59 -4.24
CA ALA A 62 5.58 -7.77 -3.45
C ALA A 62 5.44 -7.43 -1.96
N TRP A 63 5.22 -8.46 -1.16
CA TRP A 63 5.04 -8.28 0.27
C TRP A 63 6.44 -8.29 0.90
N ASP A 64 7.27 -9.19 0.41
CA ASP A 64 8.62 -9.32 0.92
C ASP A 64 9.41 -8.05 0.61
N THR A 65 9.02 -7.40 -0.48
CA THR A 65 9.67 -6.18 -0.90
C THR A 65 9.83 -5.23 0.28
N ALA A 66 10.62 -4.19 0.06
CA ALA A 66 10.88 -3.20 1.10
C ALA A 66 9.92 -2.02 0.91
N ILE A 67 9.90 -1.15 1.91
CA ILE A 67 9.05 0.02 1.88
C ILE A 67 9.91 1.27 1.70
N ALA A 68 11.14 1.04 1.24
CA ALA A 68 12.06 2.14 1.03
C ALA A 68 11.75 2.82 -0.30
N PRO A 69 11.76 2.00 -1.38
CA PRO A 69 11.47 2.50 -2.71
C PRO A 69 9.96 2.78 -2.89
N LEU A 70 9.44 3.61 -1.99
CA LEU A 70 8.03 3.96 -2.03
C LEU A 70 7.88 5.47 -1.88
N ASP A 71 8.67 6.02 -0.97
CA ASP A 71 8.63 7.45 -0.72
C ASP A 71 8.30 8.19 -2.01
N GLY A 72 7.14 8.84 -2.01
CA GLY A 72 6.69 9.58 -3.17
C GLY A 72 5.95 8.67 -4.15
N GLU A 73 4.91 8.03 -3.64
CA GLU A 73 4.11 7.12 -4.45
C GLU A 73 2.76 6.86 -3.77
N GLU A 74 2.04 5.90 -4.32
CA GLU A 74 0.74 5.53 -3.79
C GLU A 74 0.50 4.03 -3.96
N LEU A 75 0.25 3.37 -2.83
CA LEU A 75 0.01 1.93 -2.84
C LEU A 75 -1.50 1.68 -2.69
N ILE A 76 -2.01 0.84 -3.58
CA ILE A 76 -3.44 0.51 -3.55
C ILE A 76 -3.60 -0.94 -3.10
N VAL A 77 -4.19 -1.10 -1.92
CA VAL A 77 -4.41 -2.43 -1.37
C VAL A 77 -5.76 -2.95 -1.85
N GLU A 78 -5.74 -4.16 -2.39
CA GLU A 78 -6.96 -4.78 -2.89
C GLU A 78 -7.00 -6.26 -2.49
N VAL A 79 -8.18 -6.85 -2.66
CA VAL A 79 -8.36 -8.25 -2.33
C VAL A 79 -8.36 -9.09 -3.60
N LEU A 80 -7.56 -10.15 -3.58
CA LEU A 80 -7.46 -11.03 -4.73
C LEU A 80 -8.83 -11.60 -5.06
N SER A 81 -9.28 -11.31 -6.28
CA SER A 81 -10.58 -11.79 -6.72
C SER A 81 -10.61 -11.83 -8.25
N GLY A 82 -10.28 -10.70 -8.86
CA GLY A 82 -10.27 -10.59 -10.31
C GLY A 82 -11.37 -9.65 -10.79
N PRO A 83 -11.14 -9.09 -12.02
CA PRO A 83 -12.10 -8.17 -12.60
C PRO A 83 -13.32 -8.92 -13.14
N SER A 84 -14.38 -8.16 -13.38
CA SER A 84 -15.61 -8.74 -13.89
C SER A 84 -16.57 -7.62 -14.33
N SER A 85 -16.93 -6.80 -13.35
CA SER A 85 -17.83 -5.69 -13.62
C SER A 85 -17.29 -4.83 -14.77
N GLY A 86 -17.94 -4.97 -15.92
CA GLY A 86 -17.53 -4.21 -17.09
C GLY A 86 -16.17 -4.69 -17.61
N GLY A 1 -1.82 14.51 12.31
CA GLY A 1 -0.45 14.01 12.21
C GLY A 1 0.54 15.17 12.10
N SER A 2 1.77 14.87 12.49
CA SER A 2 2.83 15.87 12.46
C SER A 2 3.01 16.38 11.02
N SER A 3 2.65 17.64 10.82
CA SER A 3 2.77 18.26 9.51
C SER A 3 3.56 19.56 9.63
N GLY A 4 4.56 19.68 8.76
CA GLY A 4 5.40 20.87 8.74
C GLY A 4 5.80 21.24 7.31
N SER A 5 7.00 21.78 7.19
CA SER A 5 7.51 22.19 5.89
C SER A 5 7.45 21.01 4.92
N SER A 6 8.24 19.99 5.24
CA SER A 6 8.30 18.80 4.40
C SER A 6 7.63 17.63 5.12
N GLY A 7 6.90 16.83 4.35
CA GLY A 7 6.22 15.67 4.90
C GLY A 7 7.13 14.44 4.89
N GLY A 8 6.51 13.28 5.04
CA GLY A 8 7.24 12.03 5.04
C GLY A 8 6.31 10.84 5.23
N THR A 9 5.27 10.81 4.40
CA THR A 9 4.29 9.74 4.46
C THR A 9 3.81 9.38 3.05
N VAL A 10 2.92 8.40 3.01
CA VAL A 10 2.38 7.95 1.74
C VAL A 10 0.89 7.63 1.90
N LYS A 11 0.15 7.82 0.82
CA LYS A 11 -1.28 7.56 0.83
C LYS A 11 -1.54 6.13 0.40
N VAL A 12 -2.37 5.44 1.18
CA VAL A 12 -2.70 4.06 0.88
C VAL A 12 -4.21 3.94 0.65
N TYR A 13 -4.57 3.13 -0.34
CA TYR A 13 -5.97 2.93 -0.67
C TYR A 13 -6.41 1.51 -0.32
N LEU A 14 -7.33 1.43 0.64
CA LEU A 14 -7.84 0.15 1.08
C LEU A 14 -9.03 -0.25 0.20
N PRO A 15 -9.29 -1.58 0.16
CA PRO A 15 -10.39 -2.10 -0.65
C PRO A 15 -11.73 -1.83 0.03
N ASN A 16 -11.97 -0.55 0.31
CA ASN A 16 -13.21 -0.14 0.95
C ASN A 16 -13.48 1.33 0.62
N LYS A 17 -12.93 1.78 -0.50
CA LYS A 17 -13.11 3.15 -0.91
C LYS A 17 -12.48 4.08 0.12
N GLN A 18 -11.69 3.49 1.00
CA GLN A 18 -11.03 4.25 2.04
C GLN A 18 -9.52 4.29 1.80
N ARG A 19 -8.85 5.18 2.52
CA ARG A 19 -7.41 5.32 2.38
C ARG A 19 -6.78 5.68 3.73
N THR A 20 -5.50 5.37 3.86
CA THR A 20 -4.78 5.65 5.09
C THR A 20 -3.38 6.17 4.77
N VAL A 21 -2.93 7.09 5.61
CA VAL A 21 -1.60 7.68 5.43
C VAL A 21 -0.59 6.89 6.27
N VAL A 22 0.42 6.38 5.58
CA VAL A 22 1.46 5.59 6.24
C VAL A 22 2.76 6.40 6.23
N THR A 23 3.70 5.95 7.06
CA THR A 23 4.98 6.61 7.16
C THR A 23 6.02 5.89 6.30
N VAL A 24 6.87 6.69 5.65
CA VAL A 24 7.90 6.14 4.80
C VAL A 24 9.14 5.83 5.64
N ARG A 25 9.39 4.54 5.80
CA ARG A 25 10.54 4.10 6.59
C ARG A 25 11.53 3.36 5.69
N ASP A 26 12.80 3.46 6.05
CA ASP A 26 13.86 2.81 5.30
C ASP A 26 14.35 1.59 6.07
N GLY A 27 13.55 0.55 6.07
CA GLY A 27 13.89 -0.68 6.77
C GLY A 27 12.75 -1.69 6.70
N MET A 28 11.60 -1.27 7.19
CA MET A 28 10.42 -2.12 7.19
C MET A 28 10.07 -2.58 5.77
N SER A 29 9.20 -3.57 5.69
CA SER A 29 8.78 -4.10 4.41
C SER A 29 7.39 -3.59 4.07
N VAL A 30 6.81 -4.16 3.03
CA VAL A 30 5.48 -3.77 2.59
C VAL A 30 4.43 -4.43 3.46
N TYR A 31 4.74 -5.67 3.86
CA TYR A 31 3.83 -6.43 4.70
C TYR A 31 3.73 -5.80 6.10
N ASP A 32 4.89 -5.60 6.72
CA ASP A 32 4.95 -5.01 8.04
C ASP A 32 4.36 -3.60 7.99
N SER A 33 4.21 -3.09 6.78
CA SER A 33 3.66 -1.76 6.58
C SER A 33 2.15 -1.84 6.39
N LEU A 34 1.75 -2.55 5.34
CA LEU A 34 0.34 -2.70 5.04
C LEU A 34 -0.30 -3.65 6.06
N ASP A 35 0.56 -4.20 6.92
CA ASP A 35 0.09 -5.12 7.95
C ASP A 35 -1.14 -4.53 8.63
N LYS A 36 -0.93 -3.39 9.28
CA LYS A 36 -2.02 -2.73 9.97
C LYS A 36 -3.13 -2.39 8.97
N ALA A 37 -2.74 -1.69 7.91
CA ALA A 37 -3.68 -1.31 6.88
C ALA A 37 -4.65 -2.47 6.62
N LEU A 38 -4.13 -3.67 6.77
CA LEU A 38 -4.92 -4.86 6.54
C LEU A 38 -5.54 -5.31 7.87
N LYS A 39 -4.68 -5.49 8.86
CA LYS A 39 -5.13 -5.90 10.17
C LYS A 39 -6.32 -5.05 10.61
N VAL A 40 -6.27 -3.78 10.20
CA VAL A 40 -7.33 -2.85 10.54
C VAL A 40 -8.65 -3.35 9.96
N ARG A 41 -8.55 -4.03 8.82
CA ARG A 41 -9.73 -4.57 8.17
C ARG A 41 -9.73 -6.10 8.26
N GLY A 42 -8.72 -6.62 8.95
CA GLY A 42 -8.59 -8.05 9.12
C GLY A 42 -8.34 -8.75 7.78
N LEU A 43 -7.81 -7.97 6.85
CA LEU A 43 -7.49 -8.49 5.53
C LEU A 43 -6.30 -9.44 5.62
N ASN A 44 -6.14 -10.25 4.58
CA ASN A 44 -5.06 -11.21 4.53
C ASN A 44 -3.95 -10.68 3.61
N GLN A 45 -2.76 -11.23 3.79
CA GLN A 45 -1.62 -10.83 2.97
C GLN A 45 -1.43 -11.80 1.81
N ASP A 46 -2.51 -12.48 1.46
CA ASP A 46 -2.47 -13.45 0.38
C ASP A 46 -3.63 -13.16 -0.58
N CYS A 47 -4.79 -12.90 0.01
CA CYS A 47 -5.98 -12.62 -0.78
C CYS A 47 -6.06 -11.11 -1.00
N CYS A 48 -4.92 -10.46 -0.83
CA CYS A 48 -4.86 -9.01 -1.01
C CYS A 48 -3.58 -8.69 -1.78
N VAL A 49 -3.67 -7.62 -2.59
CA VAL A 49 -2.53 -7.20 -3.38
C VAL A 49 -2.35 -5.69 -3.23
N VAL A 50 -1.15 -5.23 -3.54
CA VAL A 50 -0.84 -3.82 -3.45
C VAL A 50 -0.27 -3.34 -4.79
N TYR A 51 -0.94 -2.33 -5.34
CA TYR A 51 -0.52 -1.77 -6.61
C TYR A 51 0.24 -0.46 -6.41
N ARG A 52 1.30 -0.30 -7.19
CA ARG A 52 2.12 0.89 -7.11
C ARG A 52 1.81 1.84 -8.27
N LEU A 53 1.64 3.11 -7.93
CA LEU A 53 1.34 4.12 -8.93
C LEU A 53 2.61 4.48 -9.70
N ILE A 54 2.70 3.95 -10.91
CA ILE A 54 3.86 4.19 -11.75
C ILE A 54 3.38 4.72 -13.11
N LYS A 55 3.35 6.05 -13.22
CA LYS A 55 2.92 6.69 -14.44
C LYS A 55 1.42 6.47 -14.63
N GLY A 56 0.74 6.24 -13.52
CA GLY A 56 -0.69 6.02 -13.53
C GLY A 56 -1.02 4.58 -13.95
N ARG A 57 -0.18 3.67 -13.49
CA ARG A 57 -0.37 2.26 -13.79
C ARG A 57 -0.17 1.41 -12.54
N LYS A 58 -1.26 0.81 -12.09
CA LYS A 58 -1.22 -0.03 -10.90
C LYS A 58 -0.20 -1.15 -11.11
N THR A 59 0.94 -0.99 -10.43
CA THR A 59 2.01 -1.97 -10.53
C THR A 59 2.07 -2.83 -9.26
N VAL A 60 1.49 -4.01 -9.35
CA VAL A 60 1.47 -4.92 -8.22
C VAL A 60 2.83 -4.86 -7.50
N THR A 61 2.79 -5.19 -6.21
CA THR A 61 4.00 -5.17 -5.41
C THR A 61 4.07 -6.41 -4.52
N ALA A 62 5.29 -6.82 -4.23
CA ALA A 62 5.51 -8.00 -3.39
C ALA A 62 5.32 -7.61 -1.93
N TRP A 63 5.12 -8.63 -1.10
CA TRP A 63 4.93 -8.41 0.32
C TRP A 63 6.31 -8.45 0.99
N ASP A 64 7.15 -9.33 0.49
CA ASP A 64 8.49 -9.46 1.03
C ASP A 64 9.31 -8.22 0.70
N THR A 65 9.00 -7.64 -0.45
CA THR A 65 9.68 -6.43 -0.89
C THR A 65 9.79 -5.42 0.25
N ALA A 66 10.56 -4.38 0.00
CA ALA A 66 10.75 -3.33 1.00
C ALA A 66 9.84 -2.14 0.67
N ILE A 67 9.67 -1.28 1.66
CA ILE A 67 8.83 -0.10 1.49
C ILE A 67 9.73 1.13 1.34
N ALA A 68 11.02 0.87 1.18
CA ALA A 68 11.98 1.94 1.02
C ALA A 68 11.78 2.61 -0.34
N PRO A 69 11.84 1.77 -1.40
CA PRO A 69 11.66 2.26 -2.76
C PRO A 69 10.19 2.59 -3.04
N LEU A 70 9.63 3.43 -2.18
CA LEU A 70 8.23 3.81 -2.33
C LEU A 70 8.08 5.28 -1.90
N ASP A 71 9.18 6.01 -2.00
CA ASP A 71 9.18 7.41 -1.63
C ASP A 71 8.43 8.21 -2.69
N GLY A 72 7.41 8.92 -2.24
CA GLY A 72 6.60 9.74 -3.15
C GLY A 72 5.84 8.85 -4.14
N GLU A 73 4.78 8.24 -3.64
CA GLU A 73 3.96 7.38 -4.48
C GLU A 73 2.62 7.10 -3.79
N GLU A 74 1.91 6.12 -4.33
CA GLU A 74 0.61 5.75 -3.79
C GLU A 74 0.34 4.26 -4.03
N LEU A 75 0.22 3.53 -2.94
CA LEU A 75 -0.04 2.10 -3.02
C LEU A 75 -1.54 1.85 -2.88
N ILE A 76 -2.03 0.95 -3.71
CA ILE A 76 -3.45 0.60 -3.69
C ILE A 76 -3.61 -0.84 -3.23
N VAL A 77 -4.23 -0.99 -2.07
CA VAL A 77 -4.46 -2.31 -1.50
C VAL A 77 -5.84 -2.82 -1.95
N GLU A 78 -5.83 -4.00 -2.55
CA GLU A 78 -7.05 -4.61 -3.03
C GLU A 78 -7.12 -6.08 -2.60
N VAL A 79 -8.29 -6.67 -2.80
CA VAL A 79 -8.50 -8.06 -2.44
C VAL A 79 -8.51 -8.91 -3.70
N LEU A 80 -7.78 -10.01 -3.65
CA LEU A 80 -7.70 -10.92 -4.78
C LEU A 80 -9.10 -11.43 -5.13
N SER A 81 -9.59 -10.99 -6.28
CA SER A 81 -10.91 -11.39 -6.73
C SER A 81 -10.97 -11.38 -8.26
N GLY A 82 -11.74 -12.31 -8.80
CA GLY A 82 -11.88 -12.41 -10.24
C GLY A 82 -10.73 -13.21 -10.86
N PRO A 83 -11.08 -14.01 -11.90
CA PRO A 83 -10.09 -14.83 -12.58
C PRO A 83 -9.19 -13.97 -13.49
N SER A 84 -8.35 -13.18 -12.85
CA SER A 84 -7.44 -12.32 -13.58
C SER A 84 -8.23 -11.37 -14.48
N SER A 85 -8.59 -10.22 -13.92
CA SER A 85 -9.34 -9.22 -14.65
C SER A 85 -8.99 -7.83 -14.14
N GLY A 86 -9.42 -6.83 -14.92
CA GLY A 86 -9.15 -5.44 -14.56
C GLY A 86 -7.76 -5.02 -15.02
N GLY A 1 8.58 15.03 -8.70
CA GLY A 1 7.35 14.39 -9.11
C GLY A 1 6.19 14.76 -8.17
N SER A 2 5.20 15.42 -8.74
CA SER A 2 4.04 15.84 -7.96
C SER A 2 4.49 16.53 -6.68
N SER A 3 4.53 17.86 -6.74
CA SER A 3 4.94 18.65 -5.60
C SER A 3 6.38 18.32 -5.21
N GLY A 4 6.52 17.22 -4.48
CA GLY A 4 7.84 16.78 -4.04
C GLY A 4 8.17 17.35 -2.65
N SER A 5 8.75 16.49 -1.82
CA SER A 5 9.12 16.89 -0.48
C SER A 5 7.89 17.41 0.28
N SER A 6 7.25 16.50 0.98
CA SER A 6 6.07 16.84 1.75
C SER A 6 5.91 15.89 2.95
N GLY A 7 6.13 16.44 4.13
CA GLY A 7 6.01 15.66 5.35
C GLY A 7 6.84 14.37 5.25
N GLY A 8 6.28 13.31 5.81
CA GLY A 8 6.96 12.02 5.80
C GLY A 8 5.95 10.88 5.96
N THR A 9 5.08 10.75 4.98
CA THR A 9 4.06 9.71 5.01
C THR A 9 3.64 9.34 3.58
N VAL A 10 2.85 8.28 3.49
CA VAL A 10 2.37 7.81 2.19
C VAL A 10 0.88 7.48 2.30
N LYS A 11 0.18 7.72 1.20
CA LYS A 11 -1.26 7.46 1.16
C LYS A 11 -1.49 6.04 0.62
N VAL A 12 -2.31 5.30 1.35
CA VAL A 12 -2.62 3.94 0.96
C VAL A 12 -4.13 3.80 0.73
N TYR A 13 -4.48 3.42 -0.48
CA TYR A 13 -5.88 3.25 -0.84
C TYR A 13 -6.37 1.84 -0.49
N LEU A 14 -7.33 1.79 0.42
CA LEU A 14 -7.89 0.51 0.84
C LEU A 14 -9.07 0.15 -0.07
N PRO A 15 -9.40 -1.16 -0.08
CA PRO A 15 -10.51 -1.65 -0.90
C PRO A 15 -11.85 -1.27 -0.29
N ASN A 16 -12.18 0.00 -0.39
CA ASN A 16 -13.43 0.50 0.14
C ASN A 16 -13.48 2.03 0.00
N LYS A 17 -13.00 2.49 -1.14
CA LYS A 17 -12.98 3.92 -1.40
C LYS A 17 -12.39 4.65 -0.20
N GLN A 18 -11.59 3.92 0.57
CA GLN A 18 -10.96 4.49 1.76
C GLN A 18 -9.44 4.61 1.54
N ARG A 19 -8.83 5.41 2.38
CA ARG A 19 -7.40 5.62 2.30
C ARG A 19 -6.80 5.83 3.70
N THR A 20 -5.53 5.49 3.84
CA THR A 20 -4.85 5.64 5.10
C THR A 20 -3.42 6.11 4.89
N VAL A 21 -3.01 7.07 5.72
CA VAL A 21 -1.66 7.62 5.63
C VAL A 21 -0.73 6.84 6.57
N VAL A 22 0.36 6.35 5.99
CA VAL A 22 1.33 5.59 6.75
C VAL A 22 2.66 6.36 6.79
N THR A 23 3.49 5.98 7.74
CA THR A 23 4.79 6.61 7.89
C THR A 23 5.84 5.91 7.03
N VAL A 24 6.62 6.71 6.31
CA VAL A 24 7.66 6.17 5.46
C VAL A 24 8.91 5.90 6.29
N ARG A 25 9.19 4.62 6.47
CA ARG A 25 10.35 4.21 7.25
C ARG A 25 11.42 3.62 6.32
N ASP A 26 12.56 3.32 6.91
CA ASP A 26 13.68 2.75 6.17
C ASP A 26 14.26 1.57 6.94
N GLY A 27 13.38 0.70 7.37
CA GLY A 27 13.80 -0.48 8.12
C GLY A 27 12.64 -1.47 8.29
N MET A 28 11.93 -1.68 7.19
CA MET A 28 10.80 -2.60 7.20
C MET A 28 10.31 -2.87 5.77
N SER A 29 9.54 -3.94 5.65
CA SER A 29 9.01 -4.32 4.36
C SER A 29 7.62 -3.71 4.15
N VAL A 30 7.01 -4.03 3.02
CA VAL A 30 5.69 -3.52 2.70
C VAL A 30 4.64 -4.31 3.48
N TYR A 31 4.98 -5.57 3.77
CA TYR A 31 4.08 -6.44 4.49
C TYR A 31 3.82 -5.89 5.91
N ASP A 32 4.90 -5.71 6.64
CA ASP A 32 4.81 -5.20 8.00
C ASP A 32 4.21 -3.79 7.96
N SER A 33 4.42 -3.13 6.85
CA SER A 33 3.90 -1.77 6.68
C SER A 33 2.40 -1.81 6.42
N LEU A 34 2.04 -2.44 5.31
CA LEU A 34 0.64 -2.55 4.94
C LEU A 34 -0.08 -3.47 5.93
N ASP A 35 0.73 -4.18 6.71
CA ASP A 35 0.18 -5.10 7.70
C ASP A 35 -1.01 -4.45 8.39
N LYS A 36 -0.71 -3.50 9.27
CA LYS A 36 -1.75 -2.80 9.99
C LYS A 36 -2.81 -2.28 9.01
N ALA A 37 -2.33 -1.72 7.91
CA ALA A 37 -3.20 -1.19 6.88
C ALA A 37 -4.29 -2.22 6.57
N LEU A 38 -3.92 -3.48 6.74
CA LEU A 38 -4.86 -4.57 6.48
C LEU A 38 -5.60 -4.91 7.78
N LYS A 39 -4.82 -5.25 8.79
CA LYS A 39 -5.39 -5.61 10.09
C LYS A 39 -6.48 -4.61 10.44
N VAL A 40 -6.13 -3.33 10.38
CA VAL A 40 -7.07 -2.27 10.70
C VAL A 40 -8.46 -2.65 10.18
N ARG A 41 -8.48 -3.09 8.93
CA ARG A 41 -9.73 -3.50 8.30
C ARG A 41 -10.02 -4.97 8.59
N GLY A 42 -8.95 -5.75 8.71
CA GLY A 42 -9.08 -7.17 8.97
C GLY A 42 -8.66 -8.00 7.77
N LEU A 43 -8.06 -7.32 6.80
CA LEU A 43 -7.60 -7.98 5.59
C LEU A 43 -6.45 -8.92 5.93
N ASN A 44 -5.97 -9.61 4.90
CA ASN A 44 -4.87 -10.54 5.08
C ASN A 44 -3.81 -10.29 4.00
N GLN A 45 -2.61 -10.75 4.28
CA GLN A 45 -1.50 -10.58 3.34
C GLN A 45 -1.37 -11.83 2.46
N ASP A 46 -2.51 -12.33 2.02
CA ASP A 46 -2.54 -13.50 1.16
C ASP A 46 -3.61 -13.32 0.09
N CYS A 47 -4.79 -12.89 0.53
CA CYS A 47 -5.90 -12.68 -0.37
C CYS A 47 -6.02 -11.16 -0.64
N CYS A 48 -4.87 -10.51 -0.64
CA CYS A 48 -4.83 -9.07 -0.87
C CYS A 48 -3.60 -8.77 -1.72
N VAL A 49 -3.71 -7.69 -2.50
CA VAL A 49 -2.62 -7.27 -3.37
C VAL A 49 -2.48 -5.76 -3.30
N VAL A 50 -1.24 -5.30 -3.46
CA VAL A 50 -0.95 -3.88 -3.43
C VAL A 50 -0.40 -3.44 -4.79
N TYR A 51 -1.07 -2.44 -5.35
CA TYR A 51 -0.66 -1.91 -6.65
C TYR A 51 0.07 -0.58 -6.50
N ARG A 52 1.11 -0.41 -7.29
CA ARG A 52 1.90 0.81 -7.25
C ARG A 52 1.59 1.68 -8.47
N LEU A 53 1.40 2.96 -8.22
CA LEU A 53 1.10 3.90 -9.28
C LEU A 53 2.41 4.32 -9.97
N ILE A 54 2.62 3.75 -11.15
CA ILE A 54 3.81 4.06 -11.91
C ILE A 54 3.42 4.58 -13.29
N LYS A 55 3.60 5.87 -13.48
CA LYS A 55 3.25 6.50 -14.75
C LYS A 55 1.75 6.72 -14.82
N GLY A 56 1.01 5.63 -14.64
CA GLY A 56 -0.43 5.68 -14.68
C GLY A 56 -1.03 4.28 -14.83
N ARG A 57 -0.43 3.33 -14.12
CA ARG A 57 -0.89 1.96 -14.17
C ARG A 57 -0.62 1.27 -12.84
N LYS A 58 -1.44 0.26 -12.54
CA LYS A 58 -1.31 -0.49 -11.31
C LYS A 58 -0.15 -1.48 -11.44
N THR A 59 0.89 -1.24 -10.67
CA THR A 59 2.06 -2.10 -10.69
C THR A 59 2.12 -2.96 -9.43
N VAL A 60 1.73 -4.21 -9.59
CA VAL A 60 1.73 -5.15 -8.48
C VAL A 60 3.07 -5.04 -7.73
N THR A 61 2.96 -5.05 -6.41
CA THR A 61 4.15 -4.96 -5.57
C THR A 61 4.37 -6.28 -4.81
N ALA A 62 5.58 -6.43 -4.29
CA ALA A 62 5.93 -7.62 -3.54
C ALA A 62 5.89 -7.31 -2.04
N TRP A 63 5.32 -8.24 -1.30
CA TRP A 63 5.20 -8.09 0.15
C TRP A 63 6.61 -8.05 0.72
N ASP A 64 7.53 -8.69 0.01
CA ASP A 64 8.91 -8.74 0.44
C ASP A 64 9.56 -7.37 0.25
N THR A 65 9.21 -6.74 -0.87
CA THR A 65 9.74 -5.42 -1.18
C THR A 65 9.83 -4.57 0.08
N ALA A 66 10.67 -3.54 0.00
CA ALA A 66 10.87 -2.64 1.13
C ALA A 66 9.83 -1.52 1.06
N ILE A 67 9.85 -0.68 2.07
CA ILE A 67 8.92 0.44 2.14
C ILE A 67 9.70 1.75 2.10
N ALA A 68 11.02 1.62 1.96
CA ALA A 68 11.89 2.78 1.91
C ALA A 68 11.79 3.43 0.53
N PRO A 69 12.05 2.60 -0.51
CA PRO A 69 12.00 3.08 -1.88
C PRO A 69 10.54 3.24 -2.34
N LEU A 70 9.80 4.03 -1.57
CA LEU A 70 8.40 4.28 -1.88
C LEU A 70 8.03 5.68 -1.40
N ASP A 71 9.03 6.54 -1.33
CA ASP A 71 8.81 7.91 -0.88
C ASP A 71 8.12 8.69 -1.99
N GLY A 72 7.02 9.35 -1.62
CA GLY A 72 6.26 10.13 -2.57
C GLY A 72 5.60 9.24 -3.62
N GLU A 73 4.59 8.51 -3.17
CA GLU A 73 3.87 7.61 -4.06
C GLU A 73 2.51 7.22 -3.45
N GLU A 74 1.84 6.31 -4.12
CA GLU A 74 0.54 5.84 -3.65
C GLU A 74 0.32 4.38 -4.06
N LEU A 75 -0.07 3.58 -3.07
CA LEU A 75 -0.33 2.17 -3.33
C LEU A 75 -1.82 1.89 -3.18
N ILE A 76 -2.27 0.87 -3.89
CA ILE A 76 -3.67 0.49 -3.85
C ILE A 76 -3.79 -0.95 -3.32
N VAL A 77 -4.39 -1.06 -2.15
CA VAL A 77 -4.56 -2.36 -1.52
C VAL A 77 -5.95 -2.91 -1.88
N GLU A 78 -5.95 -4.09 -2.47
CA GLU A 78 -7.20 -4.74 -2.87
C GLU A 78 -7.19 -6.20 -2.45
N VAL A 79 -8.34 -6.84 -2.62
CA VAL A 79 -8.49 -8.24 -2.27
C VAL A 79 -8.36 -9.10 -3.53
N LEU A 80 -7.55 -10.13 -3.41
CA LEU A 80 -7.32 -11.03 -4.53
C LEU A 80 -8.66 -11.63 -4.97
N SER A 81 -9.24 -12.45 -4.10
CA SER A 81 -10.51 -13.08 -4.40
C SER A 81 -11.65 -12.09 -4.15
N GLY A 82 -11.88 -11.26 -5.15
CA GLY A 82 -12.95 -10.27 -5.06
C GLY A 82 -13.60 -10.03 -6.42
N PRO A 83 -14.64 -9.17 -6.42
CA PRO A 83 -15.36 -8.85 -7.64
C PRO A 83 -14.54 -7.91 -8.52
N SER A 84 -14.78 -7.99 -9.82
CA SER A 84 -14.08 -7.16 -10.78
C SER A 84 -15.01 -6.75 -11.91
N SER A 85 -15.39 -5.48 -11.91
CA SER A 85 -16.29 -4.96 -12.93
C SER A 85 -15.54 -4.85 -14.27
N GLY A 86 -14.46 -4.09 -14.25
CA GLY A 86 -13.67 -3.90 -15.45
C GLY A 86 -13.80 -2.47 -15.98
N GLY A 1 12.67 24.43 16.78
CA GLY A 1 12.00 24.37 15.49
C GLY A 1 10.76 23.48 15.57
N SER A 2 10.72 22.50 14.67
CA SER A 2 9.60 21.59 14.61
C SER A 2 9.91 20.33 15.45
N SER A 3 8.99 20.01 16.33
CA SER A 3 9.14 18.85 17.20
C SER A 3 8.50 17.63 16.55
N GLY A 4 9.31 16.89 15.81
CA GLY A 4 8.83 15.70 15.13
C GLY A 4 9.38 15.61 13.70
N SER A 5 8.46 15.73 12.75
CA SER A 5 8.84 15.67 11.35
C SER A 5 7.60 15.87 10.46
N SER A 6 7.71 16.83 9.56
CA SER A 6 6.61 17.13 8.66
C SER A 6 6.95 16.66 7.24
N GLY A 7 5.98 16.01 6.62
CA GLY A 7 6.18 15.51 5.26
C GLY A 7 7.06 14.26 5.26
N GLY A 8 6.41 13.12 5.46
CA GLY A 8 7.13 11.85 5.49
C GLY A 8 6.17 10.69 5.64
N THR A 9 5.16 10.66 4.77
CA THR A 9 4.17 9.59 4.80
C THR A 9 3.72 9.24 3.39
N VAL A 10 2.83 8.27 3.31
CA VAL A 10 2.32 7.82 2.03
C VAL A 10 0.84 7.46 2.17
N LYS A 11 0.10 7.71 1.10
CA LYS A 11 -1.33 7.41 1.09
C LYS A 11 -1.54 5.98 0.59
N VAL A 12 -2.30 5.22 1.38
CA VAL A 12 -2.60 3.85 1.04
C VAL A 12 -4.10 3.68 0.81
N TYR A 13 -4.46 3.43 -0.43
CA TYR A 13 -5.86 3.25 -0.79
C TYR A 13 -6.33 1.83 -0.46
N LEU A 14 -7.27 1.75 0.48
CA LEU A 14 -7.80 0.46 0.89
C LEU A 14 -8.95 0.07 -0.05
N PRO A 15 -9.31 -1.24 0.00
CA PRO A 15 -10.38 -1.75 -0.84
C PRO A 15 -11.74 -1.31 -0.31
N ASN A 16 -11.72 -0.68 0.85
CA ASN A 16 -12.95 -0.21 1.48
C ASN A 16 -13.22 1.23 1.03
N LYS A 17 -12.94 1.49 -0.24
CA LYS A 17 -13.15 2.82 -0.79
C LYS A 17 -12.62 3.86 0.20
N GLN A 18 -11.64 3.44 0.98
CA GLN A 18 -11.04 4.33 1.96
C GLN A 18 -9.54 4.45 1.72
N ARG A 19 -8.92 5.32 2.50
CA ARG A 19 -7.49 5.55 2.38
C ARG A 19 -6.85 5.71 3.77
N THR A 20 -5.58 5.35 3.86
CA THR A 20 -4.85 5.46 5.11
C THR A 20 -3.42 5.93 4.85
N VAL A 21 -3.03 6.96 5.58
CA VAL A 21 -1.70 7.52 5.45
C VAL A 21 -0.75 6.77 6.40
N VAL A 22 0.26 6.15 5.80
CA VAL A 22 1.24 5.41 6.56
C VAL A 22 2.57 6.17 6.57
N THR A 23 3.39 5.87 7.57
CA THR A 23 4.68 6.52 7.69
C THR A 23 5.73 5.78 6.86
N VAL A 24 6.71 6.54 6.40
CA VAL A 24 7.78 5.98 5.59
C VAL A 24 8.99 5.68 6.47
N ARG A 25 9.24 4.39 6.67
CA ARG A 25 10.36 3.96 7.49
C ARG A 25 11.36 3.16 6.66
N ASP A 26 12.34 3.88 6.13
CA ASP A 26 13.37 3.24 5.31
C ASP A 26 13.99 2.09 6.09
N GLY A 27 13.41 0.91 5.91
CA GLY A 27 13.91 -0.28 6.59
C GLY A 27 12.88 -1.41 6.56
N MET A 28 11.76 -1.18 7.24
CA MET A 28 10.71 -2.16 7.29
C MET A 28 10.23 -2.52 5.88
N SER A 29 9.51 -3.63 5.80
CA SER A 29 8.99 -4.09 4.52
C SER A 29 7.60 -3.52 4.29
N VAL A 30 7.06 -3.82 3.12
CA VAL A 30 5.73 -3.33 2.75
C VAL A 30 4.68 -4.18 3.46
N TYR A 31 5.04 -5.44 3.71
CA TYR A 31 4.13 -6.36 4.38
C TYR A 31 3.81 -5.89 5.79
N ASP A 32 4.86 -5.72 6.58
CA ASP A 32 4.71 -5.28 7.95
C ASP A 32 4.06 -3.88 7.96
N SER A 33 4.27 -3.17 6.87
CA SER A 33 3.71 -1.83 6.74
C SER A 33 2.20 -1.91 6.46
N LEU A 34 1.87 -2.52 5.33
CA LEU A 34 0.49 -2.67 4.94
C LEU A 34 -0.22 -3.60 5.92
N ASP A 35 0.58 -4.39 6.63
CA ASP A 35 0.05 -5.32 7.61
C ASP A 35 -1.02 -4.62 8.43
N LYS A 36 -0.63 -3.52 9.07
CA LYS A 36 -1.55 -2.76 9.88
C LYS A 36 -2.71 -2.25 9.02
N ALA A 37 -2.35 -1.55 7.95
CA ALA A 37 -3.35 -1.02 7.05
C ALA A 37 -4.42 -2.08 6.78
N LEU A 38 -4.01 -3.33 6.90
CA LEU A 38 -4.91 -4.44 6.67
C LEU A 38 -5.57 -4.83 8.00
N LYS A 39 -4.74 -5.18 8.96
CA LYS A 39 -5.22 -5.57 10.28
C LYS A 39 -6.33 -4.60 10.71
N VAL A 40 -6.04 -3.32 10.58
CA VAL A 40 -7.00 -2.30 10.94
C VAL A 40 -8.40 -2.74 10.53
N ARG A 41 -8.47 -3.37 9.36
CA ARG A 41 -9.74 -3.84 8.83
C ARG A 41 -9.87 -5.35 9.07
N GLY A 42 -8.73 -6.01 9.11
CA GLY A 42 -8.70 -7.45 9.33
C GLY A 42 -8.32 -8.19 8.05
N LEU A 43 -7.90 -7.42 7.05
CA LEU A 43 -7.51 -7.98 5.78
C LEU A 43 -6.32 -8.92 5.99
N ASN A 44 -6.08 -9.77 5.00
CA ASN A 44 -4.98 -10.71 5.06
C ASN A 44 -3.94 -10.34 4.01
N GLN A 45 -2.67 -10.52 4.38
CA GLN A 45 -1.57 -10.21 3.48
C GLN A 45 -1.27 -11.40 2.58
N ASP A 46 -2.34 -11.99 2.04
CA ASP A 46 -2.20 -13.13 1.17
C ASP A 46 -3.28 -13.07 0.07
N CYS A 47 -4.51 -12.84 0.51
CA CYS A 47 -5.63 -12.75 -0.40
C CYS A 47 -5.80 -11.28 -0.81
N CYS A 48 -4.77 -10.49 -0.53
CA CYS A 48 -4.81 -9.08 -0.85
C CYS A 48 -3.58 -8.76 -1.72
N VAL A 49 -3.67 -7.62 -2.40
CA VAL A 49 -2.58 -7.19 -3.27
C VAL A 49 -2.44 -5.67 -3.17
N VAL A 50 -1.25 -5.20 -3.49
CA VAL A 50 -0.98 -3.77 -3.46
C VAL A 50 -0.43 -3.33 -4.82
N TYR A 51 -1.05 -2.30 -5.36
CA TYR A 51 -0.64 -1.77 -6.65
C TYR A 51 0.07 -0.42 -6.49
N ARG A 52 1.10 -0.24 -7.30
CA ARG A 52 1.87 0.99 -7.26
C ARG A 52 1.79 1.73 -8.61
N LEU A 53 1.68 3.04 -8.53
CA LEU A 53 1.60 3.86 -9.73
C LEU A 53 3.00 4.12 -10.26
N ILE A 54 3.39 3.34 -11.26
CA ILE A 54 4.70 3.48 -11.86
C ILE A 54 4.57 4.25 -13.18
N LYS A 55 3.85 3.66 -14.11
CA LYS A 55 3.65 4.28 -15.41
C LYS A 55 2.15 4.41 -15.68
N GLY A 56 1.44 4.95 -14.70
CA GLY A 56 0.01 5.13 -14.81
C GLY A 56 -0.71 3.79 -14.88
N ARG A 57 -0.02 2.76 -14.40
CA ARG A 57 -0.58 1.42 -14.39
C ARG A 57 -0.39 0.77 -13.02
N LYS A 58 -1.43 0.10 -12.56
CA LYS A 58 -1.39 -0.57 -11.27
C LYS A 58 -0.28 -1.62 -11.27
N THR A 59 0.86 -1.24 -10.73
CA THR A 59 2.00 -2.14 -10.67
C THR A 59 2.05 -2.85 -9.32
N VAL A 60 1.56 -4.08 -9.32
CA VAL A 60 1.53 -4.89 -8.11
C VAL A 60 2.90 -4.83 -7.44
N THR A 61 2.90 -5.02 -6.13
CA THR A 61 4.13 -4.99 -5.37
C THR A 61 4.28 -6.28 -4.54
N ALA A 62 5.51 -6.59 -4.20
CA ALA A 62 5.80 -7.78 -3.41
C ALA A 62 5.62 -7.46 -1.92
N TRP A 63 5.28 -8.48 -1.17
CA TRP A 63 5.08 -8.34 0.26
C TRP A 63 6.45 -8.29 0.93
N ASP A 64 7.42 -8.91 0.28
CA ASP A 64 8.77 -8.95 0.80
C ASP A 64 9.57 -7.78 0.22
N THR A 65 8.87 -6.66 0.05
CA THR A 65 9.50 -5.46 -0.50
C THR A 65 9.73 -4.44 0.62
N ALA A 66 10.57 -3.46 0.30
CA ALA A 66 10.89 -2.41 1.26
C ALA A 66 9.90 -1.26 1.10
N ILE A 67 9.82 -0.44 2.13
CA ILE A 67 8.92 0.70 2.12
C ILE A 67 9.75 2.00 2.04
N ALA A 68 11.00 1.83 1.63
CA ALA A 68 11.89 2.97 1.52
C ALA A 68 11.60 3.72 0.21
N PRO A 69 11.70 2.95 -0.91
CA PRO A 69 11.45 3.52 -2.22
C PRO A 69 9.95 3.74 -2.45
N LEU A 70 9.33 4.40 -1.48
CA LEU A 70 7.90 4.68 -1.57
C LEU A 70 7.68 6.19 -1.48
N ASP A 71 8.44 6.81 -0.59
CA ASP A 71 8.34 8.25 -0.40
C ASP A 71 8.10 8.92 -1.75
N GLY A 72 6.84 9.26 -2.00
CA GLY A 72 6.46 9.90 -3.24
C GLY A 72 5.80 8.91 -4.20
N GLU A 73 4.69 8.35 -3.73
CA GLU A 73 3.95 7.38 -4.53
C GLU A 73 2.61 7.06 -3.87
N GLU A 74 1.89 6.14 -4.49
CA GLU A 74 0.59 5.74 -3.97
C GLU A 74 0.41 4.23 -4.13
N LEU A 75 -0.03 3.59 -3.05
CA LEU A 75 -0.24 2.16 -3.06
C LEU A 75 -1.75 1.88 -2.97
N ILE A 76 -2.20 0.93 -3.78
CA ILE A 76 -3.61 0.56 -3.80
C ILE A 76 -3.75 -0.89 -3.31
N VAL A 77 -4.31 -1.02 -2.12
CA VAL A 77 -4.51 -2.34 -1.53
C VAL A 77 -5.91 -2.84 -1.92
N GLU A 78 -5.91 -3.93 -2.69
CA GLU A 78 -7.16 -4.53 -3.13
C GLU A 78 -7.12 -6.04 -2.95
N VAL A 79 -8.27 -6.60 -2.63
CA VAL A 79 -8.38 -8.04 -2.43
C VAL A 79 -8.18 -8.75 -3.77
N LEU A 80 -7.39 -9.82 -3.71
CA LEU A 80 -7.10 -10.59 -4.91
C LEU A 80 -8.42 -11.01 -5.57
N SER A 81 -8.78 -10.27 -6.61
CA SER A 81 -10.01 -10.55 -7.34
C SER A 81 -9.91 -10.03 -8.77
N GLY A 82 -10.87 -10.42 -9.58
CA GLY A 82 -10.91 -10.00 -10.97
C GLY A 82 -12.21 -9.28 -11.30
N PRO A 83 -13.29 -10.10 -11.45
CA PRO A 83 -14.61 -9.56 -11.77
C PRO A 83 -15.23 -8.90 -10.54
N SER A 84 -15.83 -7.74 -10.77
CA SER A 84 -16.48 -7.00 -9.70
C SER A 84 -17.29 -7.96 -8.82
N SER A 85 -18.25 -8.63 -9.45
CA SER A 85 -19.09 -9.57 -8.74
C SER A 85 -19.62 -8.94 -7.46
N GLY A 86 -20.64 -8.10 -7.61
CA GLY A 86 -21.23 -7.42 -6.47
C GLY A 86 -21.86 -6.09 -6.89
N GLY A 1 8.98 23.14 -7.31
CA GLY A 1 10.40 23.19 -7.00
C GLY A 1 10.63 23.22 -5.49
N SER A 2 11.58 24.06 -5.09
CA SER A 2 11.91 24.20 -3.68
C SER A 2 12.24 22.82 -3.09
N SER A 3 12.76 22.86 -1.87
CA SER A 3 13.13 21.63 -1.18
C SER A 3 13.09 21.85 0.33
N GLY A 4 11.95 21.53 0.92
CA GLY A 4 11.78 21.69 2.36
C GLY A 4 11.20 20.43 2.98
N SER A 5 9.98 20.10 2.56
CA SER A 5 9.30 18.92 3.06
C SER A 5 8.97 17.98 1.92
N SER A 6 9.89 17.07 1.65
CA SER A 6 9.71 16.10 0.59
C SER A 6 9.87 14.68 1.13
N GLY A 7 8.74 14.11 1.51
CA GLY A 7 8.73 12.76 2.05
C GLY A 7 8.45 12.77 3.56
N GLY A 8 7.58 11.86 3.98
CA GLY A 8 7.22 11.75 5.38
C GLY A 8 6.10 10.74 5.58
N THR A 9 5.22 10.67 4.60
CA THR A 9 4.10 9.74 4.66
C THR A 9 3.63 9.37 3.25
N VAL A 10 2.82 8.32 3.18
CA VAL A 10 2.30 7.87 1.91
C VAL A 10 0.82 7.51 2.06
N LYS A 11 0.08 7.72 0.99
CA LYS A 11 -1.35 7.42 0.99
C LYS A 11 -1.56 5.98 0.52
N VAL A 12 -2.35 5.25 1.31
CA VAL A 12 -2.64 3.86 0.98
C VAL A 12 -4.14 3.70 0.79
N TYR A 13 -4.52 3.41 -0.45
CA TYR A 13 -5.92 3.22 -0.78
C TYR A 13 -6.39 1.81 -0.43
N LEU A 14 -7.36 1.74 0.46
CA LEU A 14 -7.91 0.47 0.89
C LEU A 14 -9.07 0.08 -0.02
N PRO A 15 -9.39 -1.23 -0.01
CA PRO A 15 -10.48 -1.75 -0.83
C PRO A 15 -11.84 -1.37 -0.24
N ASN A 16 -12.18 -0.09 -0.37
CA ASN A 16 -13.43 0.40 0.14
C ASN A 16 -13.48 1.93 -0.02
N LYS A 17 -13.01 2.38 -1.17
CA LYS A 17 -12.99 3.80 -1.45
C LYS A 17 -12.39 4.56 -0.26
N GLN A 18 -11.60 3.84 0.52
CA GLN A 18 -10.97 4.42 1.68
C GLN A 18 -9.46 4.55 1.47
N ARG A 19 -8.83 5.35 2.31
CA ARG A 19 -7.40 5.57 2.22
C ARG A 19 -6.81 5.84 3.61
N THR A 20 -5.54 5.47 3.77
CA THR A 20 -4.86 5.66 5.04
C THR A 20 -3.42 6.10 4.79
N VAL A 21 -3.00 7.11 5.56
CA VAL A 21 -1.65 7.64 5.43
C VAL A 21 -0.73 6.84 6.35
N VAL A 22 0.39 6.41 5.78
CA VAL A 22 1.37 5.64 6.53
C VAL A 22 2.72 6.38 6.51
N THR A 23 3.52 6.08 7.52
CA THR A 23 4.83 6.71 7.62
C THR A 23 5.86 5.96 6.77
N VAL A 24 6.81 6.71 6.25
CA VAL A 24 7.85 6.14 5.40
C VAL A 24 9.08 5.83 6.26
N ARG A 25 9.32 4.54 6.46
CA ARG A 25 10.46 4.11 7.25
C ARG A 25 11.45 3.34 6.38
N ASP A 26 12.54 4.02 6.03
CA ASP A 26 13.56 3.42 5.20
C ASP A 26 14.22 2.27 5.98
N GLY A 27 13.54 1.14 5.99
CA GLY A 27 14.03 -0.04 6.68
C GLY A 27 13.02 -1.17 6.64
N MET A 28 11.86 -0.91 7.24
CA MET A 28 10.80 -1.90 7.28
C MET A 28 10.38 -2.31 5.87
N SER A 29 9.59 -3.38 5.81
CA SER A 29 9.12 -3.89 4.53
C SER A 29 7.72 -3.35 4.24
N VAL A 30 7.14 -3.84 3.16
CA VAL A 30 5.80 -3.43 2.77
C VAL A 30 4.77 -4.19 3.60
N TYR A 31 5.02 -5.48 3.75
CA TYR A 31 4.13 -6.33 4.52
C TYR A 31 3.92 -5.78 5.93
N ASP A 32 5.02 -5.67 6.66
CA ASP A 32 4.97 -5.17 8.03
C ASP A 32 4.30 -3.78 8.02
N SER A 33 4.39 -3.13 6.88
CA SER A 33 3.80 -1.81 6.72
C SER A 33 2.30 -1.92 6.48
N LEU A 34 1.95 -2.72 5.48
CA LEU A 34 0.56 -2.93 5.14
C LEU A 34 -0.02 -4.06 5.99
N ASP A 35 0.70 -4.37 7.06
CA ASP A 35 0.27 -5.42 7.97
C ASP A 35 -0.93 -4.94 8.78
N LYS A 36 -0.76 -3.77 9.38
CA LYS A 36 -1.81 -3.19 10.19
C LYS A 36 -2.89 -2.59 9.27
N ALA A 37 -2.44 -1.80 8.32
CA ALA A 37 -3.34 -1.17 7.37
C ALA A 37 -4.45 -2.17 6.98
N LEU A 38 -4.07 -3.44 6.99
CA LEU A 38 -5.02 -4.49 6.65
C LEU A 38 -5.74 -4.95 7.90
N LYS A 39 -4.96 -5.41 8.87
CA LYS A 39 -5.52 -5.88 10.13
C LYS A 39 -6.59 -4.90 10.61
N VAL A 40 -6.22 -3.62 10.60
CA VAL A 40 -7.14 -2.58 11.03
C VAL A 40 -8.54 -2.89 10.50
N ARG A 41 -8.57 -3.55 9.36
CA ARG A 41 -9.84 -3.91 8.74
C ARG A 41 -10.09 -5.41 8.90
N GLY A 42 -9.00 -6.17 8.92
CA GLY A 42 -9.10 -7.61 9.07
C GLY A 42 -8.56 -8.32 7.82
N LEU A 43 -8.04 -7.52 6.90
CA LEU A 43 -7.49 -8.06 5.67
C LEU A 43 -6.21 -8.84 5.98
N ASN A 44 -5.74 -9.57 4.99
CA ASN A 44 -4.53 -10.37 5.15
C ASN A 44 -3.69 -10.26 3.88
N GLN A 45 -2.40 -10.52 4.04
CA GLN A 45 -1.47 -10.45 2.93
C GLN A 45 -1.45 -11.79 2.19
N ASP A 46 -2.63 -12.34 1.97
CA ASP A 46 -2.75 -13.61 1.27
C ASP A 46 -3.68 -13.45 0.08
N CYS A 47 -4.85 -12.87 0.35
CA CYS A 47 -5.84 -12.65 -0.69
C CYS A 47 -5.97 -11.14 -0.92
N CYS A 48 -4.83 -10.46 -0.85
CA CYS A 48 -4.81 -9.03 -1.05
C CYS A 48 -3.57 -8.67 -1.85
N VAL A 49 -3.69 -7.62 -2.65
CA VAL A 49 -2.59 -7.16 -3.49
C VAL A 49 -2.45 -5.65 -3.36
N VAL A 50 -1.24 -5.16 -3.60
CA VAL A 50 -0.97 -3.75 -3.52
C VAL A 50 -0.42 -3.25 -4.86
N TYR A 51 -1.13 -2.29 -5.43
CA TYR A 51 -0.72 -1.74 -6.71
C TYR A 51 0.01 -0.40 -6.53
N ARG A 52 1.06 -0.22 -7.31
CA ARG A 52 1.86 0.99 -7.25
C ARG A 52 1.72 1.78 -8.55
N LEU A 53 1.61 3.10 -8.39
CA LEU A 53 1.47 3.97 -9.53
C LEU A 53 2.87 4.40 -10.01
N ILE A 54 3.38 3.65 -10.97
CA ILE A 54 4.69 3.93 -11.53
C ILE A 54 4.54 4.79 -12.79
N LYS A 55 3.91 4.20 -13.79
CA LYS A 55 3.68 4.89 -15.05
C LYS A 55 2.17 5.05 -15.28
N GLY A 56 1.49 5.47 -14.23
CA GLY A 56 0.06 5.67 -14.31
C GLY A 56 -0.68 4.34 -14.47
N ARG A 57 0.00 3.28 -14.04
CA ARG A 57 -0.57 1.94 -14.13
C ARG A 57 -0.38 1.19 -12.81
N LYS A 58 -1.39 0.42 -12.45
CA LYS A 58 -1.34 -0.35 -11.21
C LYS A 58 -0.24 -1.41 -11.33
N THR A 59 0.85 -1.17 -10.61
CA THR A 59 1.97 -2.09 -10.62
C THR A 59 1.99 -2.92 -9.33
N VAL A 60 1.64 -4.19 -9.48
CA VAL A 60 1.61 -5.10 -8.35
C VAL A 60 2.97 -5.05 -7.62
N THR A 61 2.90 -5.17 -6.31
CA THR A 61 4.11 -5.13 -5.49
C THR A 61 4.21 -6.40 -4.65
N ALA A 62 5.42 -6.65 -4.16
CA ALA A 62 5.67 -7.83 -3.33
C ALA A 62 5.48 -7.45 -1.86
N TRP A 63 5.31 -8.49 -1.05
CA TRP A 63 5.13 -8.29 0.38
C TRP A 63 6.50 -8.31 1.05
N ASP A 64 7.46 -8.87 0.33
CA ASP A 64 8.83 -8.96 0.84
C ASP A 64 9.65 -7.79 0.29
N THR A 65 8.95 -6.72 -0.05
CA THR A 65 9.59 -5.53 -0.59
C THR A 65 9.79 -4.49 0.51
N ALA A 66 10.67 -3.54 0.23
CA ALA A 66 10.97 -2.48 1.18
C ALA A 66 9.99 -1.32 0.96
N ILE A 67 9.78 -0.55 2.02
CA ILE A 67 8.89 0.59 1.96
C ILE A 67 9.72 1.87 1.81
N ALA A 68 10.96 1.69 1.43
CA ALA A 68 11.86 2.82 1.25
C ALA A 68 11.55 3.50 -0.08
N PRO A 69 11.63 2.69 -1.17
CA PRO A 69 11.35 3.20 -2.51
C PRO A 69 9.85 3.43 -2.71
N LEU A 70 9.27 4.20 -1.81
CA LEU A 70 7.85 4.50 -1.89
C LEU A 70 7.65 6.01 -1.70
N ASP A 71 8.39 6.55 -0.75
CA ASP A 71 8.30 7.98 -0.46
C ASP A 71 8.03 8.75 -1.76
N GLY A 72 6.79 9.19 -1.91
CA GLY A 72 6.40 9.94 -3.09
C GLY A 72 5.71 9.02 -4.10
N GLU A 73 4.67 8.34 -3.64
CA GLU A 73 3.92 7.44 -4.49
C GLU A 73 2.55 7.16 -3.88
N GLU A 74 1.88 6.17 -4.46
CA GLU A 74 0.55 5.78 -3.99
C GLU A 74 0.33 4.28 -4.18
N LEU A 75 0.02 3.63 -3.08
CA LEU A 75 -0.22 2.19 -3.11
C LEU A 75 -1.73 1.92 -2.98
N ILE A 76 -2.20 0.97 -3.76
CA ILE A 76 -3.60 0.60 -3.73
C ILE A 76 -3.75 -0.84 -3.26
N VAL A 77 -4.30 -0.99 -2.06
CA VAL A 77 -4.50 -2.31 -1.48
C VAL A 77 -5.89 -2.82 -1.85
N GLU A 78 -5.92 -4.01 -2.41
CA GLU A 78 -7.17 -4.62 -2.82
C GLU A 78 -7.17 -6.12 -2.47
N VAL A 79 -8.33 -6.73 -2.65
CA VAL A 79 -8.47 -8.15 -2.37
C VAL A 79 -8.37 -8.95 -3.67
N LEU A 80 -7.59 -10.02 -3.61
CA LEU A 80 -7.39 -10.87 -4.77
C LEU A 80 -8.74 -11.48 -5.19
N SER A 81 -8.96 -11.52 -6.49
CA SER A 81 -10.19 -12.07 -7.01
C SER A 81 -11.38 -11.21 -6.58
N GLY A 82 -12.35 -11.11 -7.48
CA GLY A 82 -13.55 -10.32 -7.21
C GLY A 82 -14.81 -11.12 -7.50
N PRO A 83 -15.36 -11.72 -6.41
CA PRO A 83 -16.57 -12.53 -6.52
C PRO A 83 -17.81 -11.64 -6.71
N SER A 84 -17.80 -10.53 -5.98
CA SER A 84 -18.92 -9.59 -6.06
C SER A 84 -18.38 -8.16 -6.21
N SER A 85 -18.71 -7.56 -7.34
CA SER A 85 -18.26 -6.21 -7.64
C SER A 85 -16.81 -6.02 -7.18
N GLY A 86 -15.90 -6.46 -8.03
CA GLY A 86 -14.48 -6.34 -7.73
C GLY A 86 -14.17 -6.88 -6.33
N GLY A 1 15.62 17.67 -1.36
CA GLY A 1 16.20 18.85 -0.75
C GLY A 1 15.11 19.71 -0.10
N SER A 2 14.94 20.90 -0.66
CA SER A 2 13.95 21.83 -0.15
C SER A 2 12.92 22.14 -1.23
N SER A 3 11.65 21.97 -0.88
CA SER A 3 10.57 22.23 -1.81
C SER A 3 9.28 22.53 -1.04
N GLY A 4 8.64 23.62 -1.43
CA GLY A 4 7.41 24.03 -0.78
C GLY A 4 6.47 22.84 -0.57
N SER A 5 5.96 22.73 0.65
CA SER A 5 5.06 21.65 0.98
C SER A 5 5.79 20.31 0.90
N SER A 6 6.10 19.76 2.06
CA SER A 6 6.80 18.49 2.13
C SER A 6 6.15 17.59 3.19
N GLY A 7 6.54 16.32 3.16
CA GLY A 7 6.01 15.35 4.09
C GLY A 7 6.82 14.06 4.08
N GLY A 8 6.45 13.15 4.97
CA GLY A 8 7.15 11.87 5.06
C GLY A 8 6.17 10.74 5.34
N THR A 9 5.24 10.57 4.40
CA THR A 9 4.24 9.52 4.52
C THR A 9 3.76 9.08 3.14
N VAL A 10 2.89 8.07 3.15
CA VAL A 10 2.34 7.55 1.90
C VAL A 10 0.86 7.23 2.10
N LYS A 11 0.09 7.47 1.05
CA LYS A 11 -1.34 7.21 1.10
C LYS A 11 -1.62 5.78 0.59
N VAL A 12 -2.38 5.05 1.38
CA VAL A 12 -2.71 3.68 1.03
C VAL A 12 -4.22 3.58 0.79
N TYR A 13 -4.57 3.33 -0.47
CA TYR A 13 -5.97 3.20 -0.84
C TYR A 13 -6.48 1.79 -0.57
N LEU A 14 -7.45 1.72 0.34
CA LEU A 14 -8.04 0.44 0.70
C LEU A 14 -9.09 0.06 -0.34
N PRO A 15 -9.46 -1.26 -0.33
CA PRO A 15 -10.44 -1.77 -1.26
C PRO A 15 -11.85 -1.33 -0.86
N ASN A 16 -12.27 -0.21 -1.43
CA ASN A 16 -13.60 0.32 -1.14
C ASN A 16 -13.61 1.82 -1.46
N LYS A 17 -12.71 2.54 -0.82
CA LYS A 17 -12.62 3.98 -1.03
C LYS A 17 -11.76 4.59 0.08
N GLN A 18 -11.79 3.94 1.23
CA GLN A 18 -11.02 4.42 2.38
C GLN A 18 -9.52 4.41 2.06
N ARG A 19 -8.78 5.16 2.86
CA ARG A 19 -7.34 5.25 2.67
C ARG A 19 -6.64 5.46 4.01
N THR A 20 -5.41 4.98 4.08
CA THR A 20 -4.63 5.13 5.30
C THR A 20 -3.23 5.67 4.97
N VAL A 21 -2.82 6.66 5.76
CA VAL A 21 -1.52 7.27 5.56
C VAL A 21 -0.49 6.55 6.43
N VAL A 22 0.51 5.99 5.78
CA VAL A 22 1.56 5.27 6.48
C VAL A 22 2.84 6.12 6.47
N THR A 23 3.69 5.86 7.45
CA THR A 23 4.94 6.58 7.57
C THR A 23 6.04 5.87 6.77
N VAL A 24 6.95 6.68 6.25
CA VAL A 24 8.05 6.16 5.46
C VAL A 24 9.22 5.83 6.39
N ARG A 25 9.47 4.53 6.55
CA ARG A 25 10.55 4.07 7.40
C ARG A 25 11.59 3.31 6.57
N ASP A 26 12.84 3.50 6.95
CA ASP A 26 13.94 2.84 6.25
C ASP A 26 14.34 1.58 7.02
N GLY A 27 13.53 0.54 6.87
CA GLY A 27 13.79 -0.72 7.54
C GLY A 27 12.61 -1.68 7.37
N MET A 28 11.44 -1.23 7.80
CA MET A 28 10.24 -2.03 7.69
C MET A 28 9.97 -2.42 6.25
N SER A 29 9.12 -3.43 6.09
CA SER A 29 8.77 -3.92 4.76
C SER A 29 7.35 -3.48 4.42
N VAL A 30 6.95 -3.79 3.19
CA VAL A 30 5.62 -3.44 2.72
C VAL A 30 4.57 -4.21 3.54
N TYR A 31 4.94 -5.43 3.89
CA TYR A 31 4.04 -6.27 4.68
C TYR A 31 3.78 -5.67 6.06
N ASP A 32 4.87 -5.45 6.78
CA ASP A 32 4.78 -4.89 8.12
C ASP A 32 4.15 -3.49 8.03
N SER A 33 4.22 -2.92 6.83
CA SER A 33 3.67 -1.60 6.61
C SER A 33 2.17 -1.69 6.33
N LEU A 34 1.84 -2.39 5.25
CA LEU A 34 0.45 -2.56 4.86
C LEU A 34 -0.26 -3.43 5.91
N ASP A 35 0.55 -4.12 6.71
CA ASP A 35 0.01 -4.98 7.74
C ASP A 35 -1.19 -4.30 8.40
N LYS A 36 -0.89 -3.26 9.17
CA LYS A 36 -1.93 -2.52 9.85
C LYS A 36 -2.99 -2.07 8.85
N ALA A 37 -2.51 -1.47 7.77
CA ALA A 37 -3.40 -1.00 6.71
C ALA A 37 -4.49 -2.03 6.47
N LEU A 38 -4.13 -3.30 6.66
CA LEU A 38 -5.06 -4.39 6.46
C LEU A 38 -5.75 -4.71 7.79
N LYS A 39 -4.94 -5.09 8.76
CA LYS A 39 -5.44 -5.43 10.08
C LYS A 39 -6.54 -4.43 10.47
N VAL A 40 -6.21 -3.16 10.30
CA VAL A 40 -7.16 -2.09 10.63
C VAL A 40 -8.56 -2.53 10.23
N ARG A 41 -8.64 -3.15 9.06
CA ARG A 41 -9.92 -3.61 8.54
C ARG A 41 -10.06 -5.12 8.77
N GLY A 42 -8.92 -5.78 8.86
CA GLY A 42 -8.90 -7.22 9.07
C GLY A 42 -8.41 -7.95 7.82
N LEU A 43 -7.99 -7.15 6.84
CA LEU A 43 -7.50 -7.71 5.60
C LEU A 43 -6.21 -8.50 5.87
N ASN A 44 -5.97 -9.48 5.02
CA ASN A 44 -4.78 -10.31 5.15
C ASN A 44 -3.80 -9.99 4.02
N GLN A 45 -2.55 -10.34 4.24
CA GLN A 45 -1.51 -10.09 3.25
C GLN A 45 -1.27 -11.35 2.41
N ASP A 46 -2.36 -12.02 2.06
CA ASP A 46 -2.28 -13.22 1.27
C ASP A 46 -3.28 -13.15 0.11
N CYS A 47 -4.51 -12.84 0.47
CA CYS A 47 -5.58 -12.74 -0.52
C CYS A 47 -5.78 -11.25 -0.84
N CYS A 48 -4.67 -10.52 -0.82
CA CYS A 48 -4.72 -9.09 -1.10
C CYS A 48 -3.49 -8.73 -1.93
N VAL A 49 -3.61 -7.65 -2.69
CA VAL A 49 -2.52 -7.19 -3.53
C VAL A 49 -2.40 -5.67 -3.42
N VAL A 50 -1.18 -5.19 -3.56
CA VAL A 50 -0.93 -3.76 -3.48
C VAL A 50 -0.39 -3.26 -4.83
N TYR A 51 -1.07 -2.28 -5.38
CA TYR A 51 -0.67 -1.71 -6.65
C TYR A 51 0.04 -0.36 -6.46
N ARG A 52 1.06 -0.14 -7.27
CA ARG A 52 1.83 1.08 -7.20
C ARG A 52 1.70 1.86 -8.51
N LEU A 53 1.72 3.19 -8.38
CA LEU A 53 1.60 4.04 -9.54
C LEU A 53 3.00 4.33 -10.09
N ILE A 54 3.37 3.58 -11.11
CA ILE A 54 4.67 3.75 -11.74
C ILE A 54 4.52 4.59 -13.00
N LYS A 55 3.90 3.99 -14.01
CA LYS A 55 3.69 4.68 -15.28
C LYS A 55 2.19 4.79 -15.54
N GLY A 56 1.48 5.31 -14.55
CA GLY A 56 0.05 5.48 -14.67
C GLY A 56 -0.65 4.13 -14.84
N ARG A 57 -0.12 3.13 -14.14
CA ARG A 57 -0.68 1.79 -14.20
C ARG A 57 -0.45 1.06 -12.87
N LYS A 58 -1.47 0.34 -12.44
CA LYS A 58 -1.39 -0.41 -11.20
C LYS A 58 -0.24 -1.43 -11.29
N THR A 59 0.82 -1.14 -10.55
CA THR A 59 1.98 -2.02 -10.54
C THR A 59 2.04 -2.80 -9.24
N VAL A 60 1.65 -4.06 -9.32
CA VAL A 60 1.65 -4.93 -8.16
C VAL A 60 3.02 -4.88 -7.49
N THR A 61 3.02 -5.05 -6.18
CA THR A 61 4.25 -5.02 -5.41
C THR A 61 4.39 -6.29 -4.57
N ALA A 62 5.61 -6.52 -4.09
CA ALA A 62 5.88 -7.69 -3.27
C ALA A 62 5.62 -7.35 -1.81
N TRP A 63 5.46 -8.40 -1.01
CA TRP A 63 5.20 -8.23 0.41
C TRP A 63 6.55 -8.21 1.13
N ASP A 64 7.46 -9.06 0.66
CA ASP A 64 8.78 -9.14 1.25
C ASP A 64 9.55 -7.85 0.96
N THR A 65 9.22 -7.23 -0.16
CA THR A 65 9.86 -5.99 -0.56
C THR A 65 9.90 -5.02 0.62
N ALA A 66 10.64 -3.93 0.42
CA ALA A 66 10.77 -2.91 1.46
C ALA A 66 9.80 -1.77 1.16
N ILE A 67 9.72 -0.86 2.12
CA ILE A 67 8.84 0.30 1.98
C ILE A 67 9.69 1.56 1.80
N ALA A 68 10.95 1.35 1.46
CA ALA A 68 11.87 2.45 1.27
C ALA A 68 11.60 3.09 -0.09
N PRO A 69 11.66 2.24 -1.16
CA PRO A 69 11.42 2.72 -2.51
C PRO A 69 9.94 2.97 -2.75
N LEU A 70 9.37 3.83 -1.90
CA LEU A 70 7.96 4.16 -2.01
C LEU A 70 7.77 5.66 -1.78
N ASP A 71 8.48 6.16 -0.76
CA ASP A 71 8.41 7.57 -0.41
C ASP A 71 8.09 8.37 -1.67
N GLY A 72 6.91 8.99 -1.66
CA GLY A 72 6.48 9.80 -2.79
C GLY A 72 5.79 8.93 -3.85
N GLU A 73 4.70 8.30 -3.43
CA GLU A 73 3.94 7.44 -4.33
C GLU A 73 2.58 7.14 -3.73
N GLU A 74 1.93 6.12 -4.29
CA GLU A 74 0.62 5.70 -3.82
C GLU A 74 0.46 4.19 -3.96
N LEU A 75 -0.06 3.58 -2.90
CA LEU A 75 -0.28 2.14 -2.90
C LEU A 75 -1.77 1.84 -2.82
N ILE A 76 -2.22 0.95 -3.68
CA ILE A 76 -3.62 0.57 -3.71
C ILE A 76 -3.77 -0.89 -3.26
N VAL A 77 -4.35 -1.05 -2.07
CA VAL A 77 -4.56 -2.38 -1.52
C VAL A 77 -5.90 -2.92 -2.00
N GLU A 78 -5.87 -4.17 -2.46
CA GLU A 78 -7.06 -4.83 -2.95
C GLU A 78 -7.08 -6.29 -2.53
N VAL A 79 -8.24 -6.90 -2.71
CA VAL A 79 -8.41 -8.30 -2.33
C VAL A 79 -8.34 -9.16 -3.61
N LEU A 80 -7.54 -10.21 -3.52
CA LEU A 80 -7.38 -11.13 -4.65
C LEU A 80 -8.74 -11.71 -5.02
N SER A 81 -8.98 -11.80 -6.32
CA SER A 81 -10.23 -12.35 -6.81
C SER A 81 -10.11 -12.64 -8.31
N GLY A 82 -10.64 -13.80 -8.69
CA GLY A 82 -10.61 -14.21 -10.09
C GLY A 82 -12.00 -14.12 -10.72
N PRO A 83 -12.20 -13.03 -11.51
CA PRO A 83 -13.48 -12.82 -12.17
C PRO A 83 -13.64 -13.77 -13.37
N SER A 84 -13.56 -15.06 -13.08
CA SER A 84 -13.69 -16.07 -14.12
C SER A 84 -14.85 -17.02 -13.78
N SER A 85 -15.92 -16.89 -14.55
CA SER A 85 -17.08 -17.72 -14.35
C SER A 85 -17.68 -17.45 -12.96
N GLY A 86 -18.93 -16.99 -12.97
CA GLY A 86 -19.62 -16.70 -11.73
C GLY A 86 -18.96 -15.53 -10.99
N GLY A 1 2.88 14.93 -10.11
CA GLY A 1 2.87 16.39 -10.01
C GLY A 1 2.17 16.84 -8.72
N SER A 2 2.96 16.97 -7.66
CA SER A 2 2.43 17.39 -6.38
C SER A 2 3.26 18.56 -5.83
N SER A 3 2.61 19.36 -5.00
CA SER A 3 3.28 20.50 -4.39
C SER A 3 4.44 20.03 -3.52
N GLY A 4 5.24 20.99 -3.08
CA GLY A 4 6.39 20.69 -2.24
C GLY A 4 5.95 20.01 -0.94
N SER A 5 5.86 18.69 -1.00
CA SER A 5 5.46 17.92 0.17
C SER A 5 5.43 16.43 -0.19
N SER A 6 6.60 15.83 -0.24
CA SER A 6 6.73 14.42 -0.56
C SER A 6 7.94 13.82 0.14
N GLY A 7 7.76 13.48 1.41
CA GLY A 7 8.83 12.90 2.19
C GLY A 7 8.50 12.95 3.69
N GLY A 8 7.47 12.20 4.06
CA GLY A 8 7.05 12.16 5.45
C GLY A 8 6.02 11.04 5.67
N THR A 9 5.13 10.90 4.70
CA THR A 9 4.09 9.88 4.78
C THR A 9 3.67 9.45 3.37
N VAL A 10 2.83 8.41 3.33
CA VAL A 10 2.35 7.89 2.06
C VAL A 10 0.86 7.56 2.19
N LYS A 11 0.16 7.69 1.07
CA LYS A 11 -1.26 7.40 1.06
C LYS A 11 -1.48 5.95 0.61
N VAL A 12 -2.27 5.24 1.39
CA VAL A 12 -2.57 3.85 1.09
C VAL A 12 -4.07 3.69 0.86
N TYR A 13 -4.42 3.41 -0.38
CA TYR A 13 -5.81 3.23 -0.75
C TYR A 13 -6.31 1.83 -0.38
N LEU A 14 -7.29 1.80 0.50
CA LEU A 14 -7.86 0.53 0.94
C LEU A 14 -9.04 0.16 0.04
N PRO A 15 -9.39 -1.15 0.08
CA PRO A 15 -10.48 -1.66 -0.74
C PRO A 15 -11.84 -1.24 -0.14
N ASN A 16 -12.18 0.01 -0.38
CA ASN A 16 -13.44 0.55 0.13
C ASN A 16 -13.44 2.07 -0.03
N LYS A 17 -12.97 2.51 -1.19
CA LYS A 17 -12.92 3.93 -1.48
C LYS A 17 -12.33 4.67 -0.27
N GLN A 18 -11.54 3.94 0.50
CA GLN A 18 -10.91 4.51 1.68
C GLN A 18 -9.40 4.61 1.48
N ARG A 19 -8.77 5.41 2.33
CA ARG A 19 -7.33 5.60 2.25
C ARG A 19 -6.76 5.85 3.65
N THR A 20 -5.50 5.48 3.81
CA THR A 20 -4.82 5.66 5.08
C THR A 20 -3.39 6.17 4.87
N VAL A 21 -3.03 7.18 5.64
CA VAL A 21 -1.70 7.76 5.54
C VAL A 21 -0.76 7.02 6.48
N VAL A 22 0.33 6.52 5.92
CA VAL A 22 1.32 5.80 6.70
C VAL A 22 2.63 6.58 6.71
N THR A 23 3.45 6.29 7.71
CA THR A 23 4.73 6.96 7.84
C THR A 23 5.80 6.23 7.02
N VAL A 24 6.75 7.02 6.53
CA VAL A 24 7.83 6.46 5.72
C VAL A 24 8.98 6.05 6.64
N ARG A 25 9.17 4.74 6.75
CA ARG A 25 10.23 4.20 7.59
C ARG A 25 11.34 3.61 6.71
N ASP A 26 12.03 2.63 7.29
CA ASP A 26 13.12 1.98 6.58
C ASP A 26 13.31 0.56 7.14
N GLY A 27 13.33 0.49 8.46
CA GLY A 27 13.50 -0.79 9.13
C GLY A 27 12.22 -1.62 9.07
N MET A 28 11.76 -1.84 7.85
CA MET A 28 10.55 -2.61 7.64
C MET A 28 10.24 -2.77 6.15
N SER A 29 9.39 -3.74 5.85
CA SER A 29 9.01 -4.01 4.47
C SER A 29 7.59 -3.49 4.21
N VAL A 30 7.05 -3.90 3.07
CA VAL A 30 5.71 -3.48 2.70
C VAL A 30 4.68 -4.29 3.50
N TYR A 31 5.01 -5.57 3.70
CA TYR A 31 4.13 -6.45 4.44
C TYR A 31 3.89 -5.92 5.86
N ASP A 32 4.98 -5.77 6.60
CA ASP A 32 4.90 -5.28 7.95
C ASP A 32 4.29 -3.87 7.95
N SER A 33 4.37 -3.23 6.79
CA SER A 33 3.84 -1.88 6.65
C SER A 33 2.33 -1.95 6.41
N LEU A 34 1.96 -2.58 5.30
CA LEU A 34 0.55 -2.72 4.96
C LEU A 34 -0.13 -3.65 5.97
N ASP A 35 0.69 -4.37 6.71
CA ASP A 35 0.19 -5.30 7.71
C ASP A 35 -0.97 -4.65 8.45
N LYS A 36 -0.69 -3.48 9.02
CA LYS A 36 -1.70 -2.75 9.77
C LYS A 36 -2.84 -2.36 8.83
N ALA A 37 -2.46 -1.64 7.78
CA ALA A 37 -3.43 -1.20 6.79
C ALA A 37 -4.46 -2.30 6.56
N LEU A 38 -3.99 -3.53 6.70
CA LEU A 38 -4.86 -4.69 6.50
C LEU A 38 -5.52 -5.06 7.82
N LYS A 39 -4.69 -5.50 8.76
CA LYS A 39 -5.17 -5.90 10.07
C LYS A 39 -6.26 -4.92 10.52
N VAL A 40 -5.91 -3.64 10.48
CA VAL A 40 -6.84 -2.59 10.87
C VAL A 40 -8.24 -2.94 10.36
N ARG A 41 -8.30 -3.35 9.11
CA ARG A 41 -9.56 -3.72 8.49
C ARG A 41 -9.87 -5.19 8.75
N GLY A 42 -8.81 -5.98 8.83
CA GLY A 42 -8.96 -7.40 9.09
C GLY A 42 -8.57 -8.21 7.86
N LEU A 43 -7.99 -7.52 6.89
CA LEU A 43 -7.56 -8.17 5.66
C LEU A 43 -6.38 -9.10 5.96
N ASN A 44 -5.88 -9.74 4.91
CA ASN A 44 -4.76 -10.65 5.05
C ASN A 44 -3.87 -10.55 3.81
N GLN A 45 -2.61 -10.92 3.99
CA GLN A 45 -1.65 -10.88 2.89
C GLN A 45 -1.68 -12.19 2.11
N ASP A 46 -2.89 -12.71 1.92
CA ASP A 46 -3.07 -13.95 1.18
C ASP A 46 -4.05 -13.73 0.04
N CYS A 47 -5.13 -13.04 0.35
CA CYS A 47 -6.15 -12.75 -0.65
C CYS A 47 -6.21 -11.23 -0.84
N CYS A 48 -5.05 -10.61 -0.79
CA CYS A 48 -4.95 -9.17 -0.96
C CYS A 48 -3.72 -8.87 -1.82
N VAL A 49 -3.73 -7.69 -2.42
CA VAL A 49 -2.62 -7.27 -3.27
C VAL A 49 -2.49 -5.75 -3.19
N VAL A 50 -1.26 -5.29 -3.41
CA VAL A 50 -0.97 -3.86 -3.37
C VAL A 50 -0.40 -3.42 -4.72
N TYR A 51 -1.08 -2.45 -5.32
CA TYR A 51 -0.64 -1.93 -6.60
C TYR A 51 0.09 -0.59 -6.44
N ARG A 52 1.15 -0.44 -7.22
CA ARG A 52 1.94 0.78 -7.17
C ARG A 52 1.62 1.67 -8.38
N LEU A 53 1.37 2.93 -8.09
CA LEU A 53 1.05 3.89 -9.13
C LEU A 53 2.34 4.38 -9.78
N ILE A 54 2.61 3.82 -10.96
CA ILE A 54 3.81 4.18 -11.69
C ILE A 54 3.40 4.78 -13.05
N LYS A 55 3.37 6.10 -13.07
CA LYS A 55 3.01 6.82 -14.29
C LYS A 55 1.48 6.90 -14.38
N GLY A 56 0.84 5.75 -14.24
CA GLY A 56 -0.61 5.68 -14.31
C GLY A 56 -1.08 4.25 -14.55
N ARG A 57 -0.41 3.32 -13.89
CA ARG A 57 -0.75 1.92 -14.00
C ARG A 57 -0.51 1.19 -12.68
N LYS A 58 -1.40 0.25 -12.39
CA LYS A 58 -1.31 -0.51 -11.16
C LYS A 58 -0.14 -1.50 -11.28
N THR A 59 0.92 -1.21 -10.54
CA THR A 59 2.09 -2.06 -10.55
C THR A 59 2.13 -2.94 -9.29
N VAL A 60 1.66 -4.17 -9.46
CA VAL A 60 1.64 -5.11 -8.36
C VAL A 60 2.96 -5.03 -7.59
N THR A 61 2.84 -4.99 -6.27
CA THR A 61 4.01 -4.91 -5.41
C THR A 61 4.20 -6.22 -4.65
N ALA A 62 5.44 -6.48 -4.26
CA ALA A 62 5.77 -7.68 -3.53
C ALA A 62 5.69 -7.40 -2.02
N TRP A 63 5.21 -8.38 -1.28
CA TRP A 63 5.08 -8.24 0.15
C TRP A 63 6.48 -8.22 0.76
N ASP A 64 7.44 -8.71 -0.02
CA ASP A 64 8.82 -8.74 0.42
C ASP A 64 9.45 -7.36 0.23
N THR A 65 9.10 -6.73 -0.88
CA THR A 65 9.61 -5.41 -1.18
C THR A 65 9.69 -4.56 0.09
N ALA A 66 10.56 -3.56 0.05
CA ALA A 66 10.75 -2.67 1.19
C ALA A 66 9.72 -1.53 1.10
N ILE A 67 9.54 -0.86 2.23
CA ILE A 67 8.60 0.25 2.29
C ILE A 67 9.36 1.55 2.09
N ALA A 68 10.68 1.44 2.02
CA ALA A 68 11.52 2.61 1.83
C ALA A 68 11.27 3.19 0.43
N PRO A 69 11.37 2.30 -0.59
CA PRO A 69 11.17 2.71 -1.96
C PRO A 69 9.67 2.91 -2.25
N LEU A 70 9.07 3.81 -1.48
CA LEU A 70 7.66 4.11 -1.64
C LEU A 70 7.44 5.61 -1.49
N ASP A 71 8.08 6.18 -0.49
CA ASP A 71 7.96 7.60 -0.23
C ASP A 71 7.76 8.35 -1.55
N GLY A 72 6.60 8.96 -1.67
CA GLY A 72 6.27 9.72 -2.88
C GLY A 72 5.62 8.80 -3.92
N GLU A 73 4.59 8.10 -3.48
CA GLU A 73 3.87 7.19 -4.35
C GLU A 73 2.45 6.95 -3.84
N GLU A 74 1.82 5.93 -4.39
CA GLU A 74 0.46 5.59 -3.99
C GLU A 74 0.23 4.08 -4.15
N LEU A 75 0.01 3.42 -3.03
CA LEU A 75 -0.23 1.99 -3.03
C LEU A 75 -1.73 1.73 -2.94
N ILE A 76 -2.19 0.78 -3.75
CA ILE A 76 -3.60 0.43 -3.77
C ILE A 76 -3.76 -1.02 -3.27
N VAL A 77 -4.32 -1.14 -2.08
CA VAL A 77 -4.53 -2.45 -1.49
C VAL A 77 -5.94 -2.95 -1.86
N GLU A 78 -5.95 -3.98 -2.69
CA GLU A 78 -7.21 -4.56 -3.13
C GLU A 78 -7.22 -6.07 -2.88
N VAL A 79 -8.41 -6.59 -2.64
CA VAL A 79 -8.57 -8.01 -2.38
C VAL A 79 -8.50 -8.78 -3.70
N LEU A 80 -7.82 -9.92 -3.65
CA LEU A 80 -7.67 -10.75 -4.84
C LEU A 80 -9.02 -11.39 -5.18
N SER A 81 -9.58 -10.93 -6.29
CA SER A 81 -10.86 -11.45 -6.75
C SER A 81 -10.99 -11.28 -8.26
N GLY A 82 -11.81 -12.12 -8.86
CA GLY A 82 -12.03 -12.08 -10.30
C GLY A 82 -11.03 -12.96 -11.02
N PRO A 83 -11.26 -13.11 -12.36
CA PRO A 83 -10.38 -13.93 -13.18
C PRO A 83 -9.06 -13.21 -13.45
N SER A 84 -8.00 -13.74 -12.85
CA SER A 84 -6.68 -13.17 -13.01
C SER A 84 -5.96 -13.84 -14.19
N SER A 85 -5.50 -13.02 -15.11
CA SER A 85 -4.78 -13.53 -16.27
C SER A 85 -3.27 -13.44 -16.04
N GLY A 86 -2.81 -12.22 -15.79
CA GLY A 86 -1.39 -12.00 -15.56
C GLY A 86 -1.18 -10.73 -14.72
N GLY A 1 12.74 18.16 -10.40
CA GLY A 1 12.44 18.12 -8.97
C GLY A 1 10.96 17.92 -8.72
N SER A 2 10.19 18.95 -9.08
CA SER A 2 8.75 18.90 -8.89
C SER A 2 8.41 18.77 -7.41
N SER A 3 7.89 19.86 -6.85
CA SER A 3 7.52 19.88 -5.44
C SER A 3 6.15 20.52 -5.27
N GLY A 4 5.52 20.22 -4.14
CA GLY A 4 4.21 20.76 -3.85
C GLY A 4 3.92 20.72 -2.35
N SER A 5 3.61 19.52 -1.86
CA SER A 5 3.31 19.34 -0.46
C SER A 5 4.52 18.71 0.26
N SER A 6 4.57 18.91 1.56
CA SER A 6 5.65 18.38 2.36
C SER A 6 5.09 17.41 3.41
N GLY A 7 5.97 16.54 3.89
CA GLY A 7 5.58 15.57 4.90
C GLY A 7 6.41 14.29 4.78
N GLY A 8 6.14 13.36 5.69
CA GLY A 8 6.85 12.10 5.70
C GLY A 8 5.88 10.92 5.84
N THR A 9 5.00 10.81 4.86
CA THR A 9 4.02 9.74 4.86
C THR A 9 3.60 9.38 3.43
N VAL A 10 2.73 8.39 3.32
CA VAL A 10 2.25 7.96 2.03
C VAL A 10 0.76 7.61 2.12
N LYS A 11 0.07 7.76 1.00
CA LYS A 11 -1.35 7.47 0.96
C LYS A 11 -1.55 6.00 0.54
N VAL A 12 -2.28 5.28 1.36
CA VAL A 12 -2.56 3.88 1.10
C VAL A 12 -4.05 3.70 0.81
N TYR A 13 -4.35 3.47 -0.45
CA TYR A 13 -5.73 3.28 -0.87
C TYR A 13 -6.21 1.87 -0.53
N LEU A 14 -7.20 1.82 0.35
CA LEU A 14 -7.76 0.55 0.77
C LEU A 14 -8.86 0.13 -0.22
N PRO A 15 -9.24 -1.18 -0.13
CA PRO A 15 -10.27 -1.72 -1.01
C PRO A 15 -11.66 -1.25 -0.56
N ASN A 16 -11.68 -0.56 0.56
CA ASN A 16 -12.93 -0.05 1.11
C ASN A 16 -13.17 1.37 0.58
N LYS A 17 -12.74 1.59 -0.65
CA LYS A 17 -12.91 2.90 -1.27
C LYS A 17 -12.40 3.98 -0.32
N GLN A 18 -11.53 3.56 0.59
CA GLN A 18 -10.97 4.48 1.56
C GLN A 18 -9.45 4.58 1.39
N ARG A 19 -8.84 5.44 2.21
CA ARG A 19 -7.41 5.63 2.15
C ARG A 19 -6.85 5.83 3.56
N THR A 20 -5.59 5.43 3.72
CA THR A 20 -4.93 5.55 5.01
C THR A 20 -3.49 6.04 4.82
N VAL A 21 -3.15 7.07 5.58
CA VAL A 21 -1.81 7.64 5.50
C VAL A 21 -0.87 6.84 6.40
N VAL A 22 0.23 6.39 5.80
CA VAL A 22 1.22 5.61 6.52
C VAL A 22 2.54 6.38 6.56
N THR A 23 3.40 5.96 7.48
CA THR A 23 4.69 6.60 7.62
C THR A 23 5.73 5.92 6.73
N VAL A 24 6.60 6.75 6.16
CA VAL A 24 7.64 6.25 5.27
C VAL A 24 8.89 5.93 6.09
N ARG A 25 9.17 4.64 6.21
CA ARG A 25 10.33 4.20 6.96
C ARG A 25 11.28 3.42 6.06
N ASP A 26 12.31 4.12 5.59
CA ASP A 26 13.30 3.51 4.72
C ASP A 26 13.98 2.34 5.45
N GLY A 27 13.30 1.20 5.42
CA GLY A 27 13.83 0.01 6.07
C GLY A 27 12.78 -1.10 6.11
N MET A 28 11.79 -0.91 6.97
CA MET A 28 10.72 -1.89 7.11
C MET A 28 10.20 -2.32 5.74
N SER A 29 9.67 -3.53 5.71
CA SER A 29 9.13 -4.08 4.47
C SER A 29 7.72 -3.51 4.23
N VAL A 30 7.17 -3.88 3.09
CA VAL A 30 5.84 -3.43 2.71
C VAL A 30 4.79 -4.19 3.53
N TYR A 31 5.04 -5.48 3.66
CA TYR A 31 4.13 -6.34 4.40
C TYR A 31 3.89 -5.80 5.81
N ASP A 32 4.99 -5.59 6.53
CA ASP A 32 4.91 -5.07 7.89
C ASP A 32 4.24 -3.70 7.86
N SER A 33 4.38 -3.03 6.73
CA SER A 33 3.80 -1.70 6.57
C SER A 33 2.29 -1.83 6.32
N LEU A 34 1.95 -2.61 5.31
CA LEU A 34 0.56 -2.82 4.95
C LEU A 34 -0.02 -3.93 5.84
N ASP A 35 0.74 -4.28 6.87
CA ASP A 35 0.31 -5.32 7.80
C ASP A 35 -0.87 -4.80 8.63
N LYS A 36 -0.64 -3.66 9.26
CA LYS A 36 -1.68 -3.04 10.08
C LYS A 36 -2.78 -2.50 9.18
N ALA A 37 -2.37 -1.77 8.15
CA ALA A 37 -3.31 -1.18 7.22
C ALA A 37 -4.41 -2.21 6.89
N LEU A 38 -4.00 -3.47 6.87
CA LEU A 38 -4.92 -4.55 6.58
C LEU A 38 -5.56 -5.04 7.88
N LYS A 39 -4.70 -5.50 8.79
CA LYS A 39 -5.17 -6.00 10.07
C LYS A 39 -6.24 -5.06 10.62
N VAL A 40 -5.94 -3.77 10.59
CA VAL A 40 -6.86 -2.77 11.07
C VAL A 40 -8.28 -3.14 10.64
N ARG A 41 -8.36 -3.74 9.47
CA ARG A 41 -9.65 -4.15 8.93
C ARG A 41 -9.83 -5.66 9.08
N GLY A 42 -8.73 -6.37 9.00
CA GLY A 42 -8.75 -7.82 9.12
C GLY A 42 -8.33 -8.49 7.81
N LEU A 43 -7.88 -7.67 6.88
CA LEU A 43 -7.45 -8.17 5.58
C LEU A 43 -6.20 -9.03 5.75
N ASN A 44 -6.08 -10.02 4.89
CA ASN A 44 -4.94 -10.92 4.94
C ASN A 44 -3.94 -10.53 3.85
N GLN A 45 -2.68 -10.90 4.09
CA GLN A 45 -1.62 -10.59 3.14
C GLN A 45 -1.49 -11.73 2.12
N ASP A 46 -2.64 -12.24 1.70
CA ASP A 46 -2.66 -13.32 0.72
C ASP A 46 -3.81 -13.10 -0.26
N CYS A 47 -4.97 -12.78 0.31
CA CYS A 47 -6.15 -12.54 -0.50
C CYS A 47 -6.24 -11.05 -0.78
N CYS A 48 -5.10 -10.38 -0.68
CA CYS A 48 -5.04 -8.95 -0.92
C CYS A 48 -3.74 -8.64 -1.67
N VAL A 49 -3.83 -7.67 -2.56
CA VAL A 49 -2.67 -7.27 -3.35
C VAL A 49 -2.47 -5.76 -3.22
N VAL A 50 -1.24 -5.33 -3.47
CA VAL A 50 -0.90 -3.93 -3.39
C VAL A 50 -0.31 -3.47 -4.72
N TYR A 51 -1.00 -2.52 -5.35
CA TYR A 51 -0.56 -1.98 -6.62
C TYR A 51 0.19 -0.67 -6.44
N ARG A 52 1.26 -0.51 -7.21
CA ARG A 52 2.06 0.70 -7.13
C ARG A 52 1.68 1.65 -8.27
N LEU A 53 1.58 2.93 -7.91
CA LEU A 53 1.21 3.95 -8.87
C LEU A 53 2.48 4.40 -9.62
N ILE A 54 2.62 3.91 -10.84
CA ILE A 54 3.77 4.26 -11.65
C ILE A 54 3.28 4.83 -12.99
N LYS A 55 3.13 6.14 -13.02
CA LYS A 55 2.67 6.82 -14.22
C LYS A 55 1.25 6.36 -14.55
N GLY A 56 0.42 6.31 -13.51
CA GLY A 56 -0.96 5.90 -13.67
C GLY A 56 -1.05 4.47 -14.19
N ARG A 57 -0.34 3.58 -13.51
CA ARG A 57 -0.33 2.18 -13.88
C ARG A 57 -0.13 1.30 -12.65
N LYS A 58 -1.22 0.64 -12.26
CA LYS A 58 -1.18 -0.24 -11.10
C LYS A 58 -0.10 -1.31 -11.31
N THR A 59 0.97 -1.18 -10.52
CA THR A 59 2.07 -2.11 -10.61
C THR A 59 2.11 -3.00 -9.36
N VAL A 60 1.59 -4.21 -9.52
CA VAL A 60 1.56 -5.16 -8.42
C VAL A 60 2.89 -5.10 -7.67
N THR A 61 2.78 -5.08 -6.35
CA THR A 61 3.96 -5.02 -5.50
C THR A 61 4.10 -6.31 -4.69
N ALA A 62 5.31 -6.53 -4.18
CA ALA A 62 5.58 -7.71 -3.38
C ALA A 62 5.39 -7.39 -1.90
N TRP A 63 5.20 -8.44 -1.12
CA TRP A 63 5.00 -8.29 0.31
C TRP A 63 6.37 -8.23 0.97
N ASP A 64 7.30 -8.99 0.41
CA ASP A 64 8.66 -9.04 0.93
C ASP A 64 9.51 -7.98 0.23
N THR A 65 8.96 -6.77 0.18
CA THR A 65 9.66 -5.66 -0.46
C THR A 65 9.91 -4.54 0.55
N ALA A 66 10.82 -3.65 0.19
CA ALA A 66 11.16 -2.54 1.05
C ALA A 66 10.24 -1.35 0.73
N ILE A 67 9.88 -0.62 1.77
CA ILE A 67 9.01 0.54 1.62
C ILE A 67 9.86 1.79 1.43
N ALA A 68 11.12 1.56 1.06
CA ALA A 68 12.05 2.66 0.84
C ALA A 68 11.68 3.38 -0.46
N PRO A 69 11.68 2.59 -1.57
CA PRO A 69 11.36 3.14 -2.88
C PRO A 69 9.85 3.39 -3.01
N LEU A 70 9.31 4.08 -2.03
CA LEU A 70 7.89 4.39 -2.01
C LEU A 70 7.70 5.89 -1.76
N ASP A 71 8.52 6.41 -0.86
CA ASP A 71 8.45 7.82 -0.52
C ASP A 71 8.04 8.62 -1.75
N GLY A 72 6.85 9.21 -1.67
CA GLY A 72 6.34 10.00 -2.78
C GLY A 72 5.66 9.12 -3.82
N GLU A 73 4.59 8.46 -3.39
CA GLU A 73 3.84 7.58 -4.27
C GLU A 73 2.50 7.21 -3.64
N GLU A 74 1.84 6.25 -4.27
CA GLU A 74 0.54 5.81 -3.78
C GLU A 74 0.32 4.33 -4.14
N LEU A 75 0.00 3.55 -3.13
CA LEU A 75 -0.24 2.13 -3.32
C LEU A 75 -1.73 1.84 -3.16
N ILE A 76 -2.20 0.83 -3.90
CA ILE A 76 -3.59 0.45 -3.84
C ILE A 76 -3.70 -0.98 -3.30
N VAL A 77 -4.30 -1.08 -2.11
CA VAL A 77 -4.47 -2.37 -1.48
C VAL A 77 -5.85 -2.93 -1.83
N GLU A 78 -5.84 -3.90 -2.75
CA GLU A 78 -7.07 -4.52 -3.18
C GLU A 78 -7.20 -5.91 -2.56
N VAL A 79 -8.44 -6.40 -2.54
CA VAL A 79 -8.72 -7.72 -2.00
C VAL A 79 -9.10 -8.67 -3.12
N LEU A 80 -8.33 -9.74 -3.24
CA LEU A 80 -8.57 -10.74 -4.27
C LEU A 80 -9.96 -11.33 -4.08
N SER A 81 -10.88 -10.87 -4.92
CA SER A 81 -12.26 -11.35 -4.85
C SER A 81 -12.99 -11.01 -6.15
N GLY A 82 -14.06 -11.75 -6.40
CA GLY A 82 -14.85 -11.54 -7.60
C GLY A 82 -15.68 -10.26 -7.49
N PRO A 83 -15.96 -9.64 -8.67
CA PRO A 83 -16.74 -8.42 -8.71
C PRO A 83 -18.22 -8.70 -8.47
N SER A 84 -18.83 -7.84 -7.66
CA SER A 84 -20.24 -7.98 -7.34
C SER A 84 -20.85 -6.61 -7.03
N SER A 85 -21.87 -6.27 -7.79
CA SER A 85 -22.54 -4.99 -7.60
C SER A 85 -23.56 -5.10 -6.46
N GLY A 86 -23.38 -4.24 -5.45
CA GLY A 86 -24.26 -4.24 -4.31
C GLY A 86 -25.45 -3.30 -4.53
N GLY A 1 0.28 24.45 -10.78
CA GLY A 1 0.40 23.00 -10.96
C GLY A 1 0.15 22.27 -9.64
N SER A 2 -0.47 21.10 -9.76
CA SER A 2 -0.78 20.30 -8.60
C SER A 2 0.52 19.87 -7.89
N SER A 3 0.80 20.53 -6.78
CA SER A 3 1.99 20.23 -6.02
C SER A 3 1.61 19.56 -4.69
N GLY A 4 1.76 18.25 -4.66
CA GLY A 4 1.44 17.48 -3.47
C GLY A 4 2.70 16.85 -2.86
N SER A 5 2.47 15.86 -2.01
CA SER A 5 3.57 15.18 -1.36
C SER A 5 4.40 16.16 -0.53
N SER A 6 4.35 15.97 0.78
CA SER A 6 5.08 16.83 1.69
C SER A 6 5.02 16.26 3.11
N GLY A 7 6.19 15.98 3.65
CA GLY A 7 6.29 15.44 4.99
C GLY A 7 7.09 14.13 5.00
N GLY A 8 6.47 13.10 5.54
CA GLY A 8 7.12 11.79 5.62
C GLY A 8 6.09 10.69 5.80
N THR A 9 5.22 10.55 4.80
CA THR A 9 4.19 9.53 4.83
C THR A 9 3.74 9.18 3.41
N VAL A 10 2.95 8.11 3.33
CA VAL A 10 2.44 7.66 2.04
C VAL A 10 0.95 7.36 2.17
N LYS A 11 0.23 7.64 1.10
CA LYS A 11 -1.21 7.39 1.07
C LYS A 11 -1.48 6.01 0.49
N VAL A 12 -2.32 5.25 1.17
CA VAL A 12 -2.66 3.92 0.73
C VAL A 12 -4.18 3.84 0.49
N TYR A 13 -4.53 3.27 -0.65
CA TYR A 13 -5.93 3.12 -1.00
C TYR A 13 -6.44 1.71 -0.69
N LEU A 14 -7.39 1.65 0.25
CA LEU A 14 -7.95 0.37 0.66
C LEU A 14 -8.95 -0.10 -0.42
N PRO A 15 -9.29 -1.41 -0.35
CA PRO A 15 -10.23 -1.99 -1.29
C PRO A 15 -11.66 -1.55 -0.98
N ASN A 16 -12.03 -0.41 -1.52
CA ASN A 16 -13.37 0.11 -1.32
C ASN A 16 -13.41 1.59 -1.75
N LYS A 17 -12.53 2.37 -1.12
CA LYS A 17 -12.46 3.79 -1.43
C LYS A 17 -11.65 4.49 -0.34
N GLN A 18 -11.71 3.92 0.85
CA GLN A 18 -10.99 4.49 1.98
C GLN A 18 -9.48 4.45 1.73
N ARG A 19 -8.76 5.23 2.52
CA ARG A 19 -7.31 5.28 2.40
C ARG A 19 -6.66 5.48 3.76
N THR A 20 -5.40 5.08 3.86
CA THR A 20 -4.67 5.21 5.10
C THR A 20 -3.27 5.77 4.83
N VAL A 21 -2.80 6.60 5.76
CA VAL A 21 -1.48 7.19 5.63
C VAL A 21 -0.48 6.38 6.45
N VAL A 22 0.59 5.98 5.79
CA VAL A 22 1.63 5.20 6.45
C VAL A 22 2.91 6.03 6.52
N THR A 23 3.76 5.65 7.46
CA THR A 23 5.03 6.35 7.66
C THR A 23 6.12 5.72 6.79
N VAL A 24 6.88 6.59 6.14
CA VAL A 24 7.96 6.15 5.28
C VAL A 24 9.20 5.85 6.13
N ARG A 25 9.50 4.56 6.23
CA ARG A 25 10.66 4.12 7.00
C ARG A 25 11.71 3.48 6.09
N ASP A 26 12.88 3.26 6.66
CA ASP A 26 13.97 2.66 5.91
C ASP A 26 14.44 1.40 6.63
N GLY A 27 13.72 0.31 6.40
CA GLY A 27 14.06 -0.96 7.02
C GLY A 27 12.90 -1.95 6.92
N MET A 28 11.77 -1.55 7.51
CA MET A 28 10.58 -2.38 7.49
C MET A 28 10.18 -2.74 6.06
N SER A 29 9.35 -3.77 5.94
CA SER A 29 8.89 -4.22 4.64
C SER A 29 7.50 -3.64 4.36
N VAL A 30 7.00 -3.95 3.17
CA VAL A 30 5.68 -3.47 2.77
C VAL A 30 4.61 -4.20 3.59
N TYR A 31 4.90 -5.46 3.89
CA TYR A 31 3.97 -6.27 4.67
C TYR A 31 3.74 -5.67 6.05
N ASP A 32 4.83 -5.50 6.79
CA ASP A 32 4.76 -4.95 8.13
C ASP A 32 4.20 -3.53 8.05
N SER A 33 4.28 -2.95 6.86
CA SER A 33 3.77 -1.61 6.64
C SER A 33 2.26 -1.65 6.36
N LEU A 34 1.91 -2.32 5.28
CA LEU A 34 0.52 -2.45 4.89
C LEU A 34 -0.20 -3.37 5.88
N ASP A 35 0.59 -3.98 6.76
CA ASP A 35 0.04 -4.88 7.76
C ASP A 35 -1.15 -4.20 8.45
N LYS A 36 -0.89 -3.05 9.03
CA LYS A 36 -1.92 -2.31 9.72
C LYS A 36 -3.04 -1.96 8.73
N ALA A 37 -2.66 -1.28 7.67
CA ALA A 37 -3.62 -0.89 6.65
C ALA A 37 -4.63 -2.02 6.44
N LEU A 38 -4.14 -3.24 6.60
CA LEU A 38 -4.98 -4.41 6.44
C LEU A 38 -5.61 -4.77 7.77
N LYS A 39 -4.76 -5.10 8.73
CA LYS A 39 -5.22 -5.47 10.05
C LYS A 39 -6.39 -4.57 10.45
N VAL A 40 -6.17 -3.27 10.30
CA VAL A 40 -7.19 -2.29 10.64
C VAL A 40 -8.56 -2.81 10.20
N ARG A 41 -8.58 -3.34 8.98
CA ARG A 41 -9.82 -3.87 8.43
C ARG A 41 -9.94 -5.37 8.75
N GLY A 42 -8.79 -6.01 8.83
CA GLY A 42 -8.76 -7.44 9.13
C GLY A 42 -8.32 -8.24 7.90
N LEU A 43 -7.86 -7.52 6.90
CA LEU A 43 -7.41 -8.15 5.66
C LEU A 43 -6.18 -9.02 5.96
N ASN A 44 -5.82 -9.82 4.98
CA ASN A 44 -4.66 -10.69 5.11
C ASN A 44 -3.61 -10.30 4.08
N GLN A 45 -2.45 -10.94 4.20
CA GLN A 45 -1.35 -10.67 3.28
C GLN A 45 -1.15 -11.85 2.33
N ASP A 46 -2.27 -12.37 1.85
CA ASP A 46 -2.24 -13.49 0.93
C ASP A 46 -3.32 -13.30 -0.14
N CYS A 47 -4.54 -13.05 0.33
CA CYS A 47 -5.66 -12.84 -0.56
C CYS A 47 -5.82 -11.35 -0.80
N CYS A 48 -4.70 -10.63 -0.71
CA CYS A 48 -4.70 -9.20 -0.91
C CYS A 48 -3.42 -8.82 -1.67
N VAL A 49 -3.57 -7.85 -2.55
CA VAL A 49 -2.44 -7.39 -3.34
C VAL A 49 -2.30 -5.87 -3.18
N VAL A 50 -1.11 -5.39 -3.49
CA VAL A 50 -0.83 -3.96 -3.38
C VAL A 50 -0.26 -3.46 -4.71
N TYR A 51 -0.98 -2.51 -5.28
CA TYR A 51 -0.57 -1.92 -6.55
C TYR A 51 0.13 -0.58 -6.34
N ARG A 52 1.17 -0.35 -7.13
CA ARG A 52 1.93 0.88 -7.04
C ARG A 52 1.51 1.85 -8.16
N LEU A 53 1.26 3.08 -7.77
CA LEU A 53 0.86 4.10 -8.73
C LEU A 53 2.09 4.63 -9.46
N ILE A 54 2.22 4.19 -10.71
CA ILE A 54 3.34 4.61 -11.53
C ILE A 54 2.82 5.18 -12.85
N LYS A 55 2.70 6.51 -12.87
CA LYS A 55 2.21 7.19 -14.06
C LYS A 55 0.78 6.74 -14.36
N GLY A 56 0.03 6.55 -13.28
CA GLY A 56 -1.36 6.12 -13.40
C GLY A 56 -1.44 4.69 -13.93
N ARG A 57 -0.64 3.83 -13.33
CA ARG A 57 -0.62 2.43 -13.74
C ARG A 57 -0.37 1.53 -12.53
N LYS A 58 -1.40 0.79 -12.15
CA LYS A 58 -1.31 -0.10 -11.00
C LYS A 58 -0.18 -1.10 -11.24
N THR A 59 0.87 -0.95 -10.45
CA THR A 59 2.02 -1.82 -10.56
C THR A 59 2.09 -2.76 -9.36
N VAL A 60 1.63 -3.99 -9.57
CA VAL A 60 1.63 -4.99 -8.51
C VAL A 60 2.95 -4.88 -7.72
N THR A 61 2.82 -5.11 -6.42
CA THR A 61 3.99 -5.04 -5.54
C THR A 61 4.10 -6.32 -4.72
N ALA A 62 5.29 -6.52 -4.16
CA ALA A 62 5.55 -7.70 -3.35
C ALA A 62 5.46 -7.33 -1.88
N TRP A 63 5.21 -8.34 -1.06
CA TRP A 63 5.10 -8.13 0.39
C TRP A 63 6.51 -8.08 0.97
N ASP A 64 7.38 -8.90 0.39
CA ASP A 64 8.76 -8.96 0.84
C ASP A 64 9.44 -7.61 0.58
N THR A 65 9.03 -6.99 -0.51
CA THR A 65 9.59 -5.70 -0.88
C THR A 65 9.69 -4.79 0.35
N ALA A 66 10.55 -3.78 0.23
CA ALA A 66 10.75 -2.84 1.31
C ALA A 66 9.78 -1.67 1.15
N ILE A 67 9.75 -0.82 2.16
CA ILE A 67 8.87 0.34 2.15
C ILE A 67 9.72 1.61 2.02
N ALA A 68 11.01 1.40 1.83
CA ALA A 68 11.94 2.53 1.68
C ALA A 68 11.83 3.09 0.27
N PRO A 69 11.74 2.16 -0.72
CA PRO A 69 11.62 2.57 -2.11
C PRO A 69 10.22 3.09 -2.43
N LEU A 70 9.77 4.04 -1.61
CA LEU A 70 8.46 4.62 -1.79
C LEU A 70 8.56 6.14 -1.63
N ASP A 71 9.01 6.55 -0.46
CA ASP A 71 9.15 7.97 -0.17
C ASP A 71 7.79 8.66 -0.33
N GLY A 72 7.55 9.12 -1.55
CA GLY A 72 6.30 9.80 -1.86
C GLY A 72 5.58 9.12 -3.02
N GLU A 73 4.45 8.51 -2.71
CA GLU A 73 3.66 7.82 -3.72
C GLU A 73 2.34 7.32 -3.12
N GLU A 74 1.68 6.45 -3.86
CA GLU A 74 0.42 5.89 -3.41
C GLU A 74 0.29 4.44 -3.88
N LEU A 75 -0.27 3.62 -3.01
CA LEU A 75 -0.47 2.22 -3.32
C LEU A 75 -1.94 1.86 -3.14
N ILE A 76 -2.35 0.80 -3.84
CA ILE A 76 -3.73 0.35 -3.78
C ILE A 76 -3.77 -1.08 -3.22
N VAL A 77 -4.40 -1.22 -2.08
CA VAL A 77 -4.51 -2.53 -1.44
C VAL A 77 -5.83 -3.18 -1.86
N GLU A 78 -5.71 -4.13 -2.77
CA GLU A 78 -6.88 -4.85 -3.26
C GLU A 78 -6.98 -6.23 -2.60
N VAL A 79 -8.19 -6.77 -2.64
CA VAL A 79 -8.43 -8.08 -2.05
C VAL A 79 -8.79 -9.07 -3.16
N LEU A 80 -7.94 -10.08 -3.30
CA LEU A 80 -8.17 -11.10 -4.32
C LEU A 80 -9.54 -11.72 -4.12
N SER A 81 -9.70 -12.41 -2.99
CA SER A 81 -10.96 -13.05 -2.67
C SER A 81 -11.48 -13.83 -3.89
N GLY A 82 -10.92 -15.02 -4.08
CA GLY A 82 -11.32 -15.85 -5.20
C GLY A 82 -12.77 -16.32 -5.05
N PRO A 83 -12.94 -17.47 -4.33
CA PRO A 83 -14.26 -18.02 -4.11
C PRO A 83 -15.03 -17.22 -3.06
N SER A 84 -16.30 -17.56 -2.90
CA SER A 84 -17.14 -16.88 -1.94
C SER A 84 -18.61 -17.24 -2.18
N SER A 85 -19.14 -16.70 -3.26
CA SER A 85 -20.54 -16.95 -3.62
C SER A 85 -20.65 -17.18 -5.13
N GLY A 86 -21.41 -18.22 -5.47
CA GLY A 86 -21.62 -18.55 -6.87
C GLY A 86 -21.88 -20.05 -7.04
N GLY A 1 1.81 16.81 6.03
CA GLY A 1 0.46 17.17 5.70
C GLY A 1 0.38 18.62 5.22
N SER A 2 1.02 18.87 4.10
CA SER A 2 1.03 20.21 3.52
C SER A 2 1.39 20.14 2.04
N SER A 3 1.17 21.26 1.35
CA SER A 3 1.47 21.34 -0.06
C SER A 3 2.95 21.66 -0.28
N GLY A 4 3.59 20.85 -1.11
CA GLY A 4 5.00 21.04 -1.40
C GLY A 4 5.86 20.08 -0.58
N SER A 5 6.48 19.14 -1.29
CA SER A 5 7.33 18.16 -0.65
C SER A 5 6.61 17.56 0.57
N SER A 6 5.99 16.41 0.35
CA SER A 6 5.27 15.74 1.40
C SER A 6 6.14 15.63 2.65
N GLY A 7 5.51 15.82 3.80
CA GLY A 7 6.22 15.75 5.07
C GLY A 7 7.05 14.47 5.16
N GLY A 8 6.36 13.34 5.18
CA GLY A 8 7.01 12.05 5.27
C GLY A 8 6.00 10.94 5.53
N THR A 9 5.11 10.75 4.56
CA THR A 9 4.09 9.73 4.67
C THR A 9 3.65 9.25 3.27
N VAL A 10 2.83 8.22 3.26
CA VAL A 10 2.33 7.67 2.02
C VAL A 10 0.85 7.32 2.17
N LYS A 11 0.11 7.57 1.10
CA LYS A 11 -1.32 7.30 1.09
C LYS A 11 -1.55 5.85 0.65
N VAL A 12 -2.37 5.15 1.43
CA VAL A 12 -2.68 3.77 1.13
C VAL A 12 -4.17 3.64 0.85
N TYR A 13 -4.49 3.26 -0.38
CA TYR A 13 -5.86 3.09 -0.79
C TYR A 13 -6.36 1.66 -0.50
N LEU A 14 -7.27 1.57 0.46
CA LEU A 14 -7.82 0.28 0.83
C LEU A 14 -8.97 -0.07 -0.13
N PRO A 15 -9.33 -1.39 -0.13
CA PRO A 15 -10.39 -1.87 -0.99
C PRO A 15 -11.77 -1.46 -0.43
N ASN A 16 -11.73 -0.81 0.72
CA ASN A 16 -12.96 -0.35 1.36
C ASN A 16 -13.23 1.10 0.97
N LYS A 17 -12.94 1.41 -0.29
CA LYS A 17 -13.15 2.75 -0.80
C LYS A 17 -12.62 3.76 0.21
N GLN A 18 -11.65 3.32 0.99
CA GLN A 18 -11.04 4.17 2.01
C GLN A 18 -9.53 4.29 1.77
N ARG A 19 -8.93 5.22 2.50
CA ARG A 19 -7.50 5.45 2.38
C ARG A 19 -6.89 5.75 3.75
N THR A 20 -5.63 5.37 3.90
CA THR A 20 -4.93 5.61 5.15
C THR A 20 -3.48 6.01 4.88
N VAL A 21 -3.04 7.04 5.58
CA VAL A 21 -1.68 7.54 5.43
C VAL A 21 -0.77 6.82 6.42
N VAL A 22 0.33 6.30 5.90
CA VAL A 22 1.29 5.59 6.72
C VAL A 22 2.65 6.29 6.63
N THR A 23 3.44 6.13 7.68
CA THR A 23 4.76 6.73 7.74
C THR A 23 5.74 5.95 6.85
N VAL A 24 6.64 6.69 6.23
CA VAL A 24 7.63 6.08 5.35
C VAL A 24 8.88 5.74 6.17
N ARG A 25 9.09 4.45 6.37
CA ARG A 25 10.24 3.98 7.12
C ARG A 25 11.20 3.21 6.20
N ASP A 26 12.47 3.54 6.33
CA ASP A 26 13.50 2.91 5.53
C ASP A 26 14.16 1.79 6.35
N GLY A 27 13.31 0.95 6.93
CA GLY A 27 13.80 -0.16 7.74
C GLY A 27 12.69 -1.17 8.00
N MET A 28 11.89 -1.40 6.97
CA MET A 28 10.78 -2.34 7.08
C MET A 28 10.19 -2.64 5.70
N SER A 29 9.69 -3.86 5.57
CA SER A 29 9.10 -4.29 4.31
C SER A 29 7.73 -3.62 4.13
N VAL A 30 7.02 -4.07 3.11
CA VAL A 30 5.71 -3.53 2.81
C VAL A 30 4.65 -4.30 3.59
N TYR A 31 4.91 -5.58 3.78
CA TYR A 31 4.00 -6.43 4.52
C TYR A 31 3.75 -5.89 5.93
N ASP A 32 4.84 -5.78 6.69
CA ASP A 32 4.75 -5.27 8.05
C ASP A 32 4.14 -3.87 8.02
N SER A 33 4.31 -3.20 6.89
CA SER A 33 3.78 -1.86 6.73
C SER A 33 2.27 -1.92 6.48
N LEU A 34 1.90 -2.55 5.38
CA LEU A 34 0.50 -2.68 5.01
C LEU A 34 -0.20 -3.58 6.02
N ASP A 35 0.61 -4.23 6.85
CA ASP A 35 0.09 -5.14 7.86
C ASP A 35 -1.05 -4.44 8.62
N LYS A 36 -0.70 -3.33 9.23
CA LYS A 36 -1.68 -2.55 9.99
C LYS A 36 -2.77 -2.05 9.05
N ALA A 37 -2.34 -1.36 8.00
CA ALA A 37 -3.27 -0.82 7.02
C ALA A 37 -4.37 -1.83 6.77
N LEU A 38 -3.99 -3.10 6.78
CA LEU A 38 -4.93 -4.18 6.55
C LEU A 38 -5.53 -4.61 7.88
N LYS A 39 -4.65 -5.02 8.78
CA LYS A 39 -5.09 -5.46 10.11
C LYS A 39 -6.21 -4.55 10.60
N VAL A 40 -5.95 -3.26 10.54
CA VAL A 40 -6.92 -2.27 10.98
C VAL A 40 -8.32 -2.73 10.55
N ARG A 41 -8.40 -3.22 9.34
CA ARG A 41 -9.67 -3.68 8.80
C ARG A 41 -9.82 -5.20 9.00
N GLY A 42 -8.68 -5.86 8.98
CA GLY A 42 -8.66 -7.31 9.16
C GLY A 42 -8.23 -8.03 7.88
N LEU A 43 -7.82 -7.22 6.91
CA LEU A 43 -7.39 -7.77 5.64
C LEU A 43 -6.08 -8.55 5.83
N ASN A 44 -5.99 -9.67 5.14
CA ASN A 44 -4.81 -10.50 5.23
C ASN A 44 -3.90 -10.25 4.02
N GLN A 45 -2.64 -10.63 4.18
CA GLN A 45 -1.68 -10.44 3.10
C GLN A 45 -1.57 -11.72 2.27
N ASP A 46 -2.70 -12.34 2.04
CA ASP A 46 -2.75 -13.57 1.25
C ASP A 46 -3.73 -13.40 0.10
N CYS A 47 -4.88 -12.84 0.43
CA CYS A 47 -5.92 -12.62 -0.57
C CYS A 47 -6.03 -11.11 -0.83
N CYS A 48 -4.87 -10.46 -0.78
CA CYS A 48 -4.83 -9.02 -0.99
C CYS A 48 -3.57 -8.71 -1.81
N VAL A 49 -3.71 -7.72 -2.69
CA VAL A 49 -2.59 -7.31 -3.53
C VAL A 49 -2.42 -5.79 -3.45
N VAL A 50 -1.18 -5.36 -3.61
CA VAL A 50 -0.88 -3.93 -3.55
C VAL A 50 -0.33 -3.48 -4.91
N TYR A 51 -0.92 -2.41 -5.42
CA TYR A 51 -0.51 -1.87 -6.70
C TYR A 51 0.25 -0.55 -6.53
N ARG A 52 1.28 -0.39 -7.33
CA ARG A 52 2.10 0.82 -7.27
C ARG A 52 1.69 1.79 -8.39
N LEU A 53 1.80 3.08 -8.07
CA LEU A 53 1.45 4.10 -9.04
C LEU A 53 2.67 4.45 -9.87
N ILE A 54 2.69 3.93 -11.09
CA ILE A 54 3.79 4.18 -12.00
C ILE A 54 3.25 4.75 -13.31
N LYS A 55 3.23 6.07 -13.38
CA LYS A 55 2.74 6.76 -14.57
C LYS A 55 1.27 6.37 -14.80
N GLY A 56 0.53 6.35 -13.70
CA GLY A 56 -0.89 6.01 -13.77
C GLY A 56 -1.08 4.56 -14.24
N ARG A 57 -0.39 3.66 -13.54
CA ARG A 57 -0.48 2.25 -13.86
C ARG A 57 -0.28 1.40 -12.61
N LYS A 58 -1.36 0.77 -12.18
CA LYS A 58 -1.32 -0.07 -10.99
C LYS A 58 -0.33 -1.21 -11.22
N THR A 59 0.84 -1.08 -10.62
CA THR A 59 1.87 -2.09 -10.75
C THR A 59 1.96 -2.93 -9.47
N VAL A 60 1.37 -4.12 -9.54
CA VAL A 60 1.38 -5.02 -8.41
C VAL A 60 2.74 -4.96 -7.72
N THR A 61 2.74 -5.33 -6.45
CA THR A 61 3.96 -5.32 -5.66
C THR A 61 4.04 -6.57 -4.78
N ALA A 62 5.25 -6.89 -4.36
CA ALA A 62 5.48 -8.04 -3.52
C ALA A 62 5.31 -7.65 -2.05
N TRP A 63 5.13 -8.65 -1.21
CA TRP A 63 4.95 -8.42 0.22
C TRP A 63 6.34 -8.42 0.87
N ASP A 64 7.26 -9.11 0.21
CA ASP A 64 8.61 -9.20 0.72
C ASP A 64 9.47 -8.09 0.09
N THR A 65 8.83 -6.96 -0.14
CA THR A 65 9.50 -5.82 -0.75
C THR A 65 9.80 -4.75 0.31
N ALA A 66 10.75 -3.89 -0.02
CA ALA A 66 11.13 -2.83 0.89
C ALA A 66 10.21 -1.63 0.69
N ILE A 67 10.04 -0.86 1.76
CA ILE A 67 9.18 0.32 1.70
C ILE A 67 10.06 1.57 1.54
N ALA A 68 11.27 1.35 1.09
CA ALA A 68 12.21 2.44 0.89
C ALA A 68 11.88 3.16 -0.42
N PRO A 69 11.89 2.38 -1.52
CA PRO A 69 11.59 2.93 -2.83
C PRO A 69 10.08 3.20 -2.98
N LEU A 70 9.55 3.96 -2.04
CA LEU A 70 8.14 4.30 -2.06
C LEU A 70 7.96 5.78 -1.74
N ASP A 71 8.72 6.22 -0.74
CA ASP A 71 8.65 7.62 -0.32
C ASP A 71 8.35 8.50 -1.53
N GLY A 72 7.11 8.98 -1.58
CA GLY A 72 6.67 9.83 -2.67
C GLY A 72 5.95 9.02 -3.74
N GLU A 73 4.88 8.36 -3.30
CA GLU A 73 4.08 7.55 -4.21
C GLU A 73 2.73 7.21 -3.57
N GLU A 74 2.06 6.24 -4.17
CA GLU A 74 0.75 5.82 -3.66
C GLU A 74 0.49 4.37 -4.06
N LEU A 75 0.21 3.55 -3.05
CA LEU A 75 -0.07 2.14 -3.29
C LEU A 75 -1.58 1.90 -3.15
N ILE A 76 -2.05 0.90 -3.89
CA ILE A 76 -3.46 0.56 -3.85
C ILE A 76 -3.61 -0.87 -3.36
N VAL A 77 -4.27 -1.01 -2.21
CA VAL A 77 -4.49 -2.32 -1.62
C VAL A 77 -5.86 -2.85 -2.05
N GLU A 78 -5.85 -4.06 -2.58
CA GLU A 78 -7.08 -4.69 -3.03
C GLU A 78 -7.12 -6.15 -2.59
N VAL A 79 -8.29 -6.76 -2.77
CA VAL A 79 -8.47 -8.14 -2.40
C VAL A 79 -8.43 -9.02 -3.65
N LEU A 80 -7.70 -10.12 -3.55
CA LEU A 80 -7.56 -11.03 -4.67
C LEU A 80 -8.91 -11.70 -4.93
N SER A 81 -9.05 -12.19 -6.16
CA SER A 81 -10.29 -12.85 -6.56
C SER A 81 -11.47 -11.89 -6.40
N GLY A 82 -11.65 -11.07 -7.43
CA GLY A 82 -12.75 -10.10 -7.41
C GLY A 82 -13.79 -10.45 -8.46
N PRO A 83 -14.67 -9.45 -8.76
CA PRO A 83 -15.72 -9.64 -9.74
C PRO A 83 -15.16 -9.63 -11.17
N SER A 84 -15.18 -10.80 -11.78
CA SER A 84 -14.67 -10.94 -13.14
C SER A 84 -15.48 -12.00 -13.89
N SER A 85 -15.60 -11.80 -15.20
CA SER A 85 -16.34 -12.72 -16.03
C SER A 85 -15.65 -14.09 -16.05
N GLY A 86 -16.43 -15.12 -15.78
CA GLY A 86 -15.92 -16.48 -15.77
C GLY A 86 -16.09 -17.11 -14.38
N GLY A 1 7.35 14.04 22.37
CA GLY A 1 7.94 14.49 21.12
C GLY A 1 7.29 13.77 19.92
N SER A 2 6.08 14.20 19.61
CA SER A 2 5.34 13.62 18.50
C SER A 2 5.00 14.69 17.47
N SER A 3 5.61 14.56 16.31
CA SER A 3 5.38 15.52 15.23
C SER A 3 5.84 14.93 13.91
N GLY A 4 5.44 15.60 12.82
CA GLY A 4 5.81 15.16 11.49
C GLY A 4 4.58 14.62 10.73
N SER A 5 4.07 15.45 9.84
CA SER A 5 2.91 15.08 9.05
C SER A 5 2.92 15.84 7.72
N SER A 6 2.13 15.33 6.78
CA SER A 6 2.04 15.95 5.47
C SER A 6 3.44 16.18 4.89
N GLY A 7 4.03 15.09 4.40
CA GLY A 7 5.35 15.15 3.82
C GLY A 7 6.02 13.77 3.82
N GLY A 8 6.50 13.38 4.99
CA GLY A 8 7.15 12.09 5.12
C GLY A 8 6.12 10.98 5.36
N THR A 9 5.17 10.89 4.45
CA THR A 9 4.13 9.88 4.55
C THR A 9 3.68 9.45 3.15
N VAL A 10 2.86 8.40 3.12
CA VAL A 10 2.35 7.89 1.87
C VAL A 10 0.87 7.51 2.04
N LYS A 11 0.12 7.71 0.98
CA LYS A 11 -1.31 7.40 0.99
C LYS A 11 -1.52 5.97 0.47
N VAL A 12 -2.30 5.21 1.22
CA VAL A 12 -2.59 3.84 0.86
C VAL A 12 -4.10 3.67 0.67
N TYR A 13 -4.48 3.38 -0.57
CA TYR A 13 -5.89 3.20 -0.89
C TYR A 13 -6.35 1.79 -0.51
N LEU A 14 -7.32 1.74 0.40
CA LEU A 14 -7.85 0.47 0.84
C LEU A 14 -9.00 0.05 -0.08
N PRO A 15 -9.33 -1.28 -0.03
CA PRO A 15 -10.41 -1.80 -0.85
C PRO A 15 -11.78 -1.40 -0.29
N ASN A 16 -11.96 -0.10 -0.14
CA ASN A 16 -13.21 0.42 0.39
C ASN A 16 -13.34 1.90 0.01
N LYS A 17 -12.75 2.24 -1.13
CA LYS A 17 -12.79 3.61 -1.60
C LYS A 17 -12.19 4.54 -0.54
N GLN A 18 -11.46 3.93 0.39
CA GLN A 18 -10.85 4.69 1.46
C GLN A 18 -9.32 4.70 1.29
N ARG A 19 -8.67 5.52 2.10
CA ARG A 19 -7.22 5.63 2.05
C ARG A 19 -6.67 5.89 3.45
N THR A 20 -5.41 5.49 3.64
CA THR A 20 -4.75 5.68 4.91
C THR A 20 -3.31 6.15 4.71
N VAL A 21 -2.94 7.16 5.48
CA VAL A 21 -1.59 7.71 5.39
C VAL A 21 -0.66 6.93 6.33
N VAL A 22 0.49 6.56 5.79
CA VAL A 22 1.47 5.81 6.56
C VAL A 22 2.81 6.53 6.50
N THR A 23 3.59 6.34 7.56
CA THR A 23 4.90 6.97 7.64
C THR A 23 5.93 6.17 6.84
N VAL A 24 6.84 6.89 6.21
CA VAL A 24 7.88 6.26 5.42
C VAL A 24 9.07 5.93 6.31
N ARG A 25 9.25 4.63 6.53
CA ARG A 25 10.35 4.17 7.37
C ARG A 25 11.37 3.41 6.52
N ASP A 26 12.63 3.83 6.67
CA ASP A 26 13.71 3.21 5.93
C ASP A 26 14.21 1.98 6.69
N GLY A 27 13.40 0.93 6.66
CA GLY A 27 13.75 -0.31 7.34
C GLY A 27 12.68 -1.37 7.14
N MET A 28 11.51 -1.11 7.71
CA MET A 28 10.39 -2.02 7.61
C MET A 28 10.08 -2.34 6.14
N SER A 29 9.22 -3.33 5.95
CA SER A 29 8.83 -3.74 4.60
C SER A 29 7.38 -3.35 4.35
N VAL A 30 6.95 -3.59 3.12
CA VAL A 30 5.59 -3.27 2.72
C VAL A 30 4.61 -4.10 3.55
N TYR A 31 4.96 -5.37 3.73
CA TYR A 31 4.14 -6.28 4.50
C TYR A 31 3.97 -5.79 5.93
N ASP A 32 5.09 -5.54 6.59
CA ASP A 32 5.07 -5.08 7.96
C ASP A 32 4.37 -3.72 8.02
N SER A 33 4.26 -3.09 6.86
CA SER A 33 3.60 -1.79 6.76
C SER A 33 2.10 -1.98 6.57
N LEU A 34 1.75 -2.67 5.49
CA LEU A 34 0.36 -2.92 5.18
C LEU A 34 -0.19 -3.99 6.13
N ASP A 35 0.70 -4.49 6.98
CA ASP A 35 0.33 -5.52 7.94
C ASP A 35 -0.89 -5.04 8.74
N LYS A 36 -0.77 -3.84 9.28
CA LYS A 36 -1.84 -3.26 10.06
C LYS A 36 -2.96 -2.80 9.13
N ALA A 37 -2.58 -1.97 8.16
CA ALA A 37 -3.54 -1.45 7.20
C ALA A 37 -4.54 -2.55 6.85
N LEU A 38 -4.05 -3.79 6.84
CA LEU A 38 -4.89 -4.92 6.52
C LEU A 38 -5.56 -5.44 7.80
N LYS A 39 -4.73 -5.89 8.72
CA LYS A 39 -5.23 -6.40 9.98
C LYS A 39 -6.33 -5.48 10.51
N VAL A 40 -6.00 -4.20 10.60
CA VAL A 40 -6.95 -3.21 11.07
C VAL A 40 -8.33 -3.50 10.49
N ARG A 41 -8.34 -3.84 9.20
CA ARG A 41 -9.57 -4.14 8.51
C ARG A 41 -9.91 -5.62 8.65
N GLY A 42 -8.86 -6.42 8.83
CA GLY A 42 -9.03 -7.86 8.98
C GLY A 42 -8.63 -8.59 7.70
N LEU A 43 -7.97 -7.86 6.81
CA LEU A 43 -7.54 -8.43 5.55
C LEU A 43 -6.34 -9.35 5.80
N ASN A 44 -5.95 -10.07 4.76
CA ASN A 44 -4.83 -10.98 4.85
C ASN A 44 -3.78 -10.59 3.81
N GLN A 45 -2.61 -11.21 3.94
CA GLN A 45 -1.52 -10.95 3.02
C GLN A 45 -1.44 -12.04 1.95
N ASP A 46 -2.62 -12.47 1.50
CA ASP A 46 -2.70 -13.50 0.48
C ASP A 46 -3.85 -13.19 -0.47
N CYS A 47 -4.99 -12.85 0.13
CA CYS A 47 -6.18 -12.52 -0.66
C CYS A 47 -6.22 -11.01 -0.84
N CYS A 48 -5.05 -10.40 -0.74
CA CYS A 48 -4.94 -8.96 -0.90
C CYS A 48 -3.65 -8.65 -1.65
N VAL A 49 -3.70 -7.62 -2.48
CA VAL A 49 -2.54 -7.21 -3.26
C VAL A 49 -2.39 -5.69 -3.19
N VAL A 50 -1.17 -5.24 -3.43
CA VAL A 50 -0.88 -3.82 -3.39
C VAL A 50 -0.33 -3.38 -4.75
N TYR A 51 -0.98 -2.38 -5.32
CA TYR A 51 -0.57 -1.86 -6.62
C TYR A 51 0.16 -0.53 -6.47
N ARG A 52 1.24 -0.39 -7.22
CA ARG A 52 2.03 0.82 -7.18
C ARG A 52 1.61 1.77 -8.31
N LEU A 53 1.62 3.06 -8.00
CA LEU A 53 1.25 4.07 -8.97
C LEU A 53 2.49 4.50 -9.77
N ILE A 54 2.61 3.93 -10.96
CA ILE A 54 3.74 4.24 -11.82
C ILE A 54 3.22 4.83 -13.14
N LYS A 55 3.16 6.15 -13.17
CA LYS A 55 2.69 6.85 -14.36
C LYS A 55 1.22 6.49 -14.60
N GLY A 56 0.50 6.30 -13.51
CA GLY A 56 -0.91 5.95 -13.59
C GLY A 56 -1.09 4.51 -14.07
N ARG A 57 -0.36 3.61 -13.44
CA ARG A 57 -0.43 2.21 -13.80
C ARG A 57 -0.24 1.33 -12.55
N LYS A 58 -1.32 0.68 -12.15
CA LYS A 58 -1.29 -0.19 -11.00
C LYS A 58 -0.22 -1.28 -11.21
N THR A 59 0.86 -1.14 -10.46
CA THR A 59 1.95 -2.10 -10.55
C THR A 59 2.03 -2.94 -9.27
N VAL A 60 1.47 -4.14 -9.36
CA VAL A 60 1.47 -5.05 -8.22
C VAL A 60 2.83 -4.98 -7.52
N THR A 61 2.78 -5.04 -6.19
CA THR A 61 3.98 -4.98 -5.39
C THR A 61 4.08 -6.20 -4.48
N ALA A 62 5.28 -6.73 -4.38
CA ALA A 62 5.52 -7.90 -3.54
C ALA A 62 5.40 -7.49 -2.08
N TRP A 63 5.16 -8.49 -1.23
CA TRP A 63 5.04 -8.25 0.20
C TRP A 63 6.45 -8.17 0.79
N ASP A 64 7.35 -8.90 0.17
CA ASP A 64 8.74 -8.92 0.63
C ASP A 64 9.38 -7.56 0.36
N THR A 65 8.82 -6.86 -0.62
CA THR A 65 9.33 -5.55 -0.99
C THR A 65 9.50 -4.68 0.27
N ALA A 66 10.32 -3.65 0.12
CA ALA A 66 10.58 -2.73 1.22
C ALA A 66 9.70 -1.50 1.07
N ILE A 67 9.68 -0.69 2.12
CA ILE A 67 8.88 0.53 2.12
C ILE A 67 9.82 1.74 2.08
N ALA A 68 11.11 1.45 1.93
CA ALA A 68 12.10 2.51 1.88
C ALA A 68 12.08 3.16 0.50
N PRO A 69 12.18 2.31 -0.54
CA PRO A 69 12.17 2.80 -1.92
C PRO A 69 10.75 3.20 -2.34
N LEU A 70 10.18 4.12 -1.59
CA LEU A 70 8.84 4.60 -1.86
C LEU A 70 8.81 6.12 -1.72
N ASP A 71 9.24 6.58 -0.56
CA ASP A 71 9.26 8.01 -0.28
C ASP A 71 7.89 8.60 -0.60
N GLY A 72 7.76 9.09 -1.83
CA GLY A 72 6.52 9.68 -2.27
C GLY A 72 5.87 8.85 -3.38
N GLU A 73 4.65 8.42 -3.12
CA GLU A 73 3.92 7.61 -4.09
C GLU A 73 2.56 7.21 -3.52
N GLU A 74 1.91 6.29 -4.21
CA GLU A 74 0.61 5.80 -3.79
C GLU A 74 0.48 4.29 -4.07
N LEU A 75 -0.13 3.60 -3.12
CA LEU A 75 -0.32 2.17 -3.25
C LEU A 75 -1.80 1.84 -3.08
N ILE A 76 -2.27 0.90 -3.90
CA ILE A 76 -3.66 0.49 -3.85
C ILE A 76 -3.74 -0.94 -3.33
N VAL A 77 -4.34 -1.08 -2.15
CA VAL A 77 -4.49 -2.38 -1.53
C VAL A 77 -5.87 -2.94 -1.87
N GLU A 78 -5.86 -3.96 -2.72
CA GLU A 78 -7.10 -4.59 -3.13
C GLU A 78 -7.19 -6.00 -2.55
N VAL A 79 -8.40 -6.53 -2.54
CA VAL A 79 -8.64 -7.87 -2.01
C VAL A 79 -8.97 -8.81 -3.17
N LEU A 80 -8.11 -9.80 -3.35
CA LEU A 80 -8.29 -10.77 -4.41
C LEU A 80 -9.54 -11.61 -4.12
N SER A 81 -10.44 -11.63 -5.10
CA SER A 81 -11.68 -12.39 -4.96
C SER A 81 -12.33 -12.58 -6.32
N GLY A 82 -13.00 -13.71 -6.47
CA GLY A 82 -13.68 -14.02 -7.72
C GLY A 82 -12.70 -13.96 -8.90
N PRO A 83 -13.29 -13.85 -10.12
CA PRO A 83 -12.48 -13.78 -11.33
C PRO A 83 -11.84 -12.41 -11.48
N SER A 84 -10.59 -12.33 -11.02
CA SER A 84 -9.85 -11.08 -11.09
C SER A 84 -8.36 -11.35 -10.87
N SER A 85 -7.61 -11.24 -11.95
CA SER A 85 -6.17 -11.47 -11.89
C SER A 85 -5.43 -10.13 -11.91
N GLY A 86 -4.37 -10.06 -11.12
CA GLY A 86 -3.57 -8.85 -11.04
C GLY A 86 -2.23 -9.03 -11.75
N GLY A 1 7.86 18.12 3.62
CA GLY A 1 8.90 17.81 4.60
C GLY A 1 10.23 17.52 3.92
N SER A 2 11.00 16.65 4.54
CA SER A 2 12.31 16.28 4.02
C SER A 2 12.13 15.49 2.72
N SER A 3 12.60 16.09 1.63
CA SER A 3 12.50 15.45 0.33
C SER A 3 13.83 14.79 -0.03
N GLY A 4 13.74 13.76 -0.86
CA GLY A 4 14.92 13.03 -1.29
C GLY A 4 14.74 11.52 -1.09
N SER A 5 15.61 10.96 -0.26
CA SER A 5 15.55 9.54 0.02
C SER A 5 14.17 9.16 0.57
N SER A 6 13.82 9.79 1.68
CA SER A 6 12.53 9.53 2.32
C SER A 6 11.71 10.82 2.35
N GLY A 7 10.40 10.63 2.47
CA GLY A 7 9.48 11.77 2.52
C GLY A 7 9.00 12.02 3.95
N GLY A 8 7.76 11.64 4.19
CA GLY A 8 7.16 11.81 5.51
C GLY A 8 6.02 10.82 5.73
N THR A 9 5.20 10.66 4.70
CA THR A 9 4.07 9.75 4.77
C THR A 9 3.62 9.34 3.36
N VAL A 10 2.78 8.33 3.32
CA VAL A 10 2.27 7.83 2.06
C VAL A 10 0.78 7.49 2.20
N LYS A 11 0.06 7.66 1.11
CA LYS A 11 -1.37 7.36 1.09
C LYS A 11 -1.58 5.90 0.68
N VAL A 12 -2.37 5.21 1.48
CA VAL A 12 -2.67 3.81 1.21
C VAL A 12 -4.17 3.65 0.94
N TYR A 13 -4.49 3.33 -0.30
CA TYR A 13 -5.88 3.14 -0.70
C TYR A 13 -6.36 1.73 -0.36
N LEU A 14 -7.34 1.67 0.52
CA LEU A 14 -7.90 0.40 0.94
C LEU A 14 -9.04 0.02 0.00
N PRO A 15 -9.36 -1.30 -0.02
CA PRO A 15 -10.43 -1.80 -0.87
C PRO A 15 -11.80 -1.45 -0.29
N ASN A 16 -12.12 -0.16 -0.35
CA ASN A 16 -13.39 0.32 0.17
C ASN A 16 -13.43 1.84 0.08
N LYS A 17 -13.11 2.34 -1.11
CA LYS A 17 -13.10 3.78 -1.34
C LYS A 17 -12.54 4.48 -0.11
N GLN A 18 -11.64 3.79 0.57
CA GLN A 18 -11.02 4.34 1.77
C GLN A 18 -9.50 4.47 1.56
N ARG A 19 -8.90 5.32 2.39
CA ARG A 19 -7.47 5.55 2.31
C ARG A 19 -6.91 5.84 3.70
N THR A 20 -5.64 5.47 3.88
CA THR A 20 -4.97 5.70 5.15
C THR A 20 -3.52 6.12 4.92
N VAL A 21 -3.12 7.15 5.65
CA VAL A 21 -1.77 7.66 5.53
C VAL A 21 -0.86 6.88 6.48
N VAL A 22 0.29 6.48 5.94
CA VAL A 22 1.26 5.72 6.72
C VAL A 22 2.61 6.44 6.67
N THR A 23 3.46 6.11 7.64
CA THR A 23 4.78 6.70 7.72
C THR A 23 5.71 6.06 6.70
N VAL A 24 6.75 6.82 6.33
CA VAL A 24 7.72 6.33 5.37
C VAL A 24 8.93 5.77 6.11
N ARG A 25 9.06 4.45 6.05
CA ARG A 25 10.17 3.78 6.71
C ARG A 25 11.17 3.26 5.67
N ASP A 26 12.43 3.22 6.08
CA ASP A 26 13.49 2.75 5.20
C ASP A 26 14.18 1.54 5.84
N GLY A 27 13.54 0.39 5.71
CA GLY A 27 14.09 -0.83 6.26
C GLY A 27 13.03 -1.95 6.28
N MET A 28 11.98 -1.72 7.04
CA MET A 28 10.90 -2.68 7.15
C MET A 28 10.36 -3.05 5.76
N SER A 29 9.65 -4.16 5.73
CA SER A 29 9.07 -4.63 4.47
C SER A 29 7.71 -3.96 4.25
N VAL A 30 7.11 -4.28 3.11
CA VAL A 30 5.81 -3.73 2.77
C VAL A 30 4.72 -4.45 3.56
N TYR A 31 4.97 -5.73 3.81
CA TYR A 31 4.02 -6.54 4.56
C TYR A 31 3.79 -5.97 5.96
N ASP A 32 4.88 -5.82 6.69
CA ASP A 32 4.81 -5.28 8.04
C ASP A 32 4.25 -3.85 7.98
N SER A 33 4.42 -3.23 6.83
CA SER A 33 3.94 -1.87 6.64
C SER A 33 2.43 -1.88 6.38
N LEU A 34 2.05 -2.56 5.32
CA LEU A 34 0.65 -2.65 4.95
C LEU A 34 -0.06 -3.61 5.91
N ASP A 35 0.73 -4.19 6.81
CA ASP A 35 0.19 -5.12 7.79
C ASP A 35 -0.99 -4.48 8.51
N LYS A 36 -0.74 -3.29 9.03
CA LYS A 36 -1.78 -2.55 9.75
C LYS A 36 -2.88 -2.16 8.77
N ALA A 37 -2.48 -1.45 7.74
CA ALA A 37 -3.43 -1.00 6.72
C ALA A 37 -4.47 -2.11 6.47
N LEU A 38 -4.01 -3.34 6.61
CA LEU A 38 -4.88 -4.48 6.40
C LEU A 38 -5.54 -4.86 7.73
N LYS A 39 -4.71 -5.23 8.68
CA LYS A 39 -5.20 -5.61 10.00
C LYS A 39 -6.34 -4.68 10.40
N VAL A 40 -6.06 -3.39 10.34
CA VAL A 40 -7.07 -2.40 10.70
C VAL A 40 -8.43 -2.85 10.18
N ARG A 41 -8.44 -3.30 8.93
CA ARG A 41 -9.66 -3.75 8.31
C ARG A 41 -9.87 -5.25 8.58
N GLY A 42 -8.77 -5.94 8.78
CA GLY A 42 -8.82 -7.36 9.06
C GLY A 42 -8.43 -8.18 7.83
N LEU A 43 -7.91 -7.47 6.83
CA LEU A 43 -7.49 -8.11 5.59
C LEU A 43 -6.32 -9.05 5.88
N ASN A 44 -5.88 -9.73 4.84
CA ASN A 44 -4.76 -10.67 4.96
C ASN A 44 -3.75 -10.39 3.86
N GLN A 45 -2.52 -10.82 4.11
CA GLN A 45 -1.44 -10.63 3.15
C GLN A 45 -1.34 -11.84 2.22
N ASP A 46 -2.50 -12.35 1.83
CA ASP A 46 -2.54 -13.51 0.95
C ASP A 46 -3.63 -13.30 -0.11
N CYS A 47 -4.81 -12.93 0.37
CA CYS A 47 -5.93 -12.69 -0.52
C CYS A 47 -6.04 -11.19 -0.77
N CYS A 48 -4.88 -10.54 -0.74
CA CYS A 48 -4.84 -9.10 -0.96
C CYS A 48 -3.60 -8.79 -1.80
N VAL A 49 -3.70 -7.70 -2.57
CA VAL A 49 -2.59 -7.28 -3.41
C VAL A 49 -2.41 -5.77 -3.30
N VAL A 50 -1.20 -5.33 -3.58
CA VAL A 50 -0.88 -3.91 -3.52
C VAL A 50 -0.36 -3.44 -4.87
N TYR A 51 -0.96 -2.35 -5.36
CA TYR A 51 -0.56 -1.80 -6.63
C TYR A 51 0.18 -0.47 -6.46
N ARG A 52 1.17 -0.27 -7.31
CA ARG A 52 1.97 0.94 -7.25
C ARG A 52 1.77 1.77 -8.53
N LEU A 53 1.72 3.07 -8.35
CA LEU A 53 1.54 3.98 -9.47
C LEU A 53 2.91 4.37 -10.02
N ILE A 54 3.32 3.68 -11.07
CA ILE A 54 4.60 3.94 -11.70
C ILE A 54 4.37 4.82 -12.94
N LYS A 55 3.82 4.20 -13.97
CA LYS A 55 3.55 4.90 -15.20
C LYS A 55 2.04 5.11 -15.35
N GLY A 56 1.41 5.40 -14.23
CA GLY A 56 -0.03 5.62 -14.21
C GLY A 56 -0.79 4.30 -14.39
N ARG A 57 -0.21 3.24 -13.86
CA ARG A 57 -0.82 1.93 -13.95
C ARG A 57 -0.62 1.16 -12.64
N LYS A 58 -1.62 0.38 -12.29
CA LYS A 58 -1.57 -0.42 -11.07
C LYS A 58 -0.47 -1.47 -11.19
N THR A 59 0.69 -1.14 -10.63
CA THR A 59 1.82 -2.05 -10.69
C THR A 59 1.92 -2.86 -9.39
N VAL A 60 1.39 -4.07 -9.45
CA VAL A 60 1.40 -4.95 -8.29
C VAL A 60 2.78 -4.90 -7.64
N THR A 61 2.80 -5.24 -6.35
CA THR A 61 4.05 -5.24 -5.60
C THR A 61 4.13 -6.47 -4.70
N ALA A 62 5.36 -6.84 -4.36
CA ALA A 62 5.59 -8.00 -3.51
C ALA A 62 5.45 -7.58 -2.05
N TRP A 63 5.27 -8.58 -1.20
CA TRP A 63 5.13 -8.33 0.23
C TRP A 63 6.53 -8.33 0.85
N ASP A 64 7.32 -9.31 0.44
CA ASP A 64 8.68 -9.43 0.95
C ASP A 64 9.46 -8.17 0.61
N THR A 65 9.02 -7.51 -0.45
CA THR A 65 9.67 -6.28 -0.90
C THR A 65 9.88 -5.32 0.28
N ALA A 66 10.64 -4.27 0.02
CA ALA A 66 10.91 -3.28 1.05
C ALA A 66 9.96 -2.10 0.89
N ILE A 67 9.97 -1.23 1.89
CA ILE A 67 9.11 -0.06 1.86
C ILE A 67 9.96 1.19 1.59
N ALA A 68 11.23 0.95 1.28
CA ALA A 68 12.15 2.03 1.00
C ALA A 68 11.80 2.66 -0.36
N PRO A 69 11.78 1.77 -1.40
CA PRO A 69 11.47 2.22 -2.75
C PRO A 69 9.97 2.49 -2.90
N LEU A 70 9.48 3.38 -2.05
CA LEU A 70 8.07 3.75 -2.08
C LEU A 70 7.93 5.25 -1.83
N ASP A 71 8.67 5.73 -0.85
CA ASP A 71 8.64 7.13 -0.50
C ASP A 71 8.30 7.96 -1.75
N GLY A 72 7.20 8.69 -1.64
CA GLY A 72 6.76 9.52 -2.75
C GLY A 72 6.00 8.69 -3.80
N GLU A 73 4.94 8.05 -3.34
CA GLU A 73 4.12 7.22 -4.22
C GLU A 73 2.75 6.97 -3.58
N GLU A 74 2.02 6.04 -4.19
CA GLU A 74 0.70 5.69 -3.71
C GLU A 74 0.41 4.22 -3.97
N LEU A 75 0.29 3.47 -2.88
CA LEU A 75 0.02 2.05 -2.98
C LEU A 75 -1.49 1.81 -2.85
N ILE A 76 -1.98 0.90 -3.67
CA ILE A 76 -3.41 0.57 -3.65
C ILE A 76 -3.58 -0.87 -3.19
N VAL A 77 -4.19 -1.01 -2.02
CA VAL A 77 -4.43 -2.33 -1.45
C VAL A 77 -5.81 -2.83 -1.90
N GLU A 78 -5.83 -4.05 -2.39
CA GLU A 78 -7.07 -4.66 -2.85
C GLU A 78 -7.12 -6.13 -2.46
N VAL A 79 -8.27 -6.74 -2.69
CA VAL A 79 -8.46 -8.15 -2.38
C VAL A 79 -8.34 -8.97 -3.66
N LEU A 80 -7.55 -10.04 -3.56
CA LEU A 80 -7.34 -10.91 -4.70
C LEU A 80 -8.59 -11.77 -4.93
N SER A 81 -8.88 -12.60 -3.94
CA SER A 81 -10.04 -13.47 -4.02
C SER A 81 -11.30 -12.71 -3.57
N GLY A 82 -12.14 -12.42 -4.56
CA GLY A 82 -13.37 -11.70 -4.29
C GLY A 82 -13.72 -10.76 -5.45
N PRO A 83 -13.13 -9.54 -5.40
CA PRO A 83 -13.37 -8.55 -6.44
C PRO A 83 -12.62 -8.91 -7.72
N SER A 84 -13.39 -9.11 -8.79
CA SER A 84 -12.82 -9.46 -10.07
C SER A 84 -11.68 -8.50 -10.41
N SER A 85 -10.60 -9.08 -10.93
CA SER A 85 -9.43 -8.30 -11.29
C SER A 85 -9.67 -7.60 -12.63
N GLY A 86 -9.94 -8.42 -13.65
CA GLY A 86 -10.18 -7.90 -14.99
C GLY A 86 -11.64 -7.46 -15.14
#